data_5WLH
#
_entry.id   5WLH
#
_cell.length_a   150.842
_cell.length_b   92.213
_cell.length_c   115.858
_cell.angle_alpha   90.000
_cell.angle_beta   92.425
_cell.angle_gamma   90.000
#
_symmetry.space_group_name_H-M   'C 1 2 1'
#
loop_
_entity.id
_entity.type
_entity.pdbx_description
1 polymer 'LbaCas13a H328A (C2c2)'
2 polymer pre-crRNA
3 non-polymer 'IODIDE ION'
4 non-polymer GLYCEROL
5 water water
#
loop_
_entity_poly.entity_id
_entity_poly.type
_entity_poly.pdbx_seq_one_letter_code
_entity_poly.pdbx_strand_id
1 'polypeptide(L)'
;SNAMKISKVREENRGAKLTVNAKTAVVSENRSQEGILYNDPSRYGKSRKNDEDRDRYIESRLKSSGKLYRIFNEDKNKRE
TDELQWFLSEIVKKINRRNGLVLSDMLSVDDRAFEKAFEKYAELSYTNRRNKVSGSPAFETCGVDAATAERLKGIISETN
FINRIKNNIDNKVSEDIIDRIIAKYLKKSLCRERVKRGLKKLLMNAFDLPYSDPDIDVQRDFIDYVLEDFYHVRAKSQVS
RSIKNMNMPVQPEGDGKFAITVSKGGTESGNKRSAEKEAFKKFLSDYASLDERVRDDMLRRMRRLVVLYFYGSDDSKLSD
VNEKFDVWEDAAARRVDNREFIKLPLENKLANGKTDKDAERIRKNTVKELYRNQNIGCYRQAVKAVEEDNNGRYFDDKML
NMFFIHRIEYGVEKIYANLKQVTEFKARTGYLSEKIWKDLINYISIKYIAMGKAVYNYAMDELNASDKKEIELGKISEEY
LSGISSFDYELIKAEEMLQRETAVYVAFAARHLSSQTVELDSENSDFLLLKPKGTMDKNDKNKLASNNILNFLKDKETLR
DTILQYFGGHSLWTDFPFDKYLAGGKDDVDFLTDLKDVIYSMRNDSFHYATENHNNGKWNKELISAMFEHETERMTVVMK
DKFYSNNLPMFYKNDDLKKLLIDLYKDNVERASQVPSFNKVFVRKNFPALVRDKDNLGIELDLKADADKGENELKFYNAL
YYMFKEIYYNAFLNDKNVRERFITKATKVADNYDRNKERNLKDRIKSAGSDEKKKLREQLQNYIAENDFGQRIKNIVQVN
PDYTLAQICQLIMTEYNQQNNGCMQKKSAARKDINKDSYQHYKMLLLVNLRKAFLEFIKENYAFVLKPYKHDLCDKADFV
PDFAKYVKPYAGLISRVAGSSELQKWYIVSRFLSPAQANHMLGFLHSYKQYVWDIYRRASETGTEINHSIAEDKIAGVDI
TDVDAVIDLSVKLCGTISSEISDYFKDDEVYAEYISSYLDFEYDGGNYKDSLNRFCNSDAVNDQKVALYYDGEHPKLNRN
IILSKLYGERRFLEKITDRVSRSDIVEYYKLKKETSQYQTKGIFDSEDEQKNIKKFQEMKNIVEFRDLMDYSEIADELQG
QLINWIYLRERDLMNFQLGYHYACLNNDSNKQATYVTLDYQGKKNRKINGAILYQICAMYINGLPLYYVDKDSSEWTVSD
GKESTGAKIGEFYRYAKSFENTSDCYASGLEIFENISEHDNITELRNYIEHFRYYSSFDRSFLGIYSEVFDRFFTYDLKY
RKNVPTILYNILLQHFVNVRFEFVSGKKMIGIDKKDRKIAKEKECARITIREKNGVYSEQFTYKLKNGTVYVDARDKRYL
QSIIRLLFYPEKVNMDEMIEVKEKKKPSDNNTGKGYSKRDRQQDRKEYDKYKEKKKKEGNFLSGMGGNINWDEINAQLKN
;
A
2 'polyribonucleotide' AGAAGAUAGCCCAAGAAAGAGGGCAAUAACCAGAUAUAGCCUGGUGGUUCAGGC B
#
loop_
_chem_comp.id
_chem_comp.type
_chem_comp.name
_chem_comp.formula
A RNA linking ADENOSINE-5'-MONOPHOSPHATE 'C10 H14 N5 O7 P'
C RNA linking CYTIDINE-5'-MONOPHOSPHATE 'C9 H14 N3 O8 P'
G RNA linking GUANOSINE-5'-MONOPHOSPHATE 'C10 H14 N5 O8 P'
GOL non-polymer GLYCEROL 'C3 H8 O3'
IOD non-polymer 'IODIDE ION' 'I -1'
U RNA linking URIDINE-5'-MONOPHOSPHATE 'C9 H13 N2 O9 P'
#
# COMPACT_ATOMS: atom_id res chain seq x y z
N LYS A 17 -19.71 11.57 -7.10
CA LYS A 17 -20.10 10.35 -6.40
C LYS A 17 -21.43 10.54 -5.67
N LEU A 18 -22.33 9.55 -5.83
CA LEU A 18 -23.70 9.71 -5.37
C LEU A 18 -23.78 9.99 -3.87
N THR A 19 -23.09 9.19 -3.07
CA THR A 19 -23.14 9.28 -1.61
C THR A 19 -21.97 10.09 -1.06
N VAL A 20 -21.62 11.22 -1.69
CA VAL A 20 -20.46 11.99 -1.29
C VAL A 20 -20.62 12.53 0.13
N ASN A 21 -21.86 12.80 0.56
CA ASN A 21 -22.10 13.30 1.91
C ASN A 21 -21.79 12.25 2.97
N ALA A 22 -22.15 11.00 2.68
CA ALA A 22 -22.33 9.99 3.71
C ALA A 22 -21.31 8.88 3.57
N LYS A 23 -21.21 8.08 4.61
CA LYS A 23 -20.45 6.84 4.53
C LYS A 23 -21.40 5.66 4.54
N THR A 24 -20.91 4.52 4.09
CA THR A 24 -21.66 3.30 4.25
C THR A 24 -20.94 2.39 5.23
N ALA A 25 -21.71 1.53 5.89
CA ALA A 25 -21.15 0.48 6.71
C ALA A 25 -22.07 -0.70 6.57
N VAL A 26 -21.59 -1.85 7.04
CA VAL A 26 -22.43 -3.03 7.18
C VAL A 26 -22.53 -3.33 8.67
N VAL A 27 -23.74 -3.41 9.18
CA VAL A 27 -23.91 -3.74 10.60
C VAL A 27 -24.59 -5.11 10.69
N SER A 28 -24.32 -5.79 11.79
CA SER A 28 -24.85 -7.13 12.01
C SER A 28 -25.52 -7.13 13.38
N GLU A 29 -26.84 -7.31 13.42
CA GLU A 29 -27.52 -7.24 14.70
C GLU A 29 -27.74 -8.62 15.31
N ASN A 30 -28.67 -9.39 14.76
CA ASN A 30 -28.95 -10.75 15.26
C ASN A 30 -28.81 -11.72 14.09
N ARG A 31 -27.57 -11.94 13.68
CA ARG A 31 -27.22 -12.80 12.53
C ARG A 31 -27.96 -12.40 11.26
N SER A 32 -28.49 -11.17 11.23
CA SER A 32 -28.94 -10.54 10.01
C SER A 32 -28.17 -9.23 9.85
N GLN A 33 -27.96 -8.83 8.61
CA GLN A 33 -27.10 -7.69 8.38
C GLN A 33 -27.84 -6.60 7.60
N GLU A 34 -27.26 -5.42 7.63
CA GLU A 34 -27.85 -4.30 6.90
C GLU A 34 -26.74 -3.38 6.46
N GLY A 35 -26.78 -2.96 5.19
CA GLY A 35 -25.95 -1.85 4.77
C GLY A 35 -26.61 -0.55 5.19
N ILE A 36 -25.85 0.30 5.87
CA ILE A 36 -26.37 1.57 6.35
C ILE A 36 -25.63 2.72 5.68
N LEU A 37 -26.32 3.85 5.59
CA LEU A 37 -25.71 5.13 5.28
C LEU A 37 -25.63 5.94 6.56
N TYR A 38 -24.50 6.60 6.76
CA TYR A 38 -24.37 7.47 7.93
C TYR A 38 -23.57 8.71 7.60
N ASN A 39 -23.97 9.79 8.25
CA ASN A 39 -23.29 11.07 8.11
C ASN A 39 -22.10 11.12 9.05
N ASP A 40 -20.99 11.67 8.55
CA ASP A 40 -19.75 11.64 9.29
C ASP A 40 -18.98 12.94 9.09
N PRO A 41 -18.53 13.60 10.17
CA PRO A 41 -18.76 13.25 11.56
C PRO A 41 -20.14 13.67 12.04
N SER A 42 -20.71 12.88 12.94
CA SER A 42 -22.01 13.20 13.51
C SER A 42 -22.05 12.66 14.92
N ARG A 43 -23.14 12.94 15.62
CA ARG A 43 -23.34 12.44 16.97
C ARG A 43 -24.26 11.23 16.90
N TYR A 44 -24.12 10.32 17.87
CA TYR A 44 -25.05 9.21 17.96
C TYR A 44 -26.47 9.74 18.09
N GLY A 45 -27.38 9.18 17.28
CA GLY A 45 -28.74 9.69 17.19
C GLY A 45 -28.95 10.64 16.03
N LYS A 46 -27.86 11.07 15.38
CA LYS A 46 -27.92 11.97 14.24
C LYS A 46 -27.09 11.47 13.07
N SER A 47 -26.48 10.29 13.19
CA SER A 47 -25.55 9.81 12.17
C SER A 47 -26.21 8.79 11.24
N ARG A 48 -26.64 7.68 11.80
CA ARG A 48 -27.15 6.58 10.99
C ARG A 48 -28.51 6.94 10.41
N LYS A 49 -28.67 6.74 9.09
CA LYS A 49 -29.95 7.06 8.44
C LYS A 49 -30.92 5.89 8.56
N ASN A 50 -32.16 6.19 9.00
CA ASN A 50 -33.21 5.19 9.01
C ASN A 50 -33.65 4.93 7.56
N ASP A 51 -34.55 3.95 7.38
CA ASP A 51 -34.87 3.50 6.01
C ASP A 51 -35.41 4.65 5.17
N GLU A 52 -36.35 5.41 5.72
CA GLU A 52 -36.95 6.51 4.97
C GLU A 52 -35.92 7.57 4.64
N ASP A 53 -35.05 7.92 5.60
CA ASP A 53 -34.05 8.95 5.35
C ASP A 53 -32.98 8.47 4.38
N ARG A 54 -32.60 7.20 4.45
CA ARG A 54 -31.71 6.63 3.43
C ARG A 54 -32.33 6.76 2.05
N ASP A 55 -33.60 6.34 1.92
CA ASP A 55 -34.32 6.46 0.66
C ASP A 55 -34.34 7.90 0.18
N ARG A 56 -34.74 8.83 1.06
CA ARG A 56 -34.86 10.23 0.68
C ARG A 56 -33.51 10.83 0.36
N TYR A 57 -32.46 10.41 1.08
CA TYR A 57 -31.13 10.91 0.80
C TYR A 57 -30.69 10.53 -0.61
N ILE A 58 -30.91 9.28 -1.00
CA ILE A 58 -30.56 8.86 -2.35
C ILE A 58 -31.38 9.65 -3.37
N GLU A 59 -32.70 9.70 -3.18
CA GLU A 59 -33.58 10.49 -4.05
C GLU A 59 -33.06 11.91 -4.22
N SER A 60 -32.74 12.58 -3.11
CA SER A 60 -32.31 13.97 -3.17
C SER A 60 -31.00 14.10 -3.93
N ARG A 61 -30.07 13.18 -3.73
CA ARG A 61 -28.79 13.24 -4.45
C ARG A 61 -28.99 13.02 -5.95
N LEU A 62 -29.96 12.18 -6.31
CA LEU A 62 -30.22 11.92 -7.72
C LEU A 62 -30.80 13.15 -8.41
N LYS A 63 -31.86 13.72 -7.83
CA LYS A 63 -32.50 14.90 -8.42
C LYS A 63 -31.62 16.14 -8.36
N SER A 64 -30.46 16.07 -7.69
CA SER A 64 -29.49 17.15 -7.75
C SER A 64 -29.06 17.42 -9.19
N SER A 65 -28.74 16.36 -9.94
CA SER A 65 -28.17 16.46 -11.27
C SER A 65 -29.17 16.85 -12.35
N GLY A 66 -30.45 17.03 -12.00
CA GLY A 66 -31.49 17.12 -13.01
C GLY A 66 -31.31 18.28 -13.97
N LYS A 67 -31.15 19.49 -13.44
CA LYS A 67 -31.23 20.66 -14.30
C LYS A 67 -29.91 21.00 -14.99
N LEU A 68 -28.81 20.38 -14.59
CA LEU A 68 -27.57 20.49 -15.33
C LEU A 68 -27.42 19.37 -16.37
N TYR A 69 -28.44 18.54 -16.55
CA TYR A 69 -28.36 17.40 -17.45
C TYR A 69 -28.15 17.87 -18.88
N ARG A 70 -27.10 17.34 -19.52
CA ARG A 70 -26.81 17.58 -20.93
C ARG A 70 -26.37 16.28 -21.58
N ILE A 71 -26.79 16.09 -22.84
CA ILE A 71 -26.42 14.90 -23.59
C ILE A 71 -24.91 14.80 -23.73
N PHE A 72 -24.24 15.95 -23.93
CA PHE A 72 -22.81 16.00 -24.18
C PHE A 72 -22.10 16.72 -23.03
N ASN A 73 -20.92 16.20 -22.65
CA ASN A 73 -20.11 16.77 -21.58
C ASN A 73 -19.32 17.98 -22.06
N GLU A 74 -18.38 18.42 -21.23
CA GLU A 74 -17.53 19.60 -21.47
C GLU A 74 -18.37 20.82 -21.83
N THR A 81 -4.86 24.96 -29.43
CA THR A 81 -5.84 23.90 -29.65
C THR A 81 -6.05 23.64 -31.15
N ASP A 82 -6.35 22.40 -31.49
CA ASP A 82 -6.53 22.01 -32.89
C ASP A 82 -7.73 22.75 -33.49
N GLU A 83 -7.70 22.90 -34.82
CA GLU A 83 -8.80 23.57 -35.51
C GLU A 83 -10.06 22.72 -35.50
N LEU A 84 -9.92 21.41 -35.71
CA LEU A 84 -11.10 20.53 -35.70
C LEU A 84 -11.51 20.20 -34.27
N GLN A 85 -10.56 19.87 -33.41
CA GLN A 85 -10.89 19.51 -32.04
C GLN A 85 -11.58 20.65 -31.31
N TRP A 86 -11.32 21.89 -31.71
CA TRP A 86 -12.00 23.04 -31.14
C TRP A 86 -13.34 23.31 -31.83
N PHE A 87 -13.48 22.88 -33.09
CA PHE A 87 -14.78 22.97 -33.76
C PHE A 87 -15.77 21.98 -33.15
N LEU A 88 -15.33 20.77 -32.82
CA LEU A 88 -16.19 19.83 -32.11
C LEU A 88 -16.69 20.41 -30.80
N SER A 89 -15.80 21.08 -30.06
CA SER A 89 -16.19 21.65 -28.77
C SER A 89 -17.23 22.76 -28.93
N GLU A 90 -17.15 23.52 -30.03
CA GLU A 90 -18.11 24.59 -30.25
C GLU A 90 -19.49 24.03 -30.61
N ILE A 91 -19.53 22.96 -31.40
CA ILE A 91 -20.80 22.33 -31.75
C ILE A 91 -21.49 21.83 -30.49
N VAL A 92 -20.73 21.16 -29.62
CA VAL A 92 -21.30 20.63 -28.38
C VAL A 92 -21.88 21.77 -27.54
N LYS A 93 -21.13 22.87 -27.40
CA LYS A 93 -21.57 23.96 -26.53
C LYS A 93 -22.85 24.59 -27.04
N LYS A 94 -22.98 24.75 -28.36
CA LYS A 94 -24.20 25.32 -28.92
C LYS A 94 -25.40 24.39 -28.69
N ILE A 95 -25.18 23.07 -28.80
CA ILE A 95 -26.25 22.13 -28.52
C ILE A 95 -26.69 22.22 -27.06
N ASN A 96 -25.74 22.48 -26.16
CA ASN A 96 -26.03 22.54 -24.73
C ASN A 96 -26.49 23.91 -24.25
N ARG A 97 -26.27 24.97 -25.03
CA ARG A 97 -26.70 26.30 -24.64
C ARG A 97 -28.23 26.38 -24.62
N ARG A 98 -28.74 27.47 -24.02
CA ARG A 98 -30.19 27.61 -23.90
C ARG A 98 -30.82 27.67 -25.28
N ASN A 99 -32.07 27.20 -25.35
CA ASN A 99 -32.83 26.99 -26.59
C ASN A 99 -32.29 25.80 -27.37
N GLY A 100 -31.17 25.22 -26.91
CA GLY A 100 -30.65 23.99 -27.47
C GLY A 100 -31.33 22.78 -26.85
N LEU A 101 -30.58 21.67 -26.79
CA LEU A 101 -31.10 20.44 -26.19
C LEU A 101 -30.86 20.50 -24.69
N VAL A 102 -31.73 21.25 -24.02
CA VAL A 102 -31.71 21.41 -22.57
C VAL A 102 -33.00 20.78 -22.05
N LEU A 103 -32.88 19.54 -21.55
CA LEU A 103 -34.06 18.77 -21.19
C LEU A 103 -34.86 19.45 -20.09
N SER A 104 -34.17 20.09 -19.14
CA SER A 104 -34.88 20.74 -18.04
C SER A 104 -35.79 21.85 -18.55
N ASP A 105 -35.34 22.60 -19.54
CA ASP A 105 -36.18 23.63 -20.15
C ASP A 105 -37.33 23.01 -20.94
N MET A 106 -37.04 21.97 -21.73
CA MET A 106 -38.05 21.39 -22.60
C MET A 106 -39.18 20.76 -21.80
N LEU A 107 -38.85 20.09 -20.70
CA LEU A 107 -39.84 19.31 -19.98
C LEU A 107 -40.57 20.12 -18.90
N SER A 108 -40.09 21.31 -18.57
CA SER A 108 -40.70 22.16 -17.56
C SER A 108 -41.64 23.20 -18.17
N VAL A 109 -41.85 23.14 -19.48
CA VAL A 109 -42.66 24.11 -20.19
C VAL A 109 -44.08 24.22 -19.60
N ASP A 110 -44.67 25.41 -19.77
CA ASP A 110 -46.03 25.66 -19.31
C ASP A 110 -46.13 25.53 -17.78
N ASP A 111 -45.23 26.24 -17.10
CA ASP A 111 -45.22 26.35 -15.63
C ASP A 111 -45.16 24.96 -14.98
N ARG A 112 -44.22 24.14 -15.43
CA ARG A 112 -43.93 22.82 -14.85
C ARG A 112 -45.13 21.89 -14.87
N ALA A 113 -46.12 22.15 -15.74
CA ALA A 113 -47.37 21.40 -15.69
C ALA A 113 -47.23 19.95 -16.13
N PHE A 114 -46.17 19.63 -16.87
CA PHE A 114 -46.01 18.29 -17.42
C PHE A 114 -44.82 17.53 -16.82
N GLU A 115 -44.11 18.11 -15.85
CA GLU A 115 -42.96 17.43 -15.27
C GLU A 115 -43.36 16.07 -14.70
N LYS A 116 -44.49 16.01 -14.01
CA LYS A 116 -44.94 14.75 -13.44
C LYS A 116 -45.29 13.74 -14.53
N ALA A 117 -45.95 14.19 -15.60
CA ALA A 117 -46.29 13.27 -16.69
C ALA A 117 -45.04 12.73 -17.36
N PHE A 118 -44.05 13.60 -17.61
CA PHE A 118 -42.82 13.18 -18.25
C PHE A 118 -42.05 12.19 -17.38
N GLU A 119 -41.99 12.44 -16.07
CA GLU A 119 -41.32 11.49 -15.19
C GLU A 119 -42.03 10.15 -15.17
N LYS A 120 -43.37 10.18 -15.14
CA LYS A 120 -44.14 8.94 -15.18
C LYS A 120 -43.92 8.20 -16.49
N TYR A 121 -43.87 8.95 -17.61
CA TYR A 121 -43.50 8.37 -18.89
C TYR A 121 -42.16 7.65 -18.80
N ALA A 122 -41.16 8.32 -18.22
CA ALA A 122 -39.85 7.71 -18.07
C ALA A 122 -39.92 6.43 -17.25
N GLU A 123 -40.71 6.44 -16.17
CA GLU A 123 -40.88 5.23 -15.36
C GLU A 123 -41.47 4.10 -16.19
N LEU A 124 -42.55 4.38 -16.92
CA LEU A 124 -43.18 3.35 -17.73
C LEU A 124 -42.29 2.93 -18.90
N SER A 125 -41.47 3.84 -19.43
CA SER A 125 -40.55 3.46 -20.50
C SER A 125 -39.55 2.42 -20.00
N TYR A 126 -39.01 2.64 -18.80
CA TYR A 126 -38.10 1.69 -18.17
C TYR A 126 -38.82 0.38 -17.86
N THR A 127 -39.99 0.47 -17.21
CA THR A 127 -40.74 -0.74 -16.87
C THR A 127 -41.11 -1.54 -18.12
N ASN A 128 -41.38 -0.85 -19.23
CA ASN A 128 -41.68 -1.56 -20.46
C ASN A 128 -40.48 -2.38 -20.93
N ARG A 129 -39.26 -1.91 -20.66
CA ARG A 129 -38.07 -2.67 -21.03
C ARG A 129 -37.96 -3.95 -20.20
N ARG A 130 -38.09 -3.84 -18.88
CA ARG A 130 -37.93 -5.00 -18.02
C ARG A 130 -39.04 -6.02 -18.23
N ASN A 131 -40.25 -5.55 -18.53
CA ASN A 131 -41.38 -6.44 -18.76
C ASN A 131 -41.53 -6.83 -20.22
N LYS A 132 -40.49 -6.61 -21.04
CA LYS A 132 -40.45 -6.98 -22.44
C LYS A 132 -41.57 -6.34 -23.26
N VAL A 133 -42.19 -5.29 -22.74
CA VAL A 133 -43.30 -4.62 -23.43
C VAL A 133 -42.74 -3.77 -24.55
N SER A 134 -43.19 -4.04 -25.78
CA SER A 134 -42.70 -3.35 -26.95
C SER A 134 -43.32 -1.97 -27.06
N GLY A 135 -42.49 -0.95 -27.20
CA GLY A 135 -43.00 0.35 -27.59
C GLY A 135 -42.89 1.38 -26.47
N SER A 136 -42.86 2.64 -26.90
CA SER A 136 -42.90 3.76 -25.98
C SER A 136 -44.27 3.85 -25.33
N PRO A 137 -44.32 4.26 -24.06
CA PRO A 137 -45.61 4.44 -23.40
C PRO A 137 -46.39 5.56 -24.06
N ALA A 138 -47.70 5.52 -23.87
CA ALA A 138 -48.60 6.58 -24.31
C ALA A 138 -48.93 7.48 -23.12
N PHE A 139 -48.94 8.79 -23.36
CA PHE A 139 -49.12 9.71 -22.24
C PHE A 139 -50.50 9.61 -21.61
N GLU A 140 -51.48 9.02 -22.31
CA GLU A 140 -52.82 8.84 -21.73
C GLU A 140 -52.77 8.04 -20.44
N THR A 141 -51.81 7.12 -20.32
CA THR A 141 -51.64 6.31 -19.12
C THR A 141 -50.68 6.94 -18.12
N CYS A 142 -50.36 8.22 -18.27
CA CYS A 142 -49.58 8.98 -17.31
C CYS A 142 -50.42 10.04 -16.61
N GLY A 143 -51.73 9.87 -16.59
CA GLY A 143 -52.63 10.81 -15.94
C GLY A 143 -52.93 12.06 -16.76
N VAL A 144 -53.10 11.91 -18.07
CA VAL A 144 -53.16 13.05 -18.99
C VAL A 144 -54.16 12.73 -20.10
N ASP A 145 -54.92 13.76 -20.52
CA ASP A 145 -55.93 13.63 -21.56
C ASP A 145 -55.28 13.34 -22.91
N ALA A 146 -56.10 13.35 -23.97
CA ALA A 146 -55.62 12.98 -25.30
C ALA A 146 -54.98 14.14 -26.03
N ALA A 147 -55.54 15.34 -25.90
CA ALA A 147 -54.97 16.51 -26.56
C ALA A 147 -53.61 16.87 -25.96
N THR A 148 -53.49 16.80 -24.64
CA THR A 148 -52.21 17.10 -24.01
C THR A 148 -51.18 16.02 -24.34
N ALA A 149 -51.62 14.76 -24.38
CA ALA A 149 -50.73 13.66 -24.73
C ALA A 149 -50.07 13.90 -26.08
N GLU A 150 -50.82 14.42 -27.05
CA GLU A 150 -50.25 14.73 -28.35
C GLU A 150 -49.17 15.80 -28.25
N ARG A 151 -49.40 16.83 -27.43
CA ARG A 151 -48.38 17.86 -27.25
C ARG A 151 -47.13 17.29 -26.59
N LEU A 152 -47.31 16.54 -25.50
CA LEU A 152 -46.16 16.00 -24.78
C LEU A 152 -45.36 15.06 -25.66
N LYS A 153 -46.04 14.15 -26.36
CA LYS A 153 -45.36 13.25 -27.29
C LYS A 153 -44.55 14.04 -28.31
N GLY A 154 -45.06 15.20 -28.74
CA GLY A 154 -44.30 16.01 -29.68
C GLY A 154 -43.07 16.65 -29.06
N ILE A 155 -43.16 17.02 -27.78
CA ILE A 155 -42.01 17.61 -27.10
C ILE A 155 -40.85 16.62 -27.05
N ILE A 156 -41.17 15.34 -26.81
CA ILE A 156 -40.12 14.32 -26.75
C ILE A 156 -40.12 13.49 -28.03
N SER A 157 -40.32 14.16 -29.16
CA SER A 157 -40.25 13.53 -30.47
C SER A 157 -38.91 13.81 -31.13
N GLU A 158 -38.60 13.00 -32.15
CA GLU A 158 -37.41 13.25 -32.94
C GLU A 158 -37.46 14.63 -33.57
N THR A 159 -38.64 15.03 -34.06
CA THR A 159 -38.77 16.34 -34.70
C THR A 159 -38.35 17.45 -33.74
N ASN A 160 -38.87 17.43 -32.51
CA ASN A 160 -38.51 18.47 -31.55
C ASN A 160 -37.05 18.37 -31.13
N PHE A 161 -36.54 17.15 -30.95
CA PHE A 161 -35.12 17.01 -30.63
C PHE A 161 -34.26 17.56 -31.76
N ILE A 162 -34.62 17.27 -33.01
CA ILE A 162 -33.85 17.79 -34.15
C ILE A 162 -33.89 19.31 -34.14
N ASN A 163 -35.06 19.89 -33.84
CA ASN A 163 -35.18 21.35 -33.79
C ASN A 163 -34.35 21.93 -32.66
N ARG A 164 -34.40 21.34 -31.48
CA ARG A 164 -33.61 21.87 -30.38
C ARG A 164 -32.12 21.70 -30.65
N ILE A 165 -31.73 20.60 -31.31
CA ILE A 165 -30.32 20.32 -31.55
C ILE A 165 -29.73 21.31 -32.56
N LYS A 166 -30.48 21.65 -33.60
CA LYS A 166 -29.95 22.54 -34.64
C LYS A 166 -30.33 24.00 -34.44
N ASN A 167 -31.09 24.31 -33.38
CA ASN A 167 -31.54 25.68 -33.17
C ASN A 167 -30.37 26.64 -32.89
N ASN A 168 -29.27 26.14 -32.35
CA ASN A 168 -28.10 26.97 -32.08
C ASN A 168 -26.93 26.66 -33.01
N ILE A 169 -27.13 25.82 -34.03
CA ILE A 169 -26.08 25.39 -34.92
C ILE A 169 -26.32 26.00 -36.29
N ASP A 170 -25.31 26.69 -36.81
CA ASP A 170 -25.33 27.24 -38.16
C ASP A 170 -24.07 26.83 -38.91
N ASN A 171 -23.71 25.55 -38.78
CA ASN A 171 -22.53 24.99 -39.42
C ASN A 171 -22.91 23.74 -40.18
N LYS A 172 -22.05 23.37 -41.13
CA LYS A 172 -22.19 22.13 -41.87
C LYS A 172 -21.34 21.07 -41.18
N VAL A 173 -22.00 20.11 -40.54
CA VAL A 173 -21.31 19.04 -39.84
C VAL A 173 -21.32 17.80 -40.72
N SER A 174 -20.26 17.01 -40.60
CA SER A 174 -20.13 15.74 -41.30
C SER A 174 -20.52 14.59 -40.39
N GLU A 175 -20.58 13.40 -40.98
CA GLU A 175 -20.74 12.19 -40.17
C GLU A 175 -19.54 12.00 -39.25
N ASP A 176 -18.33 12.30 -39.75
CA ASP A 176 -17.14 12.11 -38.93
C ASP A 176 -17.12 13.06 -37.74
N ILE A 177 -17.62 14.28 -37.93
CA ILE A 177 -17.78 15.19 -36.80
C ILE A 177 -18.74 14.57 -35.78
N ILE A 178 -19.85 13.99 -36.26
CA ILE A 178 -20.81 13.35 -35.37
C ILE A 178 -20.15 12.17 -34.65
N ASP A 179 -19.43 11.34 -35.40
CA ASP A 179 -18.75 10.20 -34.79
C ASP A 179 -17.74 10.66 -33.74
N ARG A 180 -17.01 11.73 -34.02
CA ARG A 180 -16.03 12.22 -33.06
C ARG A 180 -16.70 12.79 -31.81
N ILE A 181 -17.79 13.53 -31.99
CA ILE A 181 -18.48 14.16 -30.88
C ILE A 181 -19.08 13.11 -29.96
N ILE A 182 -19.65 12.05 -30.54
CA ILE A 182 -20.27 11.01 -29.73
C ILE A 182 -19.22 10.30 -28.88
N ALA A 183 -18.12 9.88 -29.51
CA ALA A 183 -17.11 9.12 -28.78
C ALA A 183 -16.42 9.98 -27.73
N LYS A 184 -16.29 11.29 -27.98
CA LYS A 184 -15.53 12.16 -27.09
C LYS A 184 -16.39 12.80 -26.01
N TYR A 185 -17.63 13.16 -26.31
CA TYR A 185 -18.43 13.97 -25.41
C TYR A 185 -19.69 13.32 -24.88
N LEU A 186 -20.10 12.16 -25.41
CA LEU A 186 -21.38 11.60 -24.99
C LEU A 186 -21.36 11.24 -23.51
N LYS A 187 -22.42 11.64 -22.80
CA LYS A 187 -22.59 11.29 -21.39
C LYS A 187 -22.42 9.79 -21.18
N LYS A 188 -21.71 9.44 -20.09
CA LYS A 188 -21.31 8.05 -19.85
C LYS A 188 -22.54 7.15 -19.70
N SER A 189 -23.58 7.63 -19.01
CA SER A 189 -24.79 6.84 -18.84
C SER A 189 -25.51 6.56 -20.15
N LEU A 190 -25.18 7.30 -21.21
CA LEU A 190 -25.77 7.09 -22.52
C LEU A 190 -24.87 6.27 -23.44
N CYS A 191 -23.71 5.84 -22.95
CA CYS A 191 -22.73 5.09 -23.75
C CYS A 191 -23.07 3.60 -23.71
N ARG A 192 -24.16 3.27 -24.40
CA ARG A 192 -24.52 1.90 -24.68
C ARG A 192 -24.79 1.82 -26.18
N GLU A 193 -24.54 0.65 -26.78
CA GLU A 193 -24.52 0.56 -28.23
C GLU A 193 -25.82 1.10 -28.85
N ARG A 194 -26.97 0.67 -28.36
CA ARG A 194 -28.22 1.03 -29.02
C ARG A 194 -28.56 2.50 -28.79
N VAL A 195 -28.17 3.04 -27.64
CA VAL A 195 -28.42 4.45 -27.36
C VAL A 195 -27.55 5.32 -28.24
N LYS A 196 -26.27 4.95 -28.37
CA LYS A 196 -25.36 5.69 -29.23
C LYS A 196 -25.80 5.61 -30.68
N ARG A 197 -26.25 4.44 -31.12
CA ARG A 197 -26.74 4.32 -32.48
C ARG A 197 -28.00 5.14 -32.69
N GLY A 198 -28.89 5.18 -31.69
CA GLY A 198 -30.05 6.04 -31.78
C GLY A 198 -29.67 7.50 -31.89
N LEU A 199 -28.68 7.93 -31.11
CA LEU A 199 -28.25 9.31 -31.17
C LEU A 199 -27.62 9.64 -32.52
N LYS A 200 -26.75 8.75 -33.01
CA LYS A 200 -26.16 8.99 -34.32
C LYS A 200 -27.23 9.14 -35.40
N LYS A 201 -28.22 8.25 -35.39
CA LYS A 201 -29.29 8.31 -36.38
C LYS A 201 -30.05 9.63 -36.28
N LEU A 202 -30.33 10.05 -35.05
CA LEU A 202 -30.98 11.33 -34.83
C LEU A 202 -30.14 12.49 -35.36
N LEU A 203 -28.83 12.48 -35.09
CA LEU A 203 -27.98 13.58 -35.52
C LEU A 203 -27.83 13.60 -37.05
N MET A 204 -27.76 12.42 -37.67
CA MET A 204 -27.69 12.40 -39.13
C MET A 204 -28.97 12.92 -39.75
N ASN A 205 -30.12 12.56 -39.18
CA ASN A 205 -31.38 13.12 -39.64
C ASN A 205 -31.44 14.62 -39.37
N ALA A 206 -30.94 15.07 -38.21
CA ALA A 206 -30.97 16.49 -37.88
C ALA A 206 -30.19 17.30 -38.90
N PHE A 207 -29.05 16.80 -39.35
CA PHE A 207 -28.20 17.54 -40.25
C PHE A 207 -28.37 17.11 -41.70
N ASP A 208 -29.48 16.44 -42.01
CA ASP A 208 -29.87 16.07 -43.37
C ASP A 208 -28.77 15.33 -44.11
N LEU A 209 -28.16 14.36 -43.42
CA LEU A 209 -27.14 13.51 -44.00
C LEU A 209 -27.72 12.12 -44.22
N PRO A 210 -27.58 11.54 -45.41
CA PRO A 210 -28.16 10.22 -45.63
C PRO A 210 -27.54 9.20 -44.68
N TYR A 211 -28.41 8.41 -44.06
CA TYR A 211 -27.99 7.48 -43.04
C TYR A 211 -29.03 6.37 -42.91
N SER A 212 -28.55 5.15 -42.74
CA SER A 212 -29.44 4.03 -42.51
C SER A 212 -28.95 3.24 -41.31
N ASP A 213 -29.83 3.04 -40.35
CA ASP A 213 -29.65 2.07 -39.27
C ASP A 213 -31.03 1.50 -38.97
N PRO A 214 -31.53 0.60 -39.81
CA PRO A 214 -32.95 0.21 -39.74
C PRO A 214 -33.37 -0.49 -38.45
N ASP A 215 -32.45 -1.21 -37.78
CA ASP A 215 -32.81 -1.91 -36.55
C ASP A 215 -32.95 -0.97 -35.36
N ILE A 216 -32.61 0.31 -35.53
CA ILE A 216 -32.58 1.28 -34.44
C ILE A 216 -33.77 2.21 -34.58
N ASP A 217 -34.46 2.45 -33.47
CA ASP A 217 -35.58 3.38 -33.40
C ASP A 217 -35.15 4.57 -32.56
N VAL A 218 -35.13 5.76 -33.17
CA VAL A 218 -34.64 6.94 -32.44
C VAL A 218 -35.48 7.17 -31.17
N GLN A 219 -36.80 7.04 -31.29
CA GLN A 219 -37.67 7.30 -30.15
C GLN A 219 -37.38 6.33 -29.00
N ARG A 220 -37.38 5.03 -29.29
CA ARG A 220 -37.27 4.05 -28.21
C ARG A 220 -35.84 3.87 -27.73
N ASP A 221 -34.88 3.87 -28.65
CA ASP A 221 -33.51 3.54 -28.32
C ASP A 221 -32.72 4.73 -27.80
N PHE A 222 -33.04 5.95 -28.23
CA PHE A 222 -32.35 7.12 -27.71
C PHE A 222 -33.27 7.98 -26.83
N ILE A 223 -34.33 8.55 -27.40
CA ILE A 223 -35.06 9.59 -26.69
C ILE A 223 -35.66 9.04 -25.40
N ASP A 224 -36.36 7.91 -25.50
CA ASP A 224 -36.98 7.32 -24.32
C ASP A 224 -35.94 6.98 -23.27
N TYR A 225 -34.76 6.51 -23.72
CA TYR A 225 -33.70 6.22 -22.76
C TYR A 225 -33.20 7.48 -22.09
N VAL A 226 -33.01 8.55 -22.85
CA VAL A 226 -32.58 9.82 -22.27
C VAL A 226 -33.53 10.25 -21.17
N LEU A 227 -34.84 10.09 -21.38
CA LEU A 227 -35.78 10.46 -20.33
C LEU A 227 -35.66 9.54 -19.11
N GLU A 228 -35.45 8.24 -19.33
CA GLU A 228 -35.19 7.34 -18.20
C GLU A 228 -33.93 7.76 -17.45
N ASP A 229 -32.92 8.23 -18.19
CA ASP A 229 -31.67 8.67 -17.58
C ASP A 229 -31.86 10.00 -16.86
N PHE A 230 -32.56 10.94 -17.50
CA PHE A 230 -32.80 12.25 -16.92
C PHE A 230 -33.53 12.17 -15.59
N TYR A 231 -34.52 11.28 -15.50
CA TYR A 231 -35.31 11.11 -14.29
C TYR A 231 -34.74 10.03 -13.38
N HIS A 232 -33.58 9.47 -13.72
CA HIS A 232 -32.87 8.48 -12.91
C HIS A 232 -33.78 7.35 -12.44
N VAL A 233 -34.58 6.80 -13.36
CA VAL A 233 -35.58 5.84 -12.93
C VAL A 233 -34.92 4.56 -12.41
N ARG A 234 -33.78 4.18 -12.97
CA ARG A 234 -33.08 2.99 -12.50
C ARG A 234 -32.57 3.18 -11.08
N ALA A 235 -31.78 4.24 -10.86
CA ALA A 235 -31.16 4.46 -9.55
C ALA A 235 -32.22 4.72 -8.49
N LYS A 236 -33.28 5.46 -8.83
CA LYS A 236 -34.32 5.77 -7.86
C LYS A 236 -35.00 4.51 -7.33
N SER A 237 -35.11 3.47 -8.15
CA SER A 237 -35.75 2.25 -7.72
C SER A 237 -34.76 1.22 -7.20
N GLN A 238 -33.46 1.44 -7.35
CA GLN A 238 -32.53 0.35 -7.07
C GLN A 238 -31.37 0.69 -6.11
N VAL A 239 -30.91 1.94 -6.09
CA VAL A 239 -29.66 2.23 -5.38
C VAL A 239 -29.84 2.03 -3.88
N SER A 240 -30.92 2.58 -3.31
CA SER A 240 -31.09 2.49 -1.87
C SER A 240 -31.18 1.04 -1.40
N ARG A 241 -31.95 0.22 -2.12
CA ARG A 241 -32.07 -1.19 -1.77
C ARG A 241 -30.74 -1.92 -1.93
N SER A 242 -29.96 -1.57 -2.97
CA SER A 242 -28.66 -2.21 -3.13
C SER A 242 -27.73 -1.88 -1.98
N ILE A 243 -27.83 -0.66 -1.43
CA ILE A 243 -27.04 -0.32 -0.25
C ILE A 243 -27.49 -1.15 0.94
N LYS A 244 -28.80 -1.25 1.13
CA LYS A 244 -29.31 -1.93 2.32
C LYS A 244 -28.94 -3.40 2.32
N ASN A 245 -28.78 -4.00 1.15
CA ASN A 245 -28.44 -5.40 1.04
C ASN A 245 -26.94 -5.67 0.98
N MET A 246 -26.11 -4.65 1.13
CA MET A 246 -24.68 -4.91 1.15
C MET A 246 -24.32 -5.78 2.36
N ASN A 247 -23.20 -6.48 2.25
CA ASN A 247 -22.81 -7.38 3.33
C ASN A 247 -21.31 -7.60 3.25
N MET A 248 -20.80 -8.27 4.27
CA MET A 248 -19.41 -8.68 4.33
C MET A 248 -19.20 -9.95 3.51
N PRO A 249 -17.93 -10.33 3.26
CA PRO A 249 -17.66 -11.56 2.48
C PRO A 249 -18.10 -12.85 3.16
N VAL A 250 -18.02 -12.90 4.49
CA VAL A 250 -18.27 -14.12 5.25
C VAL A 250 -19.13 -13.77 6.45
N GLN A 251 -20.09 -14.65 6.79
CA GLN A 251 -20.92 -14.44 7.95
C GLN A 251 -21.25 -15.80 8.56
N PRO A 252 -21.61 -15.84 9.83
CA PRO A 252 -22.03 -17.10 10.42
C PRO A 252 -23.41 -17.51 9.94
N GLU A 253 -23.60 -18.83 9.81
CA GLU A 253 -24.88 -19.40 9.45
C GLU A 253 -25.62 -19.82 10.72
N GLY A 254 -26.64 -20.67 10.60
CA GLY A 254 -27.43 -21.04 11.75
C GLY A 254 -26.62 -21.80 12.79
N ASP A 255 -25.85 -22.79 12.35
CA ASP A 255 -25.11 -23.67 13.23
C ASP A 255 -23.83 -23.05 13.79
N GLY A 256 -23.69 -21.73 13.74
CA GLY A 256 -22.47 -21.09 14.20
C GLY A 256 -21.25 -21.47 13.39
N LYS A 257 -21.43 -21.67 12.08
CA LYS A 257 -20.35 -21.95 11.14
C LYS A 257 -20.19 -20.76 10.20
N PHE A 258 -18.94 -20.38 9.95
CA PHE A 258 -18.70 -19.31 8.99
C PHE A 258 -18.81 -19.86 7.57
N ALA A 259 -19.45 -19.10 6.69
CA ALA A 259 -19.51 -19.45 5.27
C ALA A 259 -19.57 -18.17 4.46
N ILE A 260 -19.30 -18.28 3.15
CA ILE A 260 -19.42 -17.10 2.30
C ILE A 260 -20.85 -16.59 2.38
N THR A 261 -20.97 -15.27 2.42
CA THR A 261 -22.28 -14.66 2.61
C THR A 261 -23.13 -14.83 1.36
N VAL A 262 -24.41 -15.16 1.56
CA VAL A 262 -25.37 -15.28 0.48
C VAL A 262 -26.40 -14.17 0.64
N SER A 263 -26.65 -13.42 -0.44
CA SER A 263 -27.64 -12.37 -0.36
C SER A 263 -29.02 -12.95 -0.08
N LYS A 264 -29.84 -12.16 0.63
CA LYS A 264 -31.23 -12.54 0.90
C LYS A 264 -32.12 -12.39 -0.32
N GLY A 265 -31.60 -11.88 -1.44
CA GLY A 265 -32.42 -11.86 -2.65
C GLY A 265 -33.62 -10.94 -2.48
N GLY A 266 -34.79 -11.43 -2.85
CA GLY A 266 -36.03 -10.69 -2.72
C GLY A 266 -36.74 -10.42 -4.03
N THR A 267 -36.02 -10.43 -5.14
CA THR A 267 -36.61 -10.26 -6.46
C THR A 267 -36.40 -11.55 -7.25
N GLU A 268 -37.05 -11.62 -8.42
CA GLU A 268 -36.92 -12.80 -9.25
C GLU A 268 -35.47 -13.07 -9.63
N SER A 269 -34.78 -12.05 -10.14
CA SER A 269 -33.39 -12.26 -10.51
C SER A 269 -32.51 -12.42 -9.28
N GLY A 270 -32.83 -11.69 -8.20
CA GLY A 270 -32.01 -11.77 -7.00
C GLY A 270 -32.08 -13.14 -6.34
N ASN A 271 -33.23 -13.79 -6.39
CA ASN A 271 -33.36 -15.12 -5.80
C ASN A 271 -32.61 -16.16 -6.63
N LYS A 272 -32.67 -16.04 -7.95
CA LYS A 272 -31.84 -16.90 -8.80
C LYS A 272 -30.37 -16.70 -8.47
N ARG A 273 -29.96 -15.44 -8.30
CA ARG A 273 -28.57 -15.15 -8.00
C ARG A 273 -28.17 -15.74 -6.66
N SER A 274 -29.02 -15.58 -5.65
CA SER A 274 -28.74 -16.18 -4.35
C SER A 274 -28.62 -17.70 -4.44
N ALA A 275 -29.48 -18.33 -5.26
CA ALA A 275 -29.42 -19.79 -5.38
C ALA A 275 -28.13 -20.24 -6.05
N GLU A 276 -27.64 -19.47 -7.03
CA GLU A 276 -26.36 -19.80 -7.63
C GLU A 276 -25.26 -19.67 -6.60
N LYS A 277 -25.33 -18.63 -5.77
CA LYS A 277 -24.32 -18.40 -4.74
C LYS A 277 -24.33 -19.53 -3.71
N GLU A 278 -25.52 -19.93 -3.28
CA GLU A 278 -25.62 -21.09 -2.37
C GLU A 278 -25.00 -22.32 -3.02
N ALA A 279 -25.16 -22.48 -4.33
CA ALA A 279 -24.57 -23.64 -5.00
C ALA A 279 -23.06 -23.59 -4.92
N PHE A 280 -22.49 -22.39 -5.07
CA PHE A 280 -21.05 -22.28 -4.99
C PHE A 280 -20.55 -22.47 -3.56
N LYS A 281 -21.32 -21.98 -2.58
CA LYS A 281 -21.01 -22.28 -1.19
C LYS A 281 -20.90 -23.77 -0.96
N LYS A 282 -21.78 -24.55 -1.59
CA LYS A 282 -21.70 -25.99 -1.48
C LYS A 282 -20.47 -26.53 -2.19
N PHE A 283 -20.13 -25.95 -3.34
CA PHE A 283 -18.87 -26.30 -4.00
C PHE A 283 -17.69 -26.15 -3.06
N LEU A 284 -17.62 -25.01 -2.36
CA LEU A 284 -16.47 -24.77 -1.48
C LEU A 284 -16.40 -25.81 -0.37
N SER A 285 -17.57 -26.20 0.14
CA SER A 285 -17.61 -27.26 1.15
C SER A 285 -17.15 -28.60 0.58
N ASP A 286 -17.70 -28.99 -0.57
CA ASP A 286 -17.37 -30.29 -1.18
C ASP A 286 -15.93 -30.35 -1.65
N TYR A 287 -15.39 -29.21 -2.12
CA TYR A 287 -14.05 -29.22 -2.67
C TYR A 287 -13.00 -29.42 -1.59
N ALA A 288 -13.32 -29.08 -0.34
CA ALA A 288 -12.38 -29.22 0.76
C ALA A 288 -12.36 -30.68 1.20
N SER A 289 -11.72 -31.50 0.36
N SER A 289 -11.73 -31.51 0.36
CA SER A 289 -11.62 -32.94 0.57
CA SER A 289 -11.64 -32.95 0.56
C SER A 289 -10.16 -33.35 0.51
C SER A 289 -10.16 -33.35 0.51
N LEU A 290 -9.70 -34.05 1.55
CA LEU A 290 -8.31 -34.52 1.55
C LEU A 290 -8.04 -35.52 0.43
N ASP A 291 -9.08 -36.18 -0.08
CA ASP A 291 -8.93 -37.11 -1.20
C ASP A 291 -8.76 -36.30 -2.48
N GLU A 292 -7.56 -36.30 -3.03
CA GLU A 292 -7.26 -35.44 -4.17
C GLU A 292 -8.04 -35.83 -5.40
N ARG A 293 -8.56 -37.05 -5.45
CA ARG A 293 -9.35 -37.48 -6.59
C ARG A 293 -10.69 -36.76 -6.65
N VAL A 294 -11.27 -36.42 -5.49
CA VAL A 294 -12.51 -35.67 -5.45
C VAL A 294 -12.30 -34.27 -6.01
N ARG A 295 -11.22 -33.63 -5.58
CA ARG A 295 -10.92 -32.29 -6.08
C ARG A 295 -10.58 -32.31 -7.56
N ASP A 296 -9.77 -33.29 -8.00
CA ASP A 296 -9.45 -33.42 -9.42
C ASP A 296 -10.72 -33.51 -10.26
N ASP A 297 -11.68 -34.32 -9.82
CA ASP A 297 -12.91 -34.48 -10.61
C ASP A 297 -13.72 -33.20 -10.64
N MET A 298 -13.75 -32.46 -9.53
CA MET A 298 -14.50 -31.20 -9.50
C MET A 298 -13.83 -30.13 -10.35
N LEU A 299 -12.50 -30.05 -10.33
CA LEU A 299 -11.82 -29.09 -11.19
C LEU A 299 -12.02 -29.45 -12.65
N ARG A 300 -12.10 -30.75 -12.96
CA ARG A 300 -12.34 -31.13 -14.35
C ARG A 300 -13.71 -30.68 -14.83
N ARG A 301 -14.74 -30.78 -13.98
CA ARG A 301 -16.06 -30.31 -14.39
C ARG A 301 -16.04 -28.81 -14.61
N MET A 302 -15.34 -28.08 -13.74
CA MET A 302 -15.23 -26.63 -13.95
C MET A 302 -14.43 -26.33 -15.22
N ARG A 303 -13.39 -27.12 -15.50
CA ARG A 303 -12.65 -26.95 -16.74
C ARG A 303 -13.54 -27.17 -17.96
N ARG A 304 -14.40 -28.19 -17.90
CA ARG A 304 -15.30 -28.43 -19.03
C ARG A 304 -16.23 -27.25 -19.27
N LEU A 305 -16.67 -26.58 -18.20
CA LEU A 305 -17.50 -25.40 -18.39
C LEU A 305 -16.73 -24.32 -19.15
N VAL A 306 -15.45 -24.13 -18.81
CA VAL A 306 -14.65 -23.13 -19.53
C VAL A 306 -14.50 -23.55 -20.99
N VAL A 307 -14.20 -24.82 -21.22
CA VAL A 307 -14.04 -25.29 -22.59
C VAL A 307 -15.34 -25.09 -23.36
N LEU A 308 -16.47 -25.47 -22.74
CA LEU A 308 -17.78 -25.27 -23.38
C LEU A 308 -18.00 -23.81 -23.73
N TYR A 309 -17.71 -22.90 -22.81
CA TYR A 309 -18.02 -21.51 -23.00
C TYR A 309 -17.32 -20.95 -24.22
N PHE A 310 -16.04 -21.27 -24.39
CA PHE A 310 -15.23 -20.63 -25.42
C PHE A 310 -15.10 -21.46 -26.69
N TYR A 311 -15.30 -22.77 -26.61
CA TYR A 311 -15.05 -23.63 -27.76
C TYR A 311 -16.27 -24.41 -28.20
N GLY A 312 -17.38 -24.30 -27.47
CA GLY A 312 -18.62 -24.89 -27.92
C GLY A 312 -18.74 -26.36 -27.53
N SER A 313 -19.98 -26.84 -27.55
CA SER A 313 -20.30 -28.17 -27.06
C SER A 313 -19.71 -29.29 -27.90
N ASP A 314 -19.21 -29.00 -29.10
CA ASP A 314 -18.61 -30.03 -29.95
C ASP A 314 -17.09 -30.09 -29.81
N ASP A 315 -16.52 -29.38 -28.84
CA ASP A 315 -15.08 -29.50 -28.62
C ASP A 315 -14.73 -30.94 -28.23
N SER A 316 -13.59 -31.42 -28.75
CA SER A 316 -13.22 -32.81 -28.56
C SER A 316 -13.07 -33.19 -27.09
N LYS A 317 -12.78 -32.22 -26.22
CA LYS A 317 -12.64 -32.53 -24.79
C LYS A 317 -13.98 -32.66 -24.09
N LEU A 318 -15.09 -32.37 -24.77
CA LEU A 318 -16.41 -32.55 -24.20
C LEU A 318 -17.11 -33.80 -24.74
N SER A 319 -16.47 -34.54 -25.64
CA SER A 319 -17.11 -35.67 -26.31
C SER A 319 -17.33 -36.84 -25.36
N ASP A 320 -16.27 -37.26 -24.65
CA ASP A 320 -16.32 -38.39 -23.74
C ASP A 320 -16.49 -37.86 -22.31
N VAL A 321 -17.69 -38.02 -21.76
CA VAL A 321 -18.01 -37.41 -20.47
C VAL A 321 -17.18 -38.00 -19.33
N ASN A 322 -16.62 -39.19 -19.52
CA ASN A 322 -15.81 -39.84 -18.50
C ASN A 322 -14.33 -39.79 -18.84
N GLU A 323 -13.92 -38.93 -19.78
CA GLU A 323 -12.51 -38.77 -20.03
C GLU A 323 -11.90 -37.95 -18.91
N LYS A 324 -10.95 -38.54 -18.18
CA LYS A 324 -10.27 -37.85 -17.08
C LYS A 324 -9.09 -37.04 -17.61
N PHE A 325 -9.38 -36.12 -18.54
CA PHE A 325 -8.29 -35.39 -19.17
C PHE A 325 -7.60 -34.50 -18.13
N ASP A 326 -6.31 -34.31 -18.33
CA ASP A 326 -5.52 -33.43 -17.48
C ASP A 326 -5.93 -31.99 -17.75
N VAL A 327 -6.48 -31.30 -16.74
CA VAL A 327 -6.96 -29.94 -16.95
C VAL A 327 -5.80 -29.00 -17.30
N TRP A 328 -4.63 -29.23 -16.72
CA TRP A 328 -3.50 -28.34 -16.98
C TRP A 328 -2.92 -28.58 -18.37
N GLU A 329 -2.95 -29.83 -18.83
CA GLU A 329 -2.57 -30.11 -20.22
C GLU A 329 -3.53 -29.43 -21.19
N ASP A 330 -4.83 -29.49 -20.90
CA ASP A 330 -5.78 -28.80 -21.77
C ASP A 330 -5.53 -27.30 -21.74
N ALA A 331 -5.29 -26.75 -20.54
CA ALA A 331 -4.99 -25.33 -20.40
C ALA A 331 -3.78 -24.96 -21.24
N ALA A 332 -2.71 -25.75 -21.15
CA ALA A 332 -1.53 -25.52 -21.96
C ALA A 332 -1.85 -25.58 -23.44
N ALA A 333 -2.79 -26.45 -23.83
CA ALA A 333 -3.13 -26.61 -25.24
C ALA A 333 -3.86 -25.39 -25.79
N ARG A 334 -4.79 -24.82 -25.04
CA ARG A 334 -5.52 -23.66 -25.55
C ARG A 334 -4.62 -22.44 -25.65
N ARG A 335 -3.58 -22.36 -24.83
CA ARG A 335 -2.67 -21.23 -24.87
C ARG A 335 -2.01 -21.11 -26.25
N VAL A 336 -1.53 -22.22 -26.80
CA VAL A 336 -0.91 -22.19 -28.12
C VAL A 336 -1.93 -22.28 -29.25
N ASP A 337 -3.22 -22.25 -28.94
CA ASP A 337 -4.24 -22.22 -29.96
C ASP A 337 -4.33 -20.84 -30.60
N ASN A 338 -4.55 -20.80 -31.91
CA ASN A 338 -4.52 -19.57 -32.67
C ASN A 338 -5.90 -19.03 -33.02
N ARG A 339 -6.95 -19.68 -32.55
CA ARG A 339 -8.31 -19.24 -32.82
C ARG A 339 -8.51 -17.80 -32.36
N GLU A 340 -9.25 -17.03 -33.15
CA GLU A 340 -9.55 -15.64 -32.84
C GLU A 340 -10.93 -15.56 -32.19
N PHE A 341 -11.01 -14.85 -31.06
CA PHE A 341 -12.31 -14.68 -30.39
C PHE A 341 -13.20 -13.72 -31.16
N ILE A 342 -12.63 -12.60 -31.62
CA ILE A 342 -13.29 -11.63 -32.49
C ILE A 342 -12.33 -11.28 -33.62
N LYS A 343 -12.89 -10.78 -34.70
CA LYS A 343 -12.09 -10.25 -35.80
C LYS A 343 -11.79 -8.78 -35.49
N LEU A 344 -10.52 -8.47 -35.36
CA LEU A 344 -10.21 -7.08 -35.08
C LEU A 344 -10.32 -6.25 -36.36
N PRO A 345 -10.90 -5.04 -36.29
CA PRO A 345 -10.83 -4.12 -37.43
C PRO A 345 -9.39 -3.74 -37.72
N LEU A 346 -9.14 -3.32 -38.95
CA LEU A 346 -7.80 -2.88 -39.32
C LEU A 346 -7.42 -1.60 -38.58
N GLU A 347 -6.11 -1.40 -38.40
CA GLU A 347 -5.61 -0.20 -37.74
C GLU A 347 -5.92 1.03 -38.58
N ASN A 348 -5.73 2.20 -37.97
CA ASN A 348 -6.12 3.46 -38.58
C ASN A 348 -4.95 4.09 -39.34
N LYS A 349 -5.25 5.18 -40.05
CA LYS A 349 -4.23 5.95 -40.76
C LYS A 349 -3.64 7.01 -39.83
N THR A 355 -0.46 9.85 -33.84
CA THR A 355 -1.64 9.19 -34.38
C THR A 355 -2.91 10.01 -34.14
N ASP A 356 -4.05 9.44 -34.52
CA ASP A 356 -5.36 10.08 -34.36
C ASP A 356 -6.02 9.45 -33.14
N LYS A 357 -5.87 10.10 -31.99
CA LYS A 357 -6.42 9.58 -30.75
C LYS A 357 -7.94 9.47 -30.82
N ASP A 358 -8.60 10.35 -31.58
CA ASP A 358 -10.04 10.25 -31.76
C ASP A 358 -10.42 8.99 -32.54
N ALA A 359 -9.66 8.68 -33.58
CA ALA A 359 -9.96 7.50 -34.38
C ALA A 359 -9.66 6.21 -33.65
N GLU A 360 -8.64 6.21 -32.79
CA GLU A 360 -8.33 5.01 -32.02
C GLU A 360 -9.37 4.78 -30.93
N ARG A 361 -9.94 5.84 -30.37
CA ARG A 361 -11.02 5.69 -29.39
C ARG A 361 -12.27 5.13 -30.04
N ILE A 362 -12.57 5.56 -31.26
CA ILE A 362 -13.68 4.98 -32.02
C ILE A 362 -13.45 3.49 -32.22
N ARG A 363 -12.26 3.14 -32.70
CA ARG A 363 -11.95 1.74 -32.97
C ARG A 363 -11.98 0.91 -31.69
N LYS A 364 -11.51 1.48 -30.58
CA LYS A 364 -11.57 0.75 -29.32
C LYS A 364 -13.01 0.50 -28.90
N ASN A 365 -13.89 1.49 -29.10
CA ASN A 365 -15.30 1.30 -28.77
C ASN A 365 -15.92 0.24 -29.65
N THR A 366 -15.55 0.22 -30.93
CA THR A 366 -16.01 -0.83 -31.82
C THR A 366 -15.51 -2.19 -31.34
N VAL A 367 -14.26 -2.26 -30.90
CA VAL A 367 -13.72 -3.52 -30.43
C VAL A 367 -14.43 -3.97 -29.15
N LYS A 368 -14.71 -3.04 -28.23
CA LYS A 368 -15.41 -3.43 -27.01
C LYS A 368 -16.78 -3.97 -27.34
N GLU A 369 -17.48 -3.37 -28.31
CA GLU A 369 -18.80 -3.91 -28.66
C GLU A 369 -18.68 -5.26 -29.34
N LEU A 370 -17.60 -5.49 -30.09
CA LEU A 370 -17.36 -6.81 -30.68
C LEU A 370 -17.16 -7.86 -29.60
N TYR A 371 -16.30 -7.57 -28.62
CA TYR A 371 -16.13 -8.49 -27.50
C TYR A 371 -17.46 -8.79 -26.83
N ARG A 372 -18.23 -7.74 -26.55
CA ARG A 372 -19.48 -7.93 -25.81
C ARG A 372 -20.46 -8.79 -26.59
N ASN A 373 -20.62 -8.50 -27.88
CA ASN A 373 -21.49 -9.31 -28.72
C ASN A 373 -21.08 -10.77 -28.69
N GLN A 374 -19.78 -11.05 -28.85
CA GLN A 374 -19.30 -12.42 -28.81
C GLN A 374 -19.48 -13.02 -27.43
N ASN A 375 -19.20 -12.25 -26.37
CA ASN A 375 -19.40 -12.75 -25.02
C ASN A 375 -20.86 -13.18 -24.80
N ILE A 376 -21.81 -12.35 -25.25
CA ILE A 376 -23.23 -12.68 -25.11
C ILE A 376 -23.56 -13.97 -25.85
N GLY A 377 -23.05 -14.10 -27.07
CA GLY A 377 -23.29 -15.32 -27.82
C GLY A 377 -22.71 -16.55 -27.14
N CYS A 378 -21.44 -16.44 -26.68
CA CYS A 378 -20.84 -17.52 -25.91
C CYS A 378 -21.69 -17.87 -24.70
N TYR A 379 -22.15 -16.86 -23.97
CA TYR A 379 -22.95 -17.11 -22.78
C TYR A 379 -24.23 -17.86 -23.12
N ARG A 380 -24.99 -17.37 -24.10
CA ARG A 380 -26.27 -18.01 -24.41
C ARG A 380 -26.05 -19.43 -24.90
N GLN A 381 -24.99 -19.67 -25.67
CA GLN A 381 -24.68 -21.02 -26.13
C GLN A 381 -24.31 -21.95 -24.97
N ALA A 382 -23.56 -21.43 -23.99
CA ALA A 382 -23.15 -22.26 -22.86
C ALA A 382 -24.33 -22.60 -21.96
N VAL A 383 -25.17 -21.60 -21.68
CA VAL A 383 -26.36 -21.85 -20.86
C VAL A 383 -27.22 -22.94 -21.51
N LYS A 384 -27.40 -22.86 -22.83
CA LYS A 384 -28.17 -23.90 -23.52
C LYS A 384 -27.52 -25.27 -23.41
N ALA A 385 -26.20 -25.34 -23.59
CA ALA A 385 -25.53 -26.64 -23.55
C ALA A 385 -25.53 -27.25 -22.15
N VAL A 386 -25.34 -26.45 -21.10
CA VAL A 386 -25.36 -27.07 -19.76
C VAL A 386 -26.76 -27.54 -19.40
N GLU A 387 -27.79 -26.94 -20.01
CA GLU A 387 -29.16 -27.39 -19.85
C GLU A 387 -29.41 -28.67 -20.65
N GLU A 388 -28.85 -28.77 -21.85
CA GLU A 388 -29.22 -29.81 -22.80
C GLU A 388 -28.22 -30.93 -22.93
N ASP A 389 -26.94 -30.69 -22.66
CA ASP A 389 -25.90 -31.64 -23.00
C ASP A 389 -24.90 -31.77 -21.85
N ASN A 390 -25.41 -31.93 -20.63
CA ASN A 390 -24.60 -32.14 -19.45
C ASN A 390 -24.22 -33.60 -19.35
N ASN A 391 -25.10 -34.41 -18.74
CA ASN A 391 -24.93 -35.86 -18.68
C ASN A 391 -23.57 -36.23 -18.13
N GLY A 392 -23.20 -35.59 -17.02
CA GLY A 392 -21.96 -35.90 -16.33
C GLY A 392 -20.76 -35.07 -16.72
N ARG A 393 -20.88 -34.20 -17.71
CA ARG A 393 -19.76 -33.37 -18.13
C ARG A 393 -19.46 -32.29 -17.10
N TYR A 394 -20.51 -31.64 -16.59
CA TYR A 394 -20.41 -30.48 -15.73
C TYR A 394 -20.88 -30.92 -14.34
N PHE A 395 -21.30 -29.96 -13.52
CA PHE A 395 -21.77 -30.32 -12.20
C PHE A 395 -23.22 -30.79 -12.25
N ASP A 396 -23.56 -31.72 -11.35
CA ASP A 396 -24.94 -32.15 -11.22
C ASP A 396 -25.86 -31.00 -10.86
N ASP A 397 -25.36 -30.04 -10.08
CA ASP A 397 -26.19 -28.94 -9.62
C ASP A 397 -26.24 -27.89 -10.72
N LYS A 398 -27.42 -27.76 -11.34
CA LYS A 398 -27.60 -26.79 -12.42
C LYS A 398 -27.24 -25.38 -11.97
N MET A 399 -27.56 -25.03 -10.71
CA MET A 399 -27.28 -23.68 -10.26
C MET A 399 -25.79 -23.43 -10.10
N LEU A 400 -25.01 -24.49 -9.87
CA LEU A 400 -23.56 -24.34 -9.80
C LEU A 400 -22.97 -24.12 -11.19
N ASN A 401 -23.46 -24.84 -12.20
CA ASN A 401 -23.02 -24.58 -13.56
C ASN A 401 -23.33 -23.15 -13.96
N MET A 402 -24.52 -22.67 -13.59
CA MET A 402 -24.89 -21.30 -13.91
C MET A 402 -24.05 -20.30 -13.13
N PHE A 403 -23.73 -20.60 -11.86
CA PHE A 403 -22.84 -19.71 -11.14
C PHE A 403 -21.53 -19.54 -11.88
N PHE A 404 -20.97 -20.65 -12.34
CA PHE A 404 -19.70 -20.60 -13.03
C PHE A 404 -19.83 -19.91 -14.39
N ILE A 405 -20.90 -20.20 -15.13
CA ILE A 405 -21.07 -19.52 -16.42
C ILE A 405 -21.20 -18.01 -16.22
N HIS A 406 -21.88 -17.59 -15.15
CA HIS A 406 -21.94 -16.16 -14.83
C HIS A 406 -20.58 -15.60 -14.47
N ARG A 407 -19.78 -16.36 -13.69
CA ARG A 407 -18.40 -15.94 -13.42
C ARG A 407 -17.61 -15.80 -14.71
N ILE A 408 -17.75 -16.77 -15.62
CA ILE A 408 -17.00 -16.75 -16.88
C ILE A 408 -17.37 -15.50 -17.66
N GLU A 409 -18.68 -15.26 -17.82
CA GLU A 409 -19.13 -14.10 -18.57
C GLU A 409 -18.59 -12.83 -17.95
N TYR A 410 -18.65 -12.75 -16.62
CA TYR A 410 -18.13 -11.60 -15.90
C TYR A 410 -16.63 -11.45 -16.13
N GLY A 411 -15.93 -12.58 -16.21
CA GLY A 411 -14.49 -12.53 -16.36
C GLY A 411 -14.10 -12.01 -17.72
N VAL A 412 -14.87 -12.38 -18.75
CA VAL A 412 -14.60 -11.83 -20.08
C VAL A 412 -14.83 -10.33 -20.05
N GLU A 413 -15.89 -9.89 -19.38
CA GLU A 413 -16.17 -8.45 -19.33
C GLU A 413 -15.07 -7.70 -18.58
N LYS A 414 -14.52 -8.30 -17.51
CA LYS A 414 -13.41 -7.67 -16.81
C LYS A 414 -12.24 -7.40 -17.74
N ILE A 415 -12.02 -8.26 -18.72
CA ILE A 415 -10.90 -8.08 -19.64
C ILE A 415 -11.17 -6.96 -20.64
N TYR A 416 -12.35 -6.96 -21.29
CA TYR A 416 -12.53 -5.98 -22.36
C TYR A 416 -13.10 -4.65 -21.87
N ALA A 417 -13.88 -4.63 -20.78
CA ALA A 417 -14.26 -3.33 -20.22
C ALA A 417 -13.02 -2.56 -19.79
N ASN A 418 -12.00 -3.29 -19.33
CA ASN A 418 -10.71 -2.72 -18.93
C ASN A 418 -9.96 -2.08 -20.09
N LEU A 419 -10.27 -2.48 -21.34
CA LEU A 419 -9.30 -2.48 -22.42
C LEU A 419 -8.58 -1.16 -22.60
N LYS A 420 -7.27 -1.16 -22.34
CA LYS A 420 -6.47 0.04 -22.57
C LYS A 420 -6.08 0.14 -24.05
N GLN A 421 -5.66 -0.96 -24.64
CA GLN A 421 -5.18 -0.94 -26.03
C GLN A 421 -5.71 -2.18 -26.75
N VAL A 422 -6.28 -1.97 -27.93
CA VAL A 422 -6.64 -3.08 -28.80
C VAL A 422 -5.36 -3.84 -29.18
N THR A 423 -5.31 -5.13 -28.87
CA THR A 423 -4.16 -5.96 -29.23
C THR A 423 -4.65 -7.29 -29.77
N GLU A 424 -3.86 -7.90 -30.64
CA GLU A 424 -4.26 -9.20 -31.16
C GLU A 424 -4.19 -10.28 -30.09
N PHE A 425 -3.18 -10.23 -29.19
CA PHE A 425 -3.08 -11.33 -28.24
C PHE A 425 -4.31 -11.42 -27.34
N LYS A 426 -4.91 -10.27 -27.01
CA LYS A 426 -6.10 -10.26 -26.16
C LYS A 426 -7.35 -10.68 -26.91
N ALA A 427 -7.29 -10.74 -28.24
CA ALA A 427 -8.41 -11.18 -29.04
C ALA A 427 -8.36 -12.67 -29.35
N ARG A 428 -7.35 -13.39 -28.85
CA ARG A 428 -7.24 -14.83 -29.08
C ARG A 428 -8.13 -15.58 -28.10
N THR A 429 -8.90 -16.55 -28.62
CA THR A 429 -9.80 -17.30 -27.76
C THR A 429 -9.06 -17.97 -26.62
N GLY A 430 -7.88 -18.52 -26.90
CA GLY A 430 -7.13 -19.23 -25.87
C GLY A 430 -6.52 -18.30 -24.83
N TYR A 431 -6.25 -17.04 -25.20
CA TYR A 431 -5.90 -16.07 -24.17
C TYR A 431 -7.05 -15.90 -23.19
N LEU A 432 -8.26 -15.74 -23.71
CA LEU A 432 -9.42 -15.50 -22.87
C LEU A 432 -9.79 -16.74 -22.06
N SER A 433 -9.80 -17.92 -22.69
CA SER A 433 -10.19 -19.11 -21.94
C SER A 433 -9.26 -19.33 -20.76
N GLU A 434 -7.95 -19.09 -20.95
CA GLU A 434 -7.02 -19.34 -19.87
C GLU A 434 -7.04 -18.21 -18.83
N LYS A 435 -7.27 -16.96 -19.25
CA LYS A 435 -7.49 -15.93 -18.26
C LYS A 435 -8.70 -16.25 -17.40
N ILE A 436 -9.79 -16.70 -18.03
CA ILE A 436 -11.02 -17.02 -17.29
C ILE A 436 -10.80 -18.25 -16.39
N TRP A 437 -10.10 -19.26 -16.89
CA TRP A 437 -9.76 -20.42 -16.07
C TRP A 437 -9.05 -20.00 -14.79
N LYS A 438 -8.01 -19.18 -14.94
CA LYS A 438 -7.30 -18.73 -13.75
C LYS A 438 -8.17 -17.81 -12.90
N ASP A 439 -9.10 -17.09 -13.54
CA ASP A 439 -10.06 -16.23 -12.84
C ASP A 439 -11.00 -17.05 -11.97
N LEU A 440 -11.44 -18.22 -12.48
CA LEU A 440 -12.28 -19.10 -11.68
C LEU A 440 -11.51 -19.65 -10.50
N ILE A 441 -10.27 -20.07 -10.73
CA ILE A 441 -9.45 -20.58 -9.64
C ILE A 441 -9.16 -19.46 -8.64
N ASN A 442 -8.96 -18.24 -9.15
CA ASN A 442 -8.80 -17.09 -8.27
C ASN A 442 -9.98 -16.95 -7.33
N TYR A 443 -11.19 -17.06 -7.89
CA TYR A 443 -12.39 -16.86 -7.09
C TYR A 443 -12.47 -17.88 -5.97
N ILE A 444 -12.18 -19.14 -6.27
CA ILE A 444 -12.12 -20.17 -5.23
C ILE A 444 -11.05 -19.82 -4.21
N SER A 445 -9.86 -19.42 -4.67
CA SER A 445 -8.78 -19.07 -3.75
C SER A 445 -9.22 -17.98 -2.77
N ILE A 446 -9.76 -16.88 -3.29
CA ILE A 446 -10.04 -15.76 -2.40
C ILE A 446 -11.18 -16.07 -1.45
N LYS A 447 -12.09 -17.00 -1.84
CA LYS A 447 -13.15 -17.36 -0.91
C LYS A 447 -12.63 -18.24 0.23
N TYR A 448 -11.74 -19.19 -0.04
CA TYR A 448 -11.17 -19.93 1.09
C TYR A 448 -10.38 -18.99 1.98
N ILE A 449 -9.63 -18.08 1.39
CA ILE A 449 -8.89 -17.10 2.18
C ILE A 449 -9.85 -16.27 3.02
N ALA A 450 -10.97 -15.83 2.42
CA ALA A 450 -11.92 -15.02 3.17
C ALA A 450 -12.51 -15.80 4.32
N MET A 451 -12.78 -17.09 4.12
CA MET A 451 -13.23 -17.94 5.22
C MET A 451 -12.16 -18.04 6.30
N GLY A 452 -10.90 -18.28 5.92
CA GLY A 452 -9.84 -18.38 6.91
C GLY A 452 -9.64 -17.10 7.69
N LYS A 453 -9.82 -15.95 7.01
CA LYS A 453 -9.74 -14.67 7.70
C LYS A 453 -10.79 -14.57 8.80
N ALA A 454 -12.02 -14.98 8.51
CA ALA A 454 -13.03 -14.95 9.58
C ALA A 454 -12.72 -15.98 10.68
N VAL A 455 -12.30 -17.18 10.30
CA VAL A 455 -12.02 -18.21 11.31
C VAL A 455 -10.84 -17.79 12.18
N TYR A 456 -9.76 -17.31 11.55
CA TYR A 456 -8.58 -16.91 12.31
C TYR A 456 -8.89 -15.81 13.31
N ASN A 457 -9.66 -14.82 12.88
CA ASN A 457 -9.85 -13.66 13.74
C ASN A 457 -10.93 -13.89 14.79
N TYR A 458 -11.93 -14.70 14.49
CA TYR A 458 -13.09 -14.78 15.35
C TYR A 458 -13.43 -16.18 15.85
N ALA A 459 -12.74 -17.23 15.43
CA ALA A 459 -13.08 -18.58 15.87
C ALA A 459 -11.87 -19.34 16.37
N MET A 460 -10.83 -18.64 16.86
CA MET A 460 -9.62 -19.28 17.37
C MET A 460 -9.22 -18.68 18.70
N ASP A 461 -10.22 -18.24 19.49
CA ASP A 461 -9.98 -17.64 20.80
C ASP A 461 -8.98 -18.44 21.65
N GLU A 462 -9.10 -19.75 21.66
CA GLU A 462 -8.32 -20.54 22.62
C GLU A 462 -6.88 -20.75 22.18
N LEU A 463 -6.45 -20.12 21.09
CA LEU A 463 -5.02 -19.96 20.86
C LEU A 463 -4.37 -19.12 21.95
N ASN A 464 -5.15 -18.22 22.56
CA ASN A 464 -4.62 -17.34 23.60
C ASN A 464 -4.12 -18.17 24.77
N ALA A 465 -2.93 -17.80 25.28
CA ALA A 465 -2.29 -18.59 26.33
C ALA A 465 -3.22 -18.76 27.53
N SER A 466 -3.31 -20.00 28.02
CA SER A 466 -4.17 -20.31 29.15
C SER A 466 -3.64 -21.57 29.82
N ASP A 467 -4.19 -21.86 30.98
CA ASP A 467 -3.89 -23.10 31.68
C ASP A 467 -4.81 -24.23 31.26
N LYS A 468 -5.69 -24.00 30.28
CA LYS A 468 -6.65 -25.01 29.87
C LYS A 468 -5.93 -26.24 29.33
N LYS A 469 -6.23 -27.39 29.90
CA LYS A 469 -5.67 -28.66 29.43
C LYS A 469 -6.46 -29.24 28.28
N GLU A 470 -7.63 -28.67 27.98
CA GLU A 470 -8.41 -29.02 26.80
C GLU A 470 -8.92 -27.74 26.17
N ILE A 471 -8.67 -27.57 24.87
CA ILE A 471 -9.15 -26.39 24.14
C ILE A 471 -9.89 -26.85 22.90
N GLU A 472 -10.68 -25.92 22.34
CA GLU A 472 -11.43 -26.17 21.11
C GLU A 472 -11.16 -25.02 20.15
N LEU A 473 -10.69 -25.35 18.96
CA LEU A 473 -10.46 -24.35 17.91
C LEU A 473 -11.54 -24.45 16.86
N GLY A 474 -11.88 -23.30 16.27
CA GLY A 474 -12.84 -23.29 15.19
C GLY A 474 -14.27 -23.05 15.64
N LYS A 475 -14.49 -22.66 16.89
CA LYS A 475 -15.81 -22.31 17.38
C LYS A 475 -15.87 -20.79 17.44
N ILE A 476 -16.96 -20.23 16.93
CA ILE A 476 -17.03 -18.77 16.80
C ILE A 476 -17.17 -18.15 18.18
N SER A 477 -16.28 -17.18 18.47
CA SER A 477 -16.34 -16.43 19.72
C SER A 477 -17.71 -15.80 19.91
N GLU A 478 -18.10 -15.64 21.17
CA GLU A 478 -19.47 -15.26 21.50
C GLU A 478 -19.87 -13.93 20.86
N GLU A 479 -18.94 -12.96 20.83
CA GLU A 479 -19.27 -11.63 20.32
C GLU A 479 -19.55 -11.63 18.81
N TYR A 480 -19.14 -12.68 18.10
CA TYR A 480 -19.26 -12.74 16.64
C TYR A 480 -20.30 -13.74 16.16
N LEU A 481 -20.99 -14.44 17.07
CA LEU A 481 -21.98 -15.40 16.61
C LEU A 481 -23.11 -14.71 15.87
N SER A 482 -23.39 -13.46 16.23
CA SER A 482 -24.43 -12.69 15.57
C SER A 482 -23.92 -11.96 14.33
N GLY A 483 -22.67 -12.18 13.95
CA GLY A 483 -22.18 -11.72 12.65
C GLY A 483 -21.12 -10.64 12.78
N ILE A 484 -20.55 -10.33 11.62
CA ILE A 484 -19.41 -9.43 11.46
C ILE A 484 -19.88 -8.12 10.85
N SER A 485 -19.39 -7.01 11.39
CA SER A 485 -19.66 -5.69 10.83
C SER A 485 -18.48 -5.22 9.99
N SER A 486 -18.73 -4.20 9.18
CA SER A 486 -17.62 -3.63 8.42
C SER A 486 -16.60 -3.00 9.36
N PHE A 487 -17.04 -2.40 10.48
CA PHE A 487 -16.09 -1.84 11.43
C PHE A 487 -15.15 -2.91 11.97
N ASP A 488 -15.69 -4.13 12.20
CA ASP A 488 -14.84 -5.24 12.66
C ASP A 488 -13.68 -5.45 11.72
N TYR A 489 -13.95 -5.44 10.41
CA TYR A 489 -12.89 -5.69 9.45
C TYR A 489 -11.97 -4.49 9.31
N GLU A 490 -12.47 -3.27 9.53
CA GLU A 490 -11.55 -2.14 9.58
C GLU A 490 -10.53 -2.33 10.70
N LEU A 491 -10.98 -2.80 11.86
CA LEU A 491 -10.04 -3.06 12.95
C LEU A 491 -9.03 -4.13 12.57
N ILE A 492 -9.48 -5.21 11.91
CA ILE A 492 -8.54 -6.23 11.45
C ILE A 492 -7.51 -5.62 10.52
N LYS A 493 -7.97 -4.79 9.58
N LYS A 493 -7.97 -4.77 9.58
CA LYS A 493 -7.03 -4.15 8.65
CA LYS A 493 -7.04 -4.15 8.65
C LYS A 493 -6.00 -3.33 9.40
C LYS A 493 -6.00 -3.31 9.39
N ALA A 494 -6.45 -2.51 10.36
CA ALA A 494 -5.52 -1.71 11.16
C ALA A 494 -4.44 -2.60 11.76
N GLU A 495 -4.86 -3.69 12.41
CA GLU A 495 -3.90 -4.54 13.09
C GLU A 495 -3.00 -5.25 12.09
N GLU A 496 -3.59 -5.78 11.02
CA GLU A 496 -2.80 -6.53 10.04
C GLU A 496 -1.82 -5.62 9.32
N MET A 497 -2.21 -4.38 9.03
CA MET A 497 -1.26 -3.44 8.43
C MET A 497 -0.06 -3.23 9.34
N LEU A 498 -0.32 -2.95 10.62
CA LEU A 498 0.79 -2.68 11.53
C LEU A 498 1.65 -3.92 11.71
N GLN A 499 1.01 -5.10 11.82
CA GLN A 499 1.75 -6.35 11.92
C GLN A 499 2.68 -6.54 10.73
N ARG A 500 2.16 -6.30 9.53
CA ARG A 500 2.97 -6.50 8.32
C ARG A 500 4.07 -5.45 8.22
N GLU A 501 3.74 -4.19 8.53
CA GLU A 501 4.77 -3.16 8.55
C GLU A 501 5.86 -3.49 9.55
N THR A 502 5.49 -3.98 10.74
CA THR A 502 6.47 -4.32 11.76
C THR A 502 7.33 -5.49 11.31
N ALA A 503 6.73 -6.43 10.57
CA ALA A 503 7.48 -7.59 10.11
C ALA A 503 8.63 -7.16 9.22
N VAL A 504 8.42 -6.11 8.42
CA VAL A 504 9.45 -5.60 7.53
C VAL A 504 10.62 -5.09 8.36
N TYR A 505 10.32 -4.34 9.43
CA TYR A 505 11.38 -3.75 10.25
C TYR A 505 12.11 -4.80 11.05
N VAL A 506 11.42 -5.85 11.51
CA VAL A 506 12.10 -6.99 12.13
C VAL A 506 13.18 -7.52 11.18
N ALA A 507 12.82 -7.73 9.90
CA ALA A 507 13.78 -8.21 8.93
C ALA A 507 14.96 -7.26 8.77
N PHE A 508 14.69 -5.93 8.70
CA PHE A 508 15.78 -4.98 8.53
C PHE A 508 16.65 -4.91 9.78
N ALA A 509 16.04 -5.00 10.96
CA ALA A 509 16.84 -4.97 12.17
C ALA A 509 17.79 -6.16 12.20
N ALA A 510 17.29 -7.33 11.83
CA ALA A 510 18.13 -8.53 11.76
C ALA A 510 19.25 -8.35 10.74
N ARG A 511 18.91 -7.83 9.57
CA ARG A 511 19.92 -7.56 8.55
C ARG A 511 21.00 -6.62 9.09
N HIS A 512 20.59 -5.50 9.70
CA HIS A 512 21.58 -4.54 10.17
C HIS A 512 22.45 -5.15 11.26
N LEU A 513 21.86 -5.84 12.22
CA LEU A 513 22.68 -6.47 13.26
C LEU A 513 23.61 -7.52 12.67
N SER A 514 23.13 -8.27 11.69
CA SER A 514 23.96 -9.32 11.11
C SER A 514 25.09 -8.75 10.24
N SER A 515 24.87 -7.56 9.69
CA SER A 515 25.67 -7.10 8.55
C SER A 515 27.14 -6.98 8.89
N GLN A 516 27.48 -6.59 10.11
CA GLN A 516 28.86 -6.43 10.52
C GLN A 516 29.31 -7.44 11.56
N THR A 517 28.42 -8.30 12.06
CA THR A 517 28.82 -9.29 13.06
C THR A 517 29.09 -10.66 12.48
N VAL A 518 28.40 -11.04 11.41
CA VAL A 518 28.52 -12.40 10.87
C VAL A 518 28.66 -12.35 9.36
N GLU A 519 29.24 -13.41 8.81
CA GLU A 519 29.22 -13.67 7.39
C GLU A 519 28.45 -14.96 7.19
N LEU A 520 27.24 -14.85 6.68
CA LEU A 520 26.41 -16.01 6.46
C LEU A 520 26.80 -16.68 5.14
N ASP A 521 26.34 -17.90 4.95
CA ASP A 521 26.47 -18.56 3.67
C ASP A 521 25.09 -18.95 3.16
N SER A 522 25.06 -19.54 1.96
CA SER A 522 23.78 -19.84 1.34
C SER A 522 22.99 -20.88 2.13
N GLU A 523 23.67 -21.78 2.85
CA GLU A 523 22.97 -22.79 3.65
C GLU A 523 22.56 -22.28 5.04
N ASN A 524 23.13 -21.16 5.48
CA ASN A 524 22.82 -20.55 6.78
C ASN A 524 22.58 -19.06 6.57
N SER A 525 21.56 -18.74 5.77
CA SER A 525 21.38 -17.37 5.31
C SER A 525 20.47 -16.54 6.20
N ASP A 526 19.87 -17.14 7.22
CA ASP A 526 18.97 -16.42 8.12
C ASP A 526 19.70 -16.20 9.43
N PHE A 527 20.18 -14.97 9.62
CA PHE A 527 20.86 -14.58 10.87
C PHE A 527 20.06 -14.99 12.10
N LEU A 528 18.75 -14.75 12.09
CA LEU A 528 17.93 -14.99 13.27
C LEU A 528 17.84 -16.47 13.64
N LEU A 529 18.14 -17.37 12.72
CA LEU A 529 18.05 -18.78 13.02
C LEU A 529 19.38 -19.39 13.45
N LEU A 530 20.45 -18.58 13.51
CA LEU A 530 21.71 -19.10 14.05
C LEU A 530 21.53 -19.48 15.51
N LYS A 531 22.28 -20.49 15.94
CA LYS A 531 22.10 -21.10 17.24
C LYS A 531 23.19 -20.66 18.20
N PRO A 532 22.92 -20.68 19.51
CA PRO A 532 23.88 -20.14 20.48
C PRO A 532 25.19 -20.93 20.50
N LYS A 533 26.21 -20.31 21.11
CA LYS A 533 27.59 -20.76 20.97
C LYS A 533 27.81 -22.19 21.49
N GLY A 534 26.97 -22.68 22.38
CA GLY A 534 27.15 -24.02 22.90
C GLY A 534 26.42 -25.12 22.14
N THR A 535 25.88 -24.81 20.96
CA THR A 535 25.05 -25.77 20.25
C THR A 535 25.92 -26.75 19.47
N MET A 536 25.83 -28.02 19.82
CA MET A 536 26.61 -29.08 19.20
C MET A 536 25.78 -29.85 18.16
N ASP A 537 26.49 -30.48 17.23
CA ASP A 537 25.86 -31.27 16.18
C ASP A 537 25.05 -32.42 16.79
N LYS A 538 23.82 -32.61 16.31
CA LYS A 538 22.98 -33.63 16.92
C LYS A 538 23.50 -35.04 16.69
N ASN A 539 24.23 -35.27 15.60
CA ASN A 539 24.66 -36.62 15.23
C ASN A 539 26.10 -36.92 15.63
N ASP A 540 26.95 -35.90 15.74
CA ASP A 540 28.28 -36.06 16.32
C ASP A 540 28.46 -34.92 17.32
N LYS A 541 28.20 -35.22 18.59
CA LYS A 541 28.24 -34.22 19.65
C LYS A 541 29.64 -33.70 19.94
N ASN A 542 30.68 -34.20 19.25
CA ASN A 542 32.00 -33.59 19.40
C ASN A 542 32.14 -32.28 18.62
N LYS A 543 31.30 -32.06 17.61
CA LYS A 543 31.40 -30.89 16.76
C LYS A 543 30.30 -29.89 17.08
N LEU A 544 30.60 -28.60 16.87
CA LEU A 544 29.55 -27.61 16.91
C LEU A 544 28.56 -27.85 15.76
N ALA A 545 27.31 -27.50 15.99
CA ALA A 545 26.31 -27.62 14.93
C ALA A 545 26.68 -26.69 13.78
N SER A 546 26.25 -27.07 12.56
CA SER A 546 26.62 -26.27 11.39
C SER A 546 26.06 -24.87 11.49
N ASN A 547 24.95 -24.68 12.22
CA ASN A 547 24.34 -23.37 12.37
C ASN A 547 24.72 -22.69 13.69
N ASN A 548 25.77 -23.17 14.35
CA ASN A 548 26.27 -22.53 15.55
C ASN A 548 26.83 -21.16 15.20
N ILE A 549 26.45 -20.14 15.99
CA ILE A 549 26.81 -18.76 15.66
C ILE A 549 28.32 -18.60 15.56
N LEU A 550 29.10 -19.39 16.32
CA LEU A 550 30.55 -19.27 16.27
C LEU A 550 31.09 -19.48 14.86
N ASN A 551 30.43 -20.30 14.05
CA ASN A 551 30.92 -20.60 12.71
C ASN A 551 30.82 -19.40 11.76
N PHE A 552 30.15 -18.33 12.16
CA PHE A 552 29.85 -17.25 11.24
C PHE A 552 30.39 -15.91 11.70
N LEU A 553 30.95 -15.82 12.90
CA LEU A 553 31.45 -14.55 13.41
C LEU A 553 32.54 -14.00 12.53
N LYS A 554 32.45 -12.70 12.23
CA LYS A 554 33.44 -12.01 11.41
C LYS A 554 34.69 -11.68 12.20
N ASP A 555 34.54 -11.41 13.50
CA ASP A 555 35.63 -10.99 14.36
C ASP A 555 35.18 -10.98 15.81
N LYS A 556 35.31 -12.12 16.48
CA LYS A 556 34.84 -12.25 17.85
C LYS A 556 35.54 -11.28 18.79
N GLU A 557 36.75 -10.84 18.46
CA GLU A 557 37.50 -9.96 19.37
C GLU A 557 36.98 -8.53 19.38
N THR A 558 36.37 -8.06 18.28
CA THR A 558 35.79 -6.72 18.26
C THR A 558 34.27 -6.77 18.30
N LEU A 559 33.69 -7.92 18.62
CA LEU A 559 32.25 -8.13 18.53
C LEU A 559 31.47 -7.12 19.37
N ARG A 560 31.85 -6.93 20.63
CA ARG A 560 31.12 -5.98 21.47
C ARG A 560 31.20 -4.57 20.91
N ASP A 561 32.40 -4.14 20.49
CA ASP A 561 32.51 -2.79 19.95
C ASP A 561 31.76 -2.66 18.63
N THR A 562 31.72 -3.74 17.83
CA THR A 562 30.93 -3.71 16.60
C THR A 562 29.44 -3.56 16.90
N ILE A 563 28.93 -4.35 17.85
CA ILE A 563 27.52 -4.23 18.24
C ILE A 563 27.22 -2.82 18.71
N LEU A 564 28.11 -2.24 19.51
CA LEU A 564 27.82 -0.94 20.10
C LEU A 564 27.86 0.20 19.08
N GLN A 565 28.35 -0.04 17.85
CA GLN A 565 28.19 0.97 16.81
C GLN A 565 26.72 1.31 16.61
N TYR A 566 25.83 0.32 16.76
CA TYR A 566 24.40 0.50 16.62
C TYR A 566 23.75 1.08 17.87
N PHE A 567 24.50 1.17 18.96
CA PHE A 567 24.08 1.88 20.16
C PHE A 567 24.89 3.16 20.33
N GLY A 568 25.28 3.76 19.21
CA GLY A 568 25.87 5.08 19.19
C GLY A 568 27.38 5.12 19.34
N GLY A 569 28.04 3.97 19.40
CA GLY A 569 29.48 3.89 19.53
C GLY A 569 29.91 3.42 20.91
N HIS A 570 30.91 2.53 20.94
CA HIS A 570 31.30 1.94 22.21
C HIS A 570 31.87 2.98 23.18
N SER A 571 32.29 4.14 22.67
CA SER A 571 32.79 5.20 23.54
C SER A 571 31.71 5.73 24.48
N LEU A 572 30.44 5.51 24.16
CA LEU A 572 29.36 5.94 25.03
C LEU A 572 29.04 4.93 26.13
N TRP A 573 29.72 3.78 26.13
CA TRP A 573 29.38 2.69 27.03
C TRP A 573 30.54 2.30 27.94
N THR A 574 31.55 3.16 28.05
CA THR A 574 32.72 2.84 28.88
C THR A 574 32.34 2.66 30.35
N ASP A 575 31.26 3.30 30.80
CA ASP A 575 30.81 3.24 32.18
C ASP A 575 29.76 2.17 32.42
N PHE A 576 29.45 1.34 31.42
CA PHE A 576 28.35 0.38 31.54
C PHE A 576 28.89 -0.96 32.05
N PRO A 577 28.33 -1.51 33.12
CA PRO A 577 28.87 -2.75 33.69
C PRO A 577 28.42 -3.99 32.91
N PHE A 578 29.01 -4.17 31.73
CA PHE A 578 28.65 -5.32 30.89
C PHE A 578 28.90 -6.62 31.62
N ASP A 579 29.96 -6.69 32.42
CA ASP A 579 30.33 -7.94 33.06
C ASP A 579 29.34 -8.33 34.15
N LYS A 580 28.62 -7.37 34.72
CA LYS A 580 27.54 -7.72 35.64
C LYS A 580 26.49 -8.57 34.93
N TYR A 581 26.26 -8.32 33.64
CA TYR A 581 25.25 -9.04 32.88
C TYR A 581 25.80 -10.21 32.09
N LEU A 582 27.05 -10.15 31.66
CA LEU A 582 27.70 -11.28 31.00
C LEU A 582 28.61 -12.01 31.98
N ALA A 583 27.99 -12.48 33.05
CA ALA A 583 28.67 -13.22 34.11
C ALA A 583 28.64 -14.71 33.81
N GLY A 584 29.41 -15.47 34.60
CA GLY A 584 29.63 -16.86 34.24
C GLY A 584 30.44 -16.95 32.97
N GLY A 585 30.21 -18.00 32.20
CA GLY A 585 30.89 -18.11 30.93
C GLY A 585 30.36 -17.24 29.83
N LYS A 586 29.36 -16.39 30.11
CA LYS A 586 28.75 -15.57 29.08
C LYS A 586 29.71 -14.45 28.66
N ASP A 587 29.81 -14.24 27.35
CA ASP A 587 30.72 -13.25 26.78
C ASP A 587 29.99 -12.46 25.70
N ASP A 588 30.74 -11.83 24.80
CA ASP A 588 30.13 -10.97 23.80
C ASP A 588 29.36 -11.76 22.74
N VAL A 589 29.66 -13.05 22.58
CA VAL A 589 28.85 -13.89 21.69
C VAL A 589 27.45 -14.08 22.26
N ASP A 590 27.34 -14.21 23.59
CA ASP A 590 26.02 -14.28 24.20
C ASP A 590 25.30 -12.94 24.13
N PHE A 591 26.06 -11.86 24.15
CA PHE A 591 25.50 -10.53 23.92
C PHE A 591 24.85 -10.47 22.54
N LEU A 592 25.60 -10.85 21.50
CA LEU A 592 25.04 -10.92 20.15
C LEU A 592 23.83 -11.84 20.08
N THR A 593 23.91 -12.99 20.76
CA THR A 593 22.83 -13.96 20.73
C THR A 593 21.58 -13.42 21.40
N ASP A 594 21.75 -12.66 22.47
CA ASP A 594 20.59 -12.11 23.15
C ASP A 594 19.88 -11.07 22.28
N LEU A 595 20.64 -10.19 21.64
CA LEU A 595 20.03 -9.22 20.73
C LEU A 595 19.34 -9.91 19.57
N LYS A 596 19.98 -10.94 18.99
CA LYS A 596 19.36 -11.76 17.97
C LYS A 596 18.06 -12.38 18.46
N ASP A 597 18.05 -12.86 19.71
CA ASP A 597 16.84 -13.46 20.28
C ASP A 597 15.74 -12.43 20.49
N VAL A 598 16.07 -11.21 20.91
CA VAL A 598 15.04 -10.20 21.03
C VAL A 598 14.37 -9.98 19.68
N ILE A 599 15.17 -9.80 18.63
CA ILE A 599 14.61 -9.51 17.32
C ILE A 599 13.79 -10.68 16.84
N TYR A 600 14.34 -11.89 16.96
CA TYR A 600 13.62 -13.08 16.54
C TYR A 600 12.27 -13.20 17.24
N SER A 601 12.20 -12.82 18.51
CA SER A 601 10.96 -12.97 19.25
C SER A 601 9.85 -12.11 18.69
N MET A 602 10.20 -11.09 17.90
CA MET A 602 9.18 -10.28 17.25
C MET A 602 8.77 -10.84 15.89
N ARG A 603 9.53 -11.76 15.33
CA ARG A 603 9.15 -12.33 14.04
C ARG A 603 7.98 -13.27 14.22
N ASN A 604 6.96 -13.13 13.37
CA ASN A 604 5.75 -13.94 13.49
C ASN A 604 5.12 -13.83 14.88
N ASP A 605 5.35 -12.71 15.55
CA ASP A 605 4.75 -12.45 16.86
C ASP A 605 3.38 -11.80 16.63
N SER A 606 2.33 -12.59 16.82
CA SER A 606 0.97 -12.14 16.52
C SER A 606 0.53 -11.07 17.49
N PHE A 607 -0.04 -9.97 16.97
CA PHE A 607 -0.65 -8.98 17.84
C PHE A 607 -1.97 -9.47 18.41
N HIS A 608 -2.61 -10.43 17.76
CA HIS A 608 -3.96 -10.87 18.09
C HIS A 608 -3.96 -11.96 19.15
N TYR A 609 -2.98 -12.86 19.11
CA TYR A 609 -2.95 -14.02 20.01
C TYR A 609 -1.68 -13.96 20.84
N ALA A 610 -1.84 -13.65 22.13
CA ALA A 610 -0.72 -13.61 23.07
C ALA A 610 -0.36 -15.04 23.48
N THR A 611 0.87 -15.45 23.21
CA THR A 611 1.28 -16.82 23.51
C THR A 611 2.04 -16.91 24.83
N HIS A 614 5.25 -14.34 25.28
CA HIS A 614 5.00 -12.97 24.84
C HIS A 614 5.66 -11.96 25.76
N ASN A 615 5.29 -12.01 27.05
CA ASN A 615 5.88 -11.19 28.09
C ASN A 615 6.96 -11.94 28.86
N ASN A 616 7.45 -13.06 28.33
CA ASN A 616 8.48 -13.88 28.97
C ASN A 616 9.63 -14.06 27.97
N GLY A 617 10.45 -13.01 27.83
CA GLY A 617 11.60 -13.12 26.95
C GLY A 617 12.68 -14.00 27.55
N LYS A 618 13.26 -14.87 26.71
CA LYS A 618 14.30 -15.79 27.13
C LYS A 618 15.67 -15.12 27.27
N TRP A 619 15.85 -13.96 26.65
CA TRP A 619 17.13 -13.26 26.69
C TRP A 619 17.35 -12.66 28.07
N ASN A 620 18.49 -11.98 28.21
CA ASN A 620 18.84 -11.29 29.44
C ASN A 620 18.05 -9.99 29.50
N LYS A 621 16.86 -10.06 30.09
CA LYS A 621 16.01 -8.87 30.16
C LYS A 621 16.65 -7.78 30.99
N GLU A 622 17.40 -8.15 32.02
CA GLU A 622 18.06 -7.14 32.82
C GLU A 622 19.09 -6.37 31.99
N LEU A 623 19.81 -7.08 31.13
CA LEU A 623 20.79 -6.40 30.29
C LEU A 623 20.12 -5.42 29.32
N ILE A 624 19.13 -5.90 28.58
CA ILE A 624 18.43 -5.04 27.61
C ILE A 624 17.80 -3.84 28.32
N SER A 625 17.14 -4.09 29.46
CA SER A 625 16.52 -3.02 30.22
C SER A 625 17.55 -2.00 30.70
N ALA A 626 18.71 -2.48 31.17
CA ALA A 626 19.75 -1.56 31.60
C ALA A 626 20.33 -0.78 30.44
N MET A 627 20.41 -1.40 29.27
CA MET A 627 20.87 -0.66 28.08
C MET A 627 19.86 0.41 27.69
N PHE A 628 18.57 0.09 27.78
CA PHE A 628 17.57 1.11 27.51
C PHE A 628 17.70 2.28 28.48
N GLU A 629 17.79 1.99 29.78
CA GLU A 629 17.93 3.08 30.73
C GLU A 629 19.18 3.89 30.44
N HIS A 630 20.28 3.21 30.09
CA HIS A 630 21.51 3.93 29.76
C HIS A 630 21.29 4.87 28.58
N GLU A 631 20.52 4.43 27.59
CA GLU A 631 20.25 5.29 26.44
C GLU A 631 19.33 6.44 26.79
N THR A 632 18.33 6.22 27.66
CA THR A 632 17.46 7.33 28.06
C THR A 632 18.28 8.42 28.74
N GLU A 633 19.34 8.04 29.45
CA GLU A 633 20.13 9.03 30.17
C GLU A 633 20.83 10.01 29.24
N ARG A 634 21.00 9.67 27.96
CA ARG A 634 21.67 10.60 27.07
C ARG A 634 20.70 11.49 26.29
N MET A 635 19.39 11.27 26.41
CA MET A 635 18.44 11.92 25.50
C MET A 635 18.43 13.43 25.65
N THR A 636 18.44 13.95 26.87
CA THR A 636 18.45 15.41 27.03
C THR A 636 19.73 16.00 26.46
N VAL A 637 20.86 15.33 26.66
CA VAL A 637 22.12 15.79 26.08
C VAL A 637 22.02 15.80 24.55
N VAL A 638 21.47 14.72 23.98
CA VAL A 638 21.37 14.62 22.52
C VAL A 638 20.50 15.74 21.97
N MET A 639 19.37 15.99 22.62
CA MET A 639 18.44 16.99 22.08
C MET A 639 19.02 18.40 22.20
N LYS A 640 19.70 18.69 23.32
CA LYS A 640 20.35 20.00 23.44
C LYS A 640 21.51 20.11 22.46
N ASP A 641 22.23 19.02 22.22
CA ASP A 641 23.31 19.04 21.26
C ASP A 641 22.81 19.31 19.84
N LYS A 642 21.58 18.88 19.52
CA LYS A 642 21.05 19.20 18.19
C LYS A 642 20.77 20.69 18.04
N PHE A 643 20.38 21.37 19.13
CA PHE A 643 20.33 22.83 19.09
C PHE A 643 21.71 23.39 18.76
N TYR A 644 22.73 22.91 19.46
CA TYR A 644 24.09 23.40 19.25
C TYR A 644 24.57 23.09 17.84
N SER A 645 24.44 21.83 17.41
CA SER A 645 24.95 21.44 16.10
C SER A 645 24.19 22.12 14.97
N ASN A 646 22.95 22.53 15.20
CA ASN A 646 22.19 23.27 14.21
C ASN A 646 22.46 24.77 14.28
N ASN A 647 23.41 25.18 15.13
CA ASN A 647 23.93 26.54 15.23
C ASN A 647 22.96 27.52 15.87
N LEU A 648 21.99 27.03 16.64
CA LEU A 648 21.07 27.96 17.31
C LEU A 648 21.79 28.87 18.30
N PRO A 649 22.78 28.42 19.07
CA PRO A 649 23.49 29.37 19.95
C PRO A 649 24.40 30.32 19.21
N MET A 650 24.50 30.22 17.88
CA MET A 650 25.18 31.24 17.10
C MET A 650 24.32 32.47 16.90
N PHE A 651 23.01 32.36 17.12
CA PHE A 651 22.09 33.44 16.83
C PHE A 651 21.17 33.82 17.98
N TYR A 652 21.11 33.03 19.05
CA TYR A 652 20.24 33.34 20.17
C TYR A 652 20.99 33.09 21.48
N LYS A 653 20.50 33.72 22.55
CA LYS A 653 21.11 33.58 23.85
C LYS A 653 20.86 32.18 24.42
N ASN A 654 21.90 31.60 25.03
CA ASN A 654 21.78 30.29 25.64
C ASN A 654 20.57 30.21 26.57
N ASP A 655 20.34 31.26 27.36
CA ASP A 655 19.25 31.25 28.34
C ASP A 655 17.88 31.18 27.67
N ASP A 656 17.69 31.94 26.58
CA ASP A 656 16.47 31.83 25.80
C ASP A 656 16.31 30.45 25.19
N LEU A 657 17.41 29.88 24.69
CA LEU A 657 17.36 28.51 24.15
C LEU A 657 17.10 27.49 25.25
N LYS A 658 17.63 27.75 26.45
CA LYS A 658 17.35 26.83 27.56
C LYS A 658 15.87 26.80 27.87
N LYS A 659 15.23 27.98 27.91
CA LYS A 659 13.80 28.03 28.15
C LYS A 659 13.05 27.19 27.11
N LEU A 660 13.40 27.38 25.84
CA LEU A 660 12.79 26.61 24.77
C LEU A 660 13.06 25.12 24.94
N LEU A 661 14.32 24.75 25.20
CA LEU A 661 14.69 23.35 25.37
C LEU A 661 13.84 22.68 26.43
N ILE A 662 13.66 23.35 27.57
CA ILE A 662 12.85 22.77 28.64
C ILE A 662 11.41 22.65 28.17
N ASP A 663 10.88 23.67 27.50
CA ASP A 663 9.52 23.61 26.99
C ASP A 663 9.32 22.42 26.05
N LEU A 664 10.28 22.20 25.14
CA LEU A 664 10.09 21.20 24.10
C LEU A 664 10.26 19.78 24.62
N TYR A 665 11.16 19.56 25.58
CA TYR A 665 11.61 18.22 25.89
C TYR A 665 11.31 17.77 27.32
N LYS A 666 10.61 18.59 28.11
CA LYS A 666 10.25 18.21 29.47
C LYS A 666 9.33 17.00 29.49
N ASP A 667 8.48 16.86 28.48
CA ASP A 667 7.58 15.71 28.37
C ASP A 667 7.78 15.06 27.02
N ASN A 668 7.75 13.73 27.00
CA ASN A 668 7.75 13.03 25.72
C ASN A 668 6.46 13.36 24.97
N VAL A 669 6.59 13.65 23.69
CA VAL A 669 5.47 14.09 22.85
C VAL A 669 5.09 12.94 21.93
N GLU A 670 3.83 12.52 21.99
CA GLU A 670 3.28 11.53 21.07
C GLU A 670 2.64 12.27 19.90
N ARG A 671 3.24 12.17 18.72
CA ARG A 671 2.71 12.85 17.56
C ARG A 671 1.49 12.14 17.00
N ALA A 672 0.55 12.93 16.50
CA ALA A 672 -0.64 12.40 15.86
C ALA A 672 -0.42 12.30 14.37
N SER A 673 -0.99 11.27 13.77
CA SER A 673 -0.87 11.14 12.33
C SER A 673 -1.80 12.12 11.62
N GLN A 674 -1.60 12.23 10.31
N GLN A 674 -1.58 12.26 10.32
CA GLN A 674 -2.44 13.04 9.42
CA GLN A 674 -2.41 13.01 9.37
C GLN A 674 -2.59 14.47 9.94
C GLN A 674 -2.27 14.52 9.54
N VAL A 675 -1.51 14.99 10.50
CA VAL A 675 -1.26 16.42 10.60
C VAL A 675 -0.21 16.78 9.55
N PRO A 676 -0.42 17.81 8.73
CA PRO A 676 0.59 18.18 7.74
C PRO A 676 1.98 18.31 8.36
N SER A 677 2.98 17.80 7.65
CA SER A 677 4.34 17.85 8.18
C SER A 677 4.80 19.30 8.26
N PHE A 678 5.73 19.56 9.17
CA PHE A 678 6.31 20.90 9.26
C PHE A 678 6.84 21.31 7.89
N ASN A 679 7.51 20.39 7.20
CA ASN A 679 8.18 20.69 5.94
C ASN A 679 7.22 20.99 4.81
N LYS A 680 5.96 20.60 4.91
CA LYS A 680 4.95 20.99 3.94
C LYS A 680 4.29 22.31 4.30
N VAL A 681 4.13 22.59 5.59
CA VAL A 681 3.59 23.88 6.02
C VAL A 681 4.60 25.00 5.77
N PHE A 682 5.87 24.73 6.07
CA PHE A 682 6.97 25.67 5.88
C PHE A 682 7.91 25.02 4.87
N VAL A 683 7.68 25.31 3.59
CA VAL A 683 8.51 24.74 2.53
C VAL A 683 9.91 25.33 2.64
N ARG A 684 10.93 24.47 2.69
CA ARG A 684 12.27 24.97 2.93
C ARG A 684 12.69 26.02 1.90
N LYS A 685 12.41 25.76 0.62
CA LYS A 685 12.82 26.70 -0.41
C LYS A 685 12.23 28.09 -0.18
N ASN A 686 11.01 28.18 0.36
CA ASN A 686 10.35 29.47 0.57
C ASN A 686 10.63 30.07 1.95
N PHE A 687 11.34 29.34 2.82
CA PHE A 687 11.47 29.73 4.23
C PHE A 687 12.15 31.08 4.41
N PRO A 688 13.33 31.36 3.82
CA PRO A 688 13.97 32.66 4.10
C PRO A 688 13.08 33.83 3.73
N ALA A 689 12.45 33.78 2.55
CA ALA A 689 11.52 34.85 2.18
C ALA A 689 10.35 34.93 3.15
N LEU A 690 9.89 33.79 3.68
CA LEU A 690 8.73 33.82 4.55
C LEU A 690 9.05 34.46 5.89
N VAL A 691 10.21 34.15 6.48
CA VAL A 691 10.49 34.71 7.80
C VAL A 691 10.83 36.18 7.70
N ARG A 692 11.40 36.62 6.57
CA ARG A 692 11.69 38.04 6.37
C ARG A 692 10.45 38.86 6.10
N ASP A 693 9.38 38.24 5.60
CA ASP A 693 8.16 38.96 5.29
C ASP A 693 7.64 39.68 6.52
N LYS A 694 7.40 40.98 6.39
CA LYS A 694 7.02 41.76 7.56
C LYS A 694 5.59 41.50 8.00
N ASP A 695 4.75 40.94 7.13
CA ASP A 695 3.42 40.52 7.57
C ASP A 695 3.49 39.27 8.44
N ASN A 696 4.55 38.48 8.29
CA ASN A 696 4.71 37.27 9.06
C ASN A 696 5.56 37.53 10.30
N LEU A 697 6.88 37.43 10.17
CA LEU A 697 7.78 37.61 11.29
C LEU A 697 8.70 38.81 11.16
N GLY A 698 9.03 39.23 9.94
CA GLY A 698 9.87 40.40 9.76
C GLY A 698 11.28 40.22 10.29
N ILE A 699 11.77 38.98 10.36
CA ILE A 699 13.11 38.75 10.84
C ILE A 699 14.09 39.17 9.76
N GLU A 700 15.00 40.08 10.10
CA GLU A 700 16.14 40.34 9.23
C GLU A 700 17.40 40.30 10.06
N LEU A 701 18.34 39.46 9.64
CA LEU A 701 19.55 39.21 10.38
C LEU A 701 20.63 40.17 9.88
N ASP A 702 21.08 41.08 10.75
CA ASP A 702 22.12 42.04 10.40
C ASP A 702 23.47 41.36 10.48
N LEU A 703 24.11 41.20 9.33
CA LEU A 703 25.49 40.71 9.29
C LEU A 703 26.39 41.78 8.66
N ASP A 706 30.53 40.78 5.70
CA ASP A 706 31.93 40.52 5.37
C ASP A 706 32.09 39.26 4.50
N ALA A 707 33.09 38.44 4.83
CA ALA A 707 33.39 37.26 4.02
C ALA A 707 32.41 36.12 4.32
N ASP A 708 32.24 35.78 5.59
CA ASP A 708 31.37 34.67 5.97
C ASP A 708 29.90 35.08 6.03
N LYS A 709 29.51 36.08 5.25
CA LYS A 709 28.15 36.62 5.34
C LYS A 709 27.12 35.61 4.83
N GLY A 710 27.27 35.16 3.58
CA GLY A 710 26.31 34.21 3.02
C GLY A 710 26.28 32.90 3.77
N GLU A 711 27.46 32.41 4.18
CA GLU A 711 27.51 31.19 4.97
C GLU A 711 26.85 31.39 6.34
N ASN A 712 26.95 32.58 6.92
CA ASN A 712 26.27 32.83 8.19
C ASN A 712 24.78 32.98 7.99
N GLU A 713 24.37 33.63 6.90
CA GLU A 713 22.96 33.71 6.57
C GLU A 713 22.37 32.31 6.38
N LEU A 714 23.09 31.44 5.68
CA LEU A 714 22.61 30.08 5.48
C LEU A 714 22.55 29.31 6.79
N LYS A 715 23.57 29.44 7.63
CA LYS A 715 23.52 28.85 8.96
C LYS A 715 22.28 29.32 9.72
N PHE A 716 21.95 30.62 9.64
CA PHE A 716 20.80 31.14 10.38
C PHE A 716 19.50 30.53 9.89
N TYR A 717 19.26 30.54 8.58
CA TYR A 717 17.99 30.02 8.09
C TYR A 717 17.87 28.52 8.34
N ASN A 718 18.98 27.79 8.26
CA ASN A 718 18.99 26.38 8.60
C ASN A 718 18.71 26.18 10.09
N ALA A 719 19.28 27.04 10.94
CA ALA A 719 19.03 26.95 12.37
C ALA A 719 17.57 27.26 12.69
N LEU A 720 17.03 28.33 12.09
CA LEU A 720 15.64 28.68 12.33
C LEU A 720 14.71 27.59 11.85
N TYR A 721 15.03 26.98 10.70
CA TYR A 721 14.21 25.90 10.17
C TYR A 721 14.12 24.73 11.15
N TYR A 722 15.27 24.33 11.70
CA TYR A 722 15.28 23.24 12.67
C TYR A 722 14.54 23.63 13.94
N MET A 723 14.83 24.82 14.47
CA MET A 723 14.15 25.23 15.69
C MET A 723 12.64 25.30 15.50
N PHE A 724 12.18 25.91 14.40
CA PHE A 724 10.74 25.95 14.13
C PHE A 724 10.16 24.55 14.01
N LYS A 725 10.91 23.64 13.39
CA LYS A 725 10.41 22.28 13.25
C LYS A 725 10.19 21.65 14.62
N GLU A 726 11.18 21.78 15.51
CA GLU A 726 11.03 21.23 16.84
C GLU A 726 9.88 21.90 17.58
N ILE A 727 9.71 23.21 17.41
CA ILE A 727 8.60 23.90 18.06
C ILE A 727 7.27 23.42 17.51
N TYR A 728 7.20 23.24 16.19
CA TYR A 728 5.97 22.81 15.54
C TYR A 728 5.45 21.54 16.19
N TYR A 729 6.31 20.55 16.33
CA TYR A 729 5.84 19.26 16.81
C TYR A 729 5.69 19.23 18.31
N ASN A 730 6.61 19.86 19.05
CA ASN A 730 6.71 19.63 20.48
C ASN A 730 6.03 20.68 21.34
N ALA A 731 5.56 21.78 20.76
CA ALA A 731 4.87 22.82 21.53
C ALA A 731 3.63 23.32 20.80
N PHE A 732 3.76 23.56 19.49
CA PHE A 732 2.72 24.26 18.75
C PHE A 732 1.47 23.41 18.61
N LEU A 733 1.61 22.17 18.14
CA LEU A 733 0.42 21.43 17.73
C LEU A 733 -0.52 21.12 18.90
N ASN A 734 0.01 20.96 20.12
CA ASN A 734 -0.81 20.63 21.28
C ASN A 734 -1.20 21.85 22.11
N ASP A 735 -0.84 23.05 21.68
CA ASP A 735 -1.11 24.23 22.49
C ASP A 735 -2.59 24.58 22.44
N LYS A 736 -3.18 24.78 23.63
CA LYS A 736 -4.62 25.02 23.72
C LYS A 736 -5.02 26.31 23.00
N ASN A 737 -4.25 27.38 23.19
CA ASN A 737 -4.58 28.65 22.55
C ASN A 737 -4.46 28.55 21.04
N VAL A 738 -3.46 27.81 20.55
CA VAL A 738 -3.32 27.58 19.11
C VAL A 738 -4.60 26.99 18.54
N ARG A 739 -5.17 26.01 19.23
CA ARG A 739 -6.37 25.34 18.72
C ARG A 739 -7.53 26.31 18.60
N GLU A 740 -7.84 27.04 19.67
CA GLU A 740 -8.95 27.99 19.63
C GLU A 740 -8.77 29.04 18.54
N ARG A 741 -7.54 29.52 18.35
CA ARG A 741 -7.28 30.55 17.35
C ARG A 741 -7.28 29.99 15.93
N PHE A 742 -6.82 28.75 15.77
CA PHE A 742 -6.95 28.09 14.47
C PHE A 742 -8.42 27.98 14.07
N ILE A 743 -9.27 27.59 15.01
CA ILE A 743 -10.69 27.39 14.73
C ILE A 743 -11.35 28.71 14.36
N THR A 744 -11.00 29.77 15.09
CA THR A 744 -11.56 31.09 14.80
C THR A 744 -11.10 31.58 13.43
N LYS A 745 -9.79 31.59 13.18
CA LYS A 745 -9.27 32.05 11.91
C LYS A 745 -9.85 31.25 10.75
N ALA A 746 -9.99 29.94 10.91
CA ALA A 746 -10.67 29.11 9.92
C ALA A 746 -12.18 29.25 10.09
N ALA A 785 -15.14 27.70 -1.25
CA ALA A 785 -14.14 26.77 -0.71
C ALA A 785 -13.80 27.11 0.74
N GLU A 786 -13.42 28.36 0.98
CA GLU A 786 -13.08 28.76 2.33
C GLU A 786 -14.31 28.73 3.23
N ASN A 787 -15.48 29.07 2.69
CA ASN A 787 -16.71 28.89 3.45
C ASN A 787 -16.99 27.42 3.70
N ASP A 788 -16.73 26.58 2.69
CA ASP A 788 -16.87 25.13 2.86
C ASP A 788 -15.93 24.63 3.95
N PHE A 789 -14.64 24.91 3.81
CA PHE A 789 -13.64 24.60 4.82
C PHE A 789 -14.11 24.99 6.21
N GLY A 790 -14.45 26.27 6.40
CA GLY A 790 -14.87 26.71 7.73
C GLY A 790 -16.16 26.05 8.19
N GLN A 791 -17.05 25.73 7.26
CA GLN A 791 -18.29 25.05 7.63
C GLN A 791 -18.00 23.68 8.24
N ARG A 792 -17.14 22.90 7.59
CA ARG A 792 -16.84 21.57 8.13
C ARG A 792 -16.10 21.67 9.46
N ILE A 793 -15.22 22.66 9.61
CA ILE A 793 -14.55 22.88 10.89
C ILE A 793 -15.59 23.11 11.99
N LYS A 794 -16.55 23.99 11.72
CA LYS A 794 -17.57 24.26 12.74
C LYS A 794 -18.40 23.03 13.03
N ASN A 795 -18.73 22.26 11.98
CA ASN A 795 -19.42 20.99 12.20
C ASN A 795 -18.59 20.06 13.09
N ILE A 796 -17.28 19.96 12.80
CA ILE A 796 -16.41 19.07 13.56
C ILE A 796 -16.41 19.43 15.04
N VAL A 797 -16.17 20.72 15.35
CA VAL A 797 -16.13 21.12 16.76
C VAL A 797 -17.52 21.07 17.38
N GLN A 798 -18.56 21.28 16.57
CA GLN A 798 -19.92 21.08 17.07
C GLN A 798 -20.12 19.65 17.54
N VAL A 799 -19.67 18.67 16.75
CA VAL A 799 -19.89 17.27 17.09
C VAL A 799 -19.13 16.90 18.36
N ASN A 800 -17.91 17.40 18.52
CA ASN A 800 -17.18 17.19 19.77
C ASN A 800 -16.30 18.41 20.02
N PRO A 801 -16.63 19.22 21.03
CA PRO A 801 -15.81 20.41 21.31
C PRO A 801 -14.41 20.09 21.76
N ASP A 802 -14.16 18.87 22.27
CA ASP A 802 -12.87 18.51 22.82
C ASP A 802 -11.92 17.91 21.80
N TYR A 803 -12.27 17.89 20.52
CA TYR A 803 -11.36 17.39 19.49
C TYR A 803 -10.12 18.25 19.43
N THR A 804 -8.96 17.61 19.55
CA THR A 804 -7.70 18.32 19.44
C THR A 804 -7.55 18.91 18.04
N LEU A 805 -6.57 19.82 17.91
CA LEU A 805 -6.23 20.33 16.58
C LEU A 805 -5.85 19.19 15.65
N ALA A 806 -5.08 18.23 16.16
CA ALA A 806 -4.74 17.08 15.32
C ALA A 806 -6.00 16.38 14.84
N GLN A 807 -6.98 16.20 15.73
CA GLN A 807 -8.20 15.49 15.35
C GLN A 807 -9.05 16.29 14.38
N ILE A 808 -9.04 17.62 14.50
CA ILE A 808 -9.67 18.44 13.46
C ILE A 808 -8.97 18.24 12.12
N CYS A 809 -7.62 18.25 12.13
CA CYS A 809 -6.88 18.03 10.89
C CYS A 809 -7.20 16.68 10.28
N GLN A 810 -7.27 15.64 11.11
CA GLN A 810 -7.54 14.31 10.59
C GLN A 810 -8.92 14.23 9.96
N LEU A 811 -9.91 14.83 10.61
CA LEU A 811 -11.27 14.78 10.08
C LEU A 811 -11.40 15.61 8.82
N ILE A 812 -10.61 16.68 8.70
CA ILE A 812 -10.59 17.45 7.46
C ILE A 812 -9.93 16.64 6.34
N MET A 813 -8.77 16.05 6.61
CA MET A 813 -8.06 15.30 5.58
C MET A 813 -8.85 14.06 5.14
N THR A 814 -9.84 13.63 5.93
CA THR A 814 -10.78 12.59 5.53
C THR A 814 -11.98 13.19 4.81
N CYS A 823 -7.47 6.17 -6.64
CA CYS A 823 -6.60 5.78 -7.76
C CYS A 823 -5.33 5.10 -7.25
N MET A 824 -5.10 3.86 -7.68
CA MET A 824 -3.96 3.10 -7.18
C MET A 824 -2.63 3.63 -7.67
N GLN A 825 -2.62 4.35 -8.77
CA GLN A 825 -1.39 4.85 -9.35
C GLN A 825 -1.12 6.23 -8.81
N LYS A 826 0.08 6.44 -8.28
CA LYS A 826 0.51 7.79 -7.96
C LYS A 826 0.44 8.64 -9.22
N LYS A 827 0.00 9.89 -9.06
CA LYS A 827 -0.19 10.76 -10.21
C LYS A 827 1.07 11.57 -10.47
N SER A 828 1.53 11.54 -11.71
CA SER A 828 2.61 12.39 -12.17
C SER A 828 2.07 13.78 -12.50
N ALA A 829 2.97 14.69 -12.87
CA ALA A 829 2.58 16.00 -13.37
C ALA A 829 2.37 15.96 -14.88
N TYR A 842 -8.52 22.20 -0.20
CA TYR A 842 -8.75 21.79 1.19
C TYR A 842 -7.43 21.55 1.91
N LYS A 843 -6.49 20.92 1.22
CA LYS A 843 -5.16 20.76 1.80
C LYS A 843 -4.45 22.10 1.92
N MET A 844 -4.57 22.94 0.90
CA MET A 844 -3.92 24.25 0.95
C MET A 844 -4.48 25.11 2.07
N LEU A 845 -5.80 25.08 2.24
CA LEU A 845 -6.41 25.84 3.32
C LEU A 845 -5.91 25.36 4.67
N LEU A 846 -5.70 24.06 4.82
CA LEU A 846 -5.17 23.57 6.08
C LEU A 846 -3.72 24.06 6.28
N LEU A 847 -2.88 23.90 5.26
CA LEU A 847 -1.50 24.38 5.35
C LEU A 847 -1.45 25.87 5.64
N VAL A 848 -2.32 26.65 5.00
CA VAL A 848 -2.31 28.09 5.21
C VAL A 848 -2.70 28.42 6.66
N ASN A 849 -3.77 27.81 7.15
CA ASN A 849 -4.23 28.14 8.49
C ASN A 849 -3.22 27.68 9.55
N LEU A 850 -2.57 26.53 9.32
CA LEU A 850 -1.51 26.09 10.22
C LEU A 850 -0.33 27.05 10.18
N ARG A 851 0.07 27.48 8.97
CA ARG A 851 1.24 28.34 8.82
C ARG A 851 1.04 29.67 9.54
N LYS A 852 -0.16 30.24 9.42
CA LYS A 852 -0.43 31.51 10.09
C LYS A 852 -0.59 31.32 11.60
N ALA A 853 -1.26 30.24 12.02
CA ALA A 853 -1.34 29.96 13.46
C ALA A 853 0.05 29.79 14.06
N PHE A 854 0.97 29.16 13.34
CA PHE A 854 2.32 28.94 13.87
C PHE A 854 3.06 30.27 14.01
N LEU A 855 2.98 31.11 12.99
CA LEU A 855 3.68 32.39 13.07
C LEU A 855 3.17 33.20 14.26
N GLU A 856 1.85 33.19 14.49
CA GLU A 856 1.31 33.91 15.63
C GLU A 856 1.75 33.28 16.95
N PHE A 857 1.81 31.94 17.00
CA PHE A 857 2.31 31.24 18.17
C PHE A 857 3.73 31.66 18.51
N ILE A 858 4.59 31.77 17.49
CA ILE A 858 5.98 32.21 17.70
C ILE A 858 5.99 33.62 18.28
N LYS A 859 5.24 34.53 17.65
CA LYS A 859 5.20 35.92 18.11
C LYS A 859 4.69 36.01 19.55
N GLU A 860 3.74 35.15 19.93
CA GLU A 860 3.17 35.23 21.26
C GLU A 860 4.07 34.60 22.31
N ASN A 861 4.74 33.49 21.98
CA ASN A 861 5.38 32.67 23.00
C ASN A 861 6.90 32.63 22.92
N TYR A 862 7.47 32.89 21.75
CA TYR A 862 8.91 32.77 21.54
C TYR A 862 9.42 34.01 20.83
N ALA A 863 9.03 35.17 21.38
CA ALA A 863 9.33 36.45 20.74
C ALA A 863 10.83 36.65 20.57
N PHE A 864 11.66 36.02 21.43
CA PHE A 864 13.09 36.20 21.27
C PHE A 864 13.57 35.72 19.90
N VAL A 865 12.81 34.83 19.27
CA VAL A 865 13.13 34.36 17.93
C VAL A 865 13.22 35.51 16.94
N LEU A 866 12.39 36.55 17.12
CA LEU A 866 12.38 37.66 16.17
C LEU A 866 13.64 38.50 16.21
N LYS A 867 14.50 38.34 17.22
CA LYS A 867 15.67 39.20 17.39
C LYS A 867 16.96 38.39 17.43
N PRO A 868 17.32 37.74 16.31
CA PRO A 868 18.59 37.01 16.28
C PRO A 868 19.76 37.97 16.26
N TYR A 869 20.88 37.51 16.81
CA TYR A 869 22.12 38.28 16.77
C TYR A 869 23.27 37.29 16.64
N LYS A 870 24.00 37.37 15.53
CA LYS A 870 25.13 36.47 15.31
C LYS A 870 26.21 36.74 16.33
N HIS A 871 26.72 35.67 16.94
CA HIS A 871 27.86 35.76 17.84
C HIS A 871 28.62 34.44 17.80
N ASP A 872 29.68 34.36 18.60
CA ASP A 872 30.55 33.19 18.55
C ASP A 872 29.89 32.01 19.24
N LEU A 873 30.10 30.82 18.66
CA LEU A 873 29.65 29.59 19.31
C LEU A 873 30.45 29.36 20.59
N CYS A 874 29.75 29.06 21.67
CA CYS A 874 30.40 28.56 22.87
C CYS A 874 31.00 27.18 22.60
N ASP A 875 31.80 26.70 23.54
CA ASP A 875 32.19 25.29 23.49
C ASP A 875 30.95 24.43 23.67
N LYS A 876 30.91 23.29 22.97
CA LYS A 876 29.71 22.45 23.00
C LYS A 876 29.36 22.03 24.43
N ALA A 877 30.37 21.69 25.24
CA ALA A 877 30.12 21.29 26.61
C ALA A 877 29.65 22.44 27.47
N ASP A 878 29.85 23.69 27.02
CA ASP A 878 29.41 24.86 27.77
C ASP A 878 27.97 25.25 27.47
N PHE A 879 27.35 24.68 26.44
CA PHE A 879 26.00 25.08 26.05
C PHE A 879 24.99 24.36 26.93
N VAL A 880 24.30 25.12 27.77
CA VAL A 880 23.26 24.65 28.69
C VAL A 880 23.66 23.32 29.31
N PRO A 881 24.80 23.24 30.02
CA PRO A 881 25.19 21.96 30.63
C PRO A 881 24.27 21.55 31.77
N ASP A 882 23.46 22.47 32.29
CA ASP A 882 22.53 22.23 33.39
C ASP A 882 21.17 21.73 32.89
N PHE A 883 21.11 21.25 31.66
CA PHE A 883 19.82 20.99 31.01
C PHE A 883 19.12 19.77 31.61
N ALA A 884 19.86 18.67 31.78
CA ALA A 884 19.26 17.44 32.29
C ALA A 884 18.68 17.60 33.70
N LYS A 885 19.06 18.65 34.41
CA LYS A 885 18.58 18.86 35.77
C LYS A 885 17.12 19.30 35.79
N TYR A 886 16.65 19.96 34.73
CA TYR A 886 15.33 20.57 34.75
C TYR A 886 14.21 19.64 34.29
N VAL A 887 14.52 18.57 33.57
CA VAL A 887 13.51 17.71 32.97
C VAL A 887 13.86 16.24 33.19
N LYS A 888 12.83 15.39 33.29
CA LYS A 888 13.01 13.95 33.42
C LYS A 888 11.92 13.23 32.63
N PRO A 889 11.87 13.40 31.30
CA PRO A 889 10.77 12.82 30.53
C PRO A 889 10.70 11.29 30.55
N TYR A 890 11.81 10.59 30.77
CA TYR A 890 11.82 9.14 30.64
C TYR A 890 11.64 8.39 31.96
N ALA A 891 11.40 9.12 33.06
CA ALA A 891 11.39 8.48 34.38
C ALA A 891 10.45 7.27 34.42
N GLY A 892 9.20 7.45 34.02
CA GLY A 892 8.25 6.35 34.11
C GLY A 892 8.50 5.24 33.10
N LEU A 893 8.91 5.61 31.89
CA LEU A 893 9.14 4.62 30.85
C LEU A 893 10.22 3.63 31.23
N ILE A 894 11.25 4.09 31.97
CA ILE A 894 12.36 3.22 32.32
C ILE A 894 11.87 1.99 33.07
N SER A 895 11.08 2.20 34.13
CA SER A 895 10.58 1.05 34.90
C SER A 895 9.65 0.18 34.07
N ARG A 896 8.89 0.78 33.14
CA ARG A 896 7.97 -0.03 32.35
C ARG A 896 8.71 -0.90 31.35
N VAL A 897 9.80 -0.39 30.75
CA VAL A 897 10.61 -1.22 29.87
C VAL A 897 11.29 -2.33 30.68
N ALA A 898 11.74 -2.02 31.90
CA ALA A 898 12.37 -3.05 32.73
C ALA A 898 11.45 -4.24 32.92
N GLY A 899 10.16 -3.99 33.10
CA GLY A 899 9.20 -5.05 33.36
C GLY A 899 8.45 -5.57 32.15
N SER A 900 8.85 -5.22 30.93
CA SER A 900 8.12 -5.61 29.73
C SER A 900 9.09 -6.18 28.68
N SER A 901 9.02 -7.50 28.48
CA SER A 901 9.68 -8.12 27.33
C SER A 901 9.21 -7.51 26.01
N GLU A 902 7.92 -7.16 25.91
CA GLU A 902 7.41 -6.63 24.65
C GLU A 902 7.96 -5.25 24.35
N LEU A 903 8.03 -4.37 25.36
CA LEU A 903 8.67 -3.07 25.15
C LEU A 903 10.13 -3.26 24.74
N GLN A 904 10.82 -4.23 25.35
CA GLN A 904 12.20 -4.48 24.95
C GLN A 904 12.32 -4.87 23.49
N LYS A 905 11.35 -5.64 22.98
CA LYS A 905 11.37 -5.97 21.55
C LYS A 905 11.24 -4.73 20.68
N TRP A 906 10.25 -3.87 20.97
CA TRP A 906 10.09 -2.65 20.18
C TRP A 906 11.36 -1.82 20.23
N TYR A 907 11.99 -1.78 21.41
CA TYR A 907 13.25 -1.07 21.56
C TYR A 907 14.32 -1.61 20.62
N ILE A 908 14.66 -2.89 20.77
CA ILE A 908 15.78 -3.44 20.00
C ILE A 908 15.47 -3.42 18.50
N VAL A 909 14.25 -3.80 18.10
CA VAL A 909 13.95 -3.81 16.67
C VAL A 909 14.06 -2.41 16.08
N SER A 910 13.42 -1.41 16.72
CA SER A 910 13.48 -0.07 16.14
C SER A 910 14.89 0.51 16.23
N ARG A 911 15.63 0.13 17.28
CA ARG A 911 16.94 0.72 17.50
C ARG A 911 17.94 0.30 16.42
N PHE A 912 17.73 -0.87 15.80
CA PHE A 912 18.64 -1.36 14.76
C PHE A 912 18.22 -0.93 13.36
N LEU A 913 17.31 0.02 13.25
CA LEU A 913 16.90 0.52 11.94
C LEU A 913 17.73 1.74 11.56
N SER A 914 17.71 2.07 10.26
CA SER A 914 18.20 3.38 9.87
C SER A 914 17.28 4.45 10.47
N PRO A 915 17.77 5.68 10.61
CA PRO A 915 16.90 6.76 11.10
C PRO A 915 15.65 6.92 10.26
N ALA A 916 15.76 6.83 8.94
CA ALA A 916 14.59 6.97 8.09
C ALA A 916 13.62 5.84 8.32
N GLN A 917 14.13 4.63 8.50
CA GLN A 917 13.26 3.48 8.75
C GLN A 917 12.58 3.61 10.10
N ALA A 918 13.33 4.03 11.13
CA ALA A 918 12.69 4.18 12.44
C ALA A 918 11.61 5.24 12.38
N ASN A 919 11.87 6.33 11.63
CA ASN A 919 10.85 7.36 11.47
C ASN A 919 9.62 6.80 10.79
N HIS A 920 9.82 6.01 9.73
CA HIS A 920 8.70 5.36 9.06
C HIS A 920 7.94 4.43 10.01
N MET A 921 8.67 3.63 10.80
CA MET A 921 8.03 2.76 11.77
C MET A 921 7.19 3.57 12.75
N LEU A 922 7.72 4.69 13.24
CA LEU A 922 6.95 5.55 14.11
C LEU A 922 5.70 6.06 13.42
N GLY A 923 5.83 6.43 12.14
CA GLY A 923 4.67 6.90 11.39
C GLY A 923 3.60 5.83 11.24
N PHE A 924 4.01 4.57 11.07
CA PHE A 924 3.05 3.49 10.96
C PHE A 924 2.32 3.27 12.29
N LEU A 925 3.04 3.40 13.39
CA LEU A 925 2.39 3.33 14.68
C LEU A 925 1.34 4.42 14.82
N HIS A 926 1.71 5.65 14.45
CA HIS A 926 0.74 6.75 14.51
C HIS A 926 -0.47 6.48 13.65
N SER A 927 -0.25 5.98 12.43
CA SER A 927 -1.36 5.70 11.52
C SER A 927 -2.25 4.61 12.08
N TYR A 928 -1.65 3.59 12.69
CA TYR A 928 -2.43 2.55 13.37
C TYR A 928 -3.32 3.16 14.44
N LYS A 929 -2.73 3.99 15.32
CA LYS A 929 -3.50 4.50 16.45
C LYS A 929 -4.66 5.35 15.98
N GLN A 930 -4.43 6.19 14.97
CA GLN A 930 -5.48 7.06 14.46
C GLN A 930 -6.57 6.26 13.78
N TYR A 931 -6.20 5.22 13.02
CA TYR A 931 -7.19 4.39 12.34
C TYR A 931 -8.09 3.70 13.35
N VAL A 932 -7.50 3.10 14.38
CA VAL A 932 -8.31 2.44 15.39
C VAL A 932 -9.24 3.44 16.06
N TRP A 933 -8.72 4.62 16.41
CA TRP A 933 -9.58 5.65 17.00
C TRP A 933 -10.73 6.01 16.07
N ASP A 934 -10.43 6.15 14.78
CA ASP A 934 -11.44 6.59 13.83
C ASP A 934 -12.53 5.54 13.65
N ILE A 935 -12.14 4.26 13.67
CA ILE A 935 -13.12 3.18 13.56
C ILE A 935 -14.07 3.19 14.75
N TYR A 936 -13.50 3.26 15.96
CA TYR A 936 -14.35 3.28 17.14
C TYR A 936 -15.23 4.52 17.14
N ARG A 937 -14.69 5.65 16.69
CA ARG A 937 -15.48 6.87 16.59
C ARG A 937 -16.69 6.66 15.70
N ARG A 938 -16.49 6.06 14.53
CA ARG A 938 -17.58 5.87 13.59
C ARG A 938 -18.51 4.76 14.03
N ALA A 939 -17.97 3.68 14.62
CA ALA A 939 -18.84 2.68 15.23
C ALA A 939 -19.71 3.31 16.30
N SER A 940 -19.11 4.17 17.12
CA SER A 940 -19.86 4.80 18.22
C SER A 940 -20.98 5.68 17.69
N GLU A 941 -20.69 6.51 16.70
CA GLU A 941 -21.68 7.49 16.24
C GLU A 941 -22.84 6.81 15.53
N THR A 942 -22.62 5.63 14.93
CA THR A 942 -23.66 4.84 14.30
C THR A 942 -24.32 3.85 15.25
N GLY A 943 -23.92 3.85 16.50
CA GLY A 943 -24.52 2.96 17.48
C GLY A 943 -24.24 1.50 17.21
N THR A 944 -23.08 1.20 16.63
CA THR A 944 -22.74 -0.16 16.28
C THR A 944 -21.95 -0.76 17.42
N GLU A 945 -22.49 -1.82 18.04
CA GLU A 945 -21.75 -2.59 19.02
C GLU A 945 -20.46 -3.08 18.42
N ILE A 946 -19.39 -2.96 19.19
CA ILE A 946 -18.08 -3.34 18.67
C ILE A 946 -17.26 -3.95 19.80
N ASN A 947 -16.81 -5.18 19.60
CA ASN A 947 -15.93 -5.82 20.55
C ASN A 947 -14.57 -5.13 20.50
N HIS A 948 -14.10 -4.68 21.66
CA HIS A 948 -12.82 -3.98 21.76
C HIS A 948 -11.65 -4.94 21.90
N SER A 949 -11.63 -6.00 21.09
CA SER A 949 -10.47 -6.90 21.04
C SER A 949 -9.21 -6.14 20.65
N ILE A 950 -9.36 -5.10 19.86
CA ILE A 950 -8.26 -4.23 19.47
C ILE A 950 -8.44 -2.93 20.24
N ALA A 951 -7.53 -2.65 21.17
CA ALA A 951 -7.66 -1.48 22.03
C ALA A 951 -7.19 -0.22 21.30
N GLU A 952 -7.68 0.93 21.76
CA GLU A 952 -7.21 2.21 21.24
C GLU A 952 -5.86 2.61 21.82
N ASP A 953 -5.52 2.12 23.01
CA ASP A 953 -4.39 2.65 23.77
C ASP A 953 -3.28 1.64 23.99
N LYS A 954 -3.44 0.41 23.52
CA LYS A 954 -2.43 -0.61 23.74
C LYS A 954 -2.27 -1.45 22.49
N ILE A 955 -1.09 -2.06 22.36
CA ILE A 955 -0.78 -2.97 21.27
C ILE A 955 0.02 -4.11 21.88
N ALA A 956 -0.41 -5.35 21.61
CA ALA A 956 0.30 -6.53 22.09
C ALA A 956 0.54 -6.44 23.60
N GLY A 957 -0.42 -5.87 24.31
CA GLY A 957 -0.39 -5.78 25.75
C GLY A 957 0.28 -4.55 26.35
N VAL A 958 0.90 -3.70 25.54
CA VAL A 958 1.66 -2.58 26.07
C VAL A 958 1.09 -1.28 25.55
N ASP A 959 1.29 -0.21 26.33
CA ASP A 959 0.71 1.09 26.00
C ASP A 959 1.34 1.62 24.72
N ILE A 960 0.49 2.05 23.77
CA ILE A 960 1.01 2.63 22.55
C ILE A 960 1.87 3.85 22.84
N THR A 961 1.50 4.63 23.86
CA THR A 961 2.32 5.80 24.23
C THR A 961 3.73 5.38 24.63
N ASP A 962 3.89 4.23 25.28
CA ASP A 962 5.23 3.74 25.61
C ASP A 962 5.95 3.27 24.36
N VAL A 963 5.25 2.53 23.49
CA VAL A 963 5.87 2.08 22.26
C VAL A 963 6.35 3.26 21.46
N ASP A 964 5.49 4.28 21.36
CA ASP A 964 5.82 5.51 20.67
C ASP A 964 7.11 6.12 21.21
N ALA A 965 7.18 6.28 22.54
CA ALA A 965 8.36 6.90 23.13
C ALA A 965 9.61 6.08 22.87
N VAL A 966 9.48 4.75 22.89
CA VAL A 966 10.63 3.91 22.63
C VAL A 966 11.11 4.07 21.20
N ILE A 967 10.19 3.97 20.24
CA ILE A 967 10.59 4.12 18.85
C ILE A 967 11.17 5.51 18.62
N ASP A 968 10.53 6.53 19.18
CA ASP A 968 11.01 7.90 19.05
C ASP A 968 12.43 8.02 19.58
N LEU A 969 12.73 7.34 20.70
CA LEU A 969 14.10 7.31 21.21
C LEU A 969 15.05 6.74 20.17
N SER A 970 14.61 5.65 19.50
CA SER A 970 15.43 5.08 18.44
C SER A 970 15.60 6.04 17.26
N VAL A 971 14.52 6.70 16.83
CA VAL A 971 14.65 7.64 15.72
C VAL A 971 15.78 8.63 16.00
N LYS A 972 15.75 9.20 17.19
CA LYS A 972 16.72 10.23 17.56
C LYS A 972 18.12 9.66 17.67
N LEU A 973 18.25 8.51 18.34
CA LEU A 973 19.58 7.94 18.57
C LEU A 973 20.16 7.26 17.33
N CYS A 974 19.32 6.68 16.47
CA CYS A 974 19.84 6.10 15.23
C CYS A 974 20.53 7.16 14.38
N GLY A 975 20.05 8.39 14.43
CA GLY A 975 20.64 9.47 13.68
C GLY A 975 21.73 10.22 14.41
N THR A 976 22.11 9.76 15.60
CA THR A 976 23.14 10.44 16.39
C THR A 976 24.45 9.68 16.27
N ILE A 977 25.26 10.11 15.33
CA ILE A 977 26.54 9.48 15.03
C ILE A 977 27.57 9.96 16.05
N SER A 978 28.42 9.04 16.49
CA SER A 978 29.50 9.39 17.41
C SER A 978 30.45 10.40 16.74
N SER A 979 31.16 11.15 17.57
CA SER A 979 32.21 12.01 17.01
C SER A 979 33.56 11.32 16.98
N GLU A 980 33.63 10.08 17.46
CA GLU A 980 34.87 9.32 17.52
C GLU A 980 34.93 8.38 16.32
N ILE A 981 35.88 8.62 15.41
CA ILE A 981 36.12 7.70 14.31
C ILE A 981 36.34 6.29 14.83
N SER A 982 37.03 6.17 15.97
CA SER A 982 37.38 4.87 16.53
C SER A 982 36.16 4.09 17.00
N ASP A 983 34.99 4.74 17.11
CA ASP A 983 33.78 3.99 17.38
C ASP A 983 33.36 3.15 16.18
N TYR A 984 33.81 3.51 14.98
CA TYR A 984 33.39 2.84 13.76
C TYR A 984 34.52 2.18 12.99
N PHE A 985 35.77 2.62 13.19
CA PHE A 985 36.89 2.04 12.48
C PHE A 985 38.07 1.94 13.43
N LYS A 986 38.96 0.98 13.15
CA LYS A 986 40.12 0.76 14.02
C LYS A 986 40.99 2.01 14.10
N ASP A 987 41.25 2.65 12.96
CA ASP A 987 42.09 3.85 12.95
C ASP A 987 41.75 4.68 11.73
N ASP A 988 42.41 5.84 11.61
CA ASP A 988 42.18 6.72 10.47
C ASP A 988 42.50 6.05 9.14
N GLU A 989 43.34 5.01 9.16
CA GLU A 989 43.74 4.37 7.91
C GLU A 989 42.63 3.50 7.33
N VAL A 990 42.01 2.66 8.16
CA VAL A 990 40.90 1.85 7.66
C VAL A 990 39.71 2.74 7.32
N TYR A 991 39.50 3.81 8.10
CA TYR A 991 38.45 4.76 7.76
C TYR A 991 38.69 5.39 6.40
N ALA A 992 39.91 5.89 6.17
CA ALA A 992 40.22 6.50 4.88
C ALA A 992 40.06 5.50 3.74
N GLU A 993 40.43 4.25 3.97
CA GLU A 993 40.23 3.23 2.95
C GLU A 993 38.75 2.97 2.70
N TYR A 994 37.92 3.05 3.74
CA TYR A 994 36.49 2.92 3.56
C TYR A 994 35.91 4.06 2.73
N ILE A 995 36.34 5.29 3.03
CA ILE A 995 35.90 6.46 2.27
C ILE A 995 36.21 6.30 0.79
N SER A 996 37.33 5.63 0.47
CA SER A 996 37.73 5.43 -0.92
C SER A 996 36.75 4.57 -1.71
N SER A 997 35.82 3.88 -1.05
CA SER A 997 34.78 3.18 -1.79
C SER A 997 33.84 4.16 -2.49
N TYR A 998 33.70 5.37 -1.96
CA TYR A 998 32.74 6.34 -2.47
C TYR A 998 33.37 7.63 -2.96
N LEU A 999 34.66 7.83 -2.72
CA LEU A 999 35.36 9.05 -3.10
C LEU A 999 36.68 8.67 -3.74
N ASP A 1000 36.93 9.18 -4.94
CA ASP A 1000 38.21 9.03 -5.61
C ASP A 1000 39.09 10.20 -5.20
N PHE A 1001 39.72 10.07 -4.02
CA PHE A 1001 40.68 11.06 -3.57
C PHE A 1001 42.09 10.79 -4.08
N GLU A 1002 42.20 10.16 -5.26
CA GLU A 1002 43.46 9.97 -5.98
C GLU A 1002 44.45 9.15 -5.16
N TYR A 1003 44.03 7.94 -4.82
CA TYR A 1003 44.87 7.02 -4.06
C TYR A 1003 46.04 6.57 -4.93
N ASP A 1004 47.27 6.81 -4.45
CA ASP A 1004 48.46 6.48 -5.22
C ASP A 1004 48.85 5.02 -5.09
N GLY A 1005 48.61 4.42 -3.93
CA GLY A 1005 49.02 3.06 -3.67
C GLY A 1005 49.63 2.93 -2.29
N GLY A 1006 49.82 4.05 -1.60
CA GLY A 1006 50.47 4.04 -0.29
C GLY A 1006 49.46 4.00 0.84
N ASN A 1007 49.63 4.86 1.84
CA ASN A 1007 48.69 4.95 2.94
C ASN A 1007 47.47 5.75 2.51
N TYR A 1008 46.27 5.27 2.88
CA TYR A 1008 45.05 5.98 2.52
C TYR A 1008 44.91 7.29 3.27
N LYS A 1009 45.28 7.31 4.56
CA LYS A 1009 45.12 8.53 5.36
C LYS A 1009 45.88 9.69 4.74
N ASP A 1010 47.08 9.44 4.22
CA ASP A 1010 47.87 10.52 3.62
C ASP A 1010 47.35 10.87 2.23
N SER A 1011 46.97 9.86 1.44
CA SER A 1011 46.42 10.13 0.12
C SER A 1011 45.16 10.98 0.20
N LEU A 1012 44.36 10.79 1.26
CA LEU A 1012 43.17 11.62 1.44
C LEU A 1012 43.54 13.00 1.97
N ASN A 1013 44.53 13.07 2.86
CA ASN A 1013 44.97 14.36 3.37
C ASN A 1013 45.61 15.20 2.25
N ARG A 1014 46.39 14.56 1.38
CA ARG A 1014 46.94 15.25 0.21
C ARG A 1014 45.82 15.80 -0.66
N PHE A 1015 44.77 15.01 -0.86
CA PHE A 1015 43.68 15.39 -1.75
C PHE A 1015 42.91 16.59 -1.20
N CYS A 1016 42.68 16.64 0.10
CA CYS A 1016 41.93 17.75 0.68
C CYS A 1016 42.79 19.01 0.76
N ASN A 1017 44.11 18.86 0.85
CA ASN A 1017 45.01 20.01 0.87
C ASN A 1017 45.42 20.46 -0.53
N SER A 1018 45.00 19.75 -1.56
CA SER A 1018 45.26 20.15 -2.93
C SER A 1018 44.29 21.24 -3.38
N ASP A 1019 44.72 22.03 -4.35
CA ASP A 1019 43.85 23.08 -4.90
C ASP A 1019 42.77 22.45 -5.75
N ALA A 1020 41.53 22.94 -5.58
CA ALA A 1020 40.39 22.50 -6.37
C ALA A 1020 40.12 23.44 -7.54
N VAL A 1021 39.87 24.72 -7.24
CA VAL A 1021 39.66 25.76 -8.25
C VAL A 1021 40.24 27.06 -7.73
N ASN A 1022 41.15 27.67 -8.49
CA ASN A 1022 41.74 28.97 -8.15
C ASN A 1022 42.37 28.84 -6.76
N ASP A 1023 42.02 29.69 -5.79
CA ASP A 1023 42.50 29.53 -4.42
C ASP A 1023 41.56 28.68 -3.58
N GLN A 1024 40.66 27.93 -4.21
CA GLN A 1024 39.79 27.01 -3.49
C GLN A 1024 40.45 25.65 -3.46
N LYS A 1025 40.71 25.15 -2.26
CA LYS A 1025 41.21 23.80 -2.07
C LYS A 1025 40.04 22.85 -1.82
N VAL A 1026 40.28 21.57 -2.12
CA VAL A 1026 39.23 20.55 -2.02
C VAL A 1026 38.56 20.61 -0.64
N ALA A 1027 39.35 20.47 0.42
CA ALA A 1027 38.86 20.51 1.81
C ALA A 1027 37.81 19.40 1.95
N LEU A 1028 36.62 19.70 2.47
CA LEU A 1028 35.49 18.79 2.52
C LEU A 1028 35.69 17.60 3.46
N TYR A 1029 36.70 16.77 3.20
CA TYR A 1029 36.76 15.42 3.76
C TYR A 1029 37.77 15.27 4.89
N TYR A 1030 38.41 16.35 5.33
CA TYR A 1030 39.41 16.28 6.38
C TYR A 1030 39.12 17.28 7.48
N ASP A 1031 39.37 16.87 8.73
CA ASP A 1031 39.12 17.68 9.92
C ASP A 1031 40.43 17.73 10.72
N GLY A 1032 41.33 18.62 10.29
CA GLY A 1032 42.59 18.81 10.96
C GLY A 1032 43.55 17.64 10.88
N GLU A 1033 43.69 16.90 11.98
CA GLU A 1033 44.67 15.81 12.04
C GLU A 1033 44.16 14.53 11.39
N HIS A 1034 42.85 14.29 11.46
CA HIS A 1034 42.24 13.04 11.04
C HIS A 1034 41.23 13.31 9.94
N PRO A 1035 40.91 12.31 9.11
CA PRO A 1035 39.82 12.48 8.15
C PRO A 1035 38.55 12.90 8.87
N LYS A 1036 37.72 13.68 8.16
CA LYS A 1036 36.51 14.18 8.77
C LYS A 1036 35.51 13.04 8.94
N LEU A 1037 34.93 12.92 10.14
CA LEU A 1037 33.87 11.96 10.36
C LEU A 1037 32.66 12.38 9.52
N ASN A 1038 32.32 11.58 8.52
CA ASN A 1038 31.23 11.90 7.61
C ASN A 1038 30.00 11.08 8.00
N ARG A 1039 28.96 11.79 8.44
CA ARG A 1039 27.70 11.19 8.88
C ARG A 1039 27.13 10.21 7.86
N ASN A 1040 27.09 10.60 6.59
CA ASN A 1040 26.47 9.74 5.58
C ASN A 1040 27.31 8.50 5.32
N ILE A 1041 28.63 8.62 5.39
CA ILE A 1041 29.50 7.45 5.24
C ILE A 1041 29.23 6.45 6.36
N ILE A 1042 29.13 6.93 7.60
CA ILE A 1042 28.92 6.01 8.72
C ILE A 1042 27.52 5.42 8.65
N LEU A 1043 26.51 6.24 8.30
CA LEU A 1043 25.16 5.70 8.17
C LEU A 1043 25.09 4.65 7.07
N SER A 1044 25.82 4.85 5.98
CA SER A 1044 25.83 3.84 4.92
C SER A 1044 26.56 2.57 5.38
N LYS A 1045 27.53 2.72 6.27
CA LYS A 1045 28.24 1.55 6.81
C LYS A 1045 27.36 0.76 7.77
N LEU A 1046 26.58 1.45 8.60
CA LEU A 1046 25.78 0.73 9.59
C LEU A 1046 24.53 0.13 8.96
N TYR A 1047 23.87 0.89 8.09
CA TYR A 1047 22.54 0.55 7.60
C TYR A 1047 22.45 0.32 6.10
N GLY A 1048 23.42 0.78 5.32
CA GLY A 1048 23.43 0.57 3.89
C GLY A 1048 24.20 -0.67 3.49
N GLU A 1049 24.26 -0.89 2.18
CA GLU A 1049 24.82 -2.09 1.58
C GLU A 1049 25.97 -1.68 0.66
N ARG A 1050 27.20 -1.94 1.12
CA ARG A 1050 28.37 -1.29 0.54
C ARG A 1050 28.55 -1.71 -0.91
N ARG A 1051 28.60 -3.03 -1.16
CA ARG A 1051 28.86 -3.50 -2.51
C ARG A 1051 27.76 -3.04 -3.45
N PHE A 1052 26.52 -3.01 -2.97
CA PHE A 1052 25.42 -2.51 -3.80
C PHE A 1052 25.65 -1.05 -4.18
N LEU A 1053 25.94 -0.20 -3.19
CA LEU A 1053 26.14 1.21 -3.49
C LEU A 1053 27.31 1.42 -4.45
N GLU A 1054 28.40 0.68 -4.26
CA GLU A 1054 29.53 0.77 -5.20
C GLU A 1054 29.14 0.33 -6.61
N LYS A 1055 28.20 -0.62 -6.72
CA LYS A 1055 27.83 -1.13 -8.03
C LYS A 1055 26.86 -0.21 -8.76
N ILE A 1056 26.14 0.66 -8.08
CA ILE A 1056 25.11 1.44 -8.74
C ILE A 1056 25.47 2.91 -8.85
N THR A 1057 26.57 3.36 -8.27
CA THR A 1057 26.99 4.75 -8.35
C THR A 1057 28.43 4.83 -8.81
N ASP A 1058 28.82 6.04 -9.19
CA ASP A 1058 30.22 6.36 -9.46
C ASP A 1058 30.77 7.15 -8.28
N ARG A 1059 32.03 6.87 -7.94
CA ARG A 1059 32.68 7.60 -6.87
C ARG A 1059 32.70 9.10 -7.17
N VAL A 1060 32.59 9.90 -6.11
CA VAL A 1060 32.80 11.33 -6.24
C VAL A 1060 34.21 11.57 -6.78
N SER A 1061 34.31 12.51 -7.71
CA SER A 1061 35.54 12.79 -8.43
C SER A 1061 36.02 14.20 -8.14
N ARG A 1062 37.27 14.47 -8.52
CA ARG A 1062 37.77 15.84 -8.47
C ARG A 1062 36.87 16.78 -9.26
N SER A 1063 36.49 16.38 -10.48
CA SER A 1063 35.70 17.28 -11.32
C SER A 1063 34.33 17.55 -10.70
N ASP A 1064 33.79 16.61 -9.94
CA ASP A 1064 32.59 16.88 -9.15
C ASP A 1064 32.85 17.99 -8.15
N ILE A 1065 33.95 17.90 -7.41
CA ILE A 1065 34.27 18.88 -6.39
C ILE A 1065 34.58 20.22 -7.05
N VAL A 1066 35.22 20.18 -8.22
CA VAL A 1066 35.43 21.39 -8.99
C VAL A 1066 34.10 22.04 -9.35
N GLU A 1067 33.18 21.25 -9.91
CA GLU A 1067 31.88 21.77 -10.30
C GLU A 1067 31.10 22.28 -9.08
N TYR A 1068 31.21 21.57 -7.96
CA TYR A 1068 30.58 22.02 -6.72
C TYR A 1068 31.04 23.42 -6.35
N TYR A 1069 32.36 23.65 -6.35
CA TYR A 1069 32.90 24.95 -6.00
C TYR A 1069 32.52 26.01 -7.02
N LYS A 1070 32.54 25.66 -8.32
CA LYS A 1070 32.19 26.63 -9.36
C LYS A 1070 30.75 27.09 -9.22
N LEU A 1071 29.83 26.16 -8.96
CA LEU A 1071 28.44 26.54 -8.77
C LEU A 1071 28.22 27.23 -7.43
N LYS A 1072 29.00 26.86 -6.42
CA LYS A 1072 29.00 27.59 -5.16
C LYS A 1072 29.26 29.08 -5.42
N LYS A 1073 30.37 29.38 -6.11
CA LYS A 1073 30.71 30.76 -6.44
C LYS A 1073 29.58 31.45 -7.19
N GLU A 1074 29.10 30.82 -8.28
CA GLU A 1074 28.12 31.45 -9.15
C GLU A 1074 26.78 31.70 -8.46
N THR A 1075 26.51 31.04 -7.34
CA THR A 1075 25.26 31.24 -6.62
C THR A 1075 25.44 31.97 -5.30
N SER A 1076 26.68 32.31 -4.92
CA SER A 1076 26.99 32.79 -3.57
C SER A 1076 26.33 34.12 -3.24
N GLN A 1077 25.82 34.86 -4.23
CA GLN A 1077 25.32 36.21 -4.01
C GLN A 1077 23.80 36.29 -3.93
N TYR A 1078 23.08 35.21 -4.26
CA TYR A 1078 21.63 35.21 -4.18
C TYR A 1078 21.10 33.91 -3.59
N GLN A 1079 21.87 33.27 -2.70
CA GLN A 1079 21.57 31.90 -2.31
C GLN A 1079 20.41 31.82 -1.31
N THR A 1080 20.32 32.73 -0.35
CA THR A 1080 19.23 32.73 0.61
C THR A 1080 18.10 33.64 0.19
N LYS A 1081 18.08 34.09 -1.06
CA LYS A 1081 16.89 34.72 -1.62
C LYS A 1081 15.71 33.75 -1.62
N GLY A 1082 15.99 32.45 -1.70
CA GLY A 1082 14.96 31.43 -1.61
C GLY A 1082 14.11 31.33 -2.86
N ILE A 1083 13.47 32.45 -3.23
CA ILE A 1083 12.65 32.55 -4.42
C ILE A 1083 13.28 33.62 -5.31
N PHE A 1084 13.68 33.23 -6.51
CA PHE A 1084 14.61 34.01 -7.31
C PHE A 1084 13.91 34.80 -8.41
N ASP A 1085 14.66 35.70 -9.01
CA ASP A 1085 14.18 36.53 -10.12
C ASP A 1085 14.38 35.84 -11.47
N SER A 1086 15.63 35.48 -11.78
CA SER A 1086 15.96 35.00 -13.11
C SER A 1086 15.70 33.51 -13.24
N GLU A 1087 15.62 33.06 -14.50
CA GLU A 1087 15.42 31.65 -14.80
C GLU A 1087 16.72 30.86 -14.62
N ASP A 1088 17.85 31.39 -15.10
CA ASP A 1088 19.13 30.72 -14.93
C ASP A 1088 19.68 30.86 -13.52
N GLU A 1089 19.12 31.77 -12.71
CA GLU A 1089 19.42 31.76 -11.28
C GLU A 1089 18.83 30.53 -10.61
N GLN A 1090 17.57 30.23 -10.92
CA GLN A 1090 16.92 29.05 -10.36
C GLN A 1090 17.61 27.76 -10.82
N LYS A 1091 17.85 27.62 -12.12
CA LYS A 1091 18.49 26.42 -12.65
C LYS A 1091 19.89 26.24 -12.07
N ASN A 1092 20.61 27.33 -11.82
CA ASN A 1092 21.95 27.18 -11.23
C ASN A 1092 21.87 26.78 -9.77
N ILE A 1093 20.88 27.30 -9.05
CA ILE A 1093 20.68 26.88 -7.67
C ILE A 1093 20.40 25.40 -7.61
N LYS A 1094 19.51 24.91 -8.49
CA LYS A 1094 19.21 23.48 -8.54
C LYS A 1094 20.46 22.67 -8.84
N LYS A 1095 21.28 23.14 -9.79
CA LYS A 1095 22.51 22.43 -10.11
C LYS A 1095 23.45 22.40 -8.92
N PHE A 1096 23.56 23.53 -8.18
CA PHE A 1096 24.40 23.51 -7.00
C PHE A 1096 23.89 22.52 -5.96
N GLN A 1097 22.59 22.58 -5.69
CA GLN A 1097 22.00 21.64 -4.74
C GLN A 1097 22.31 20.20 -5.14
N GLU A 1098 22.21 19.89 -6.43
CA GLU A 1098 22.51 18.54 -6.89
C GLU A 1098 23.98 18.19 -6.64
N MET A 1099 24.89 19.14 -6.87
CA MET A 1099 26.32 18.84 -6.66
C MET A 1099 26.64 18.74 -5.18
N LYS A 1100 26.01 19.58 -4.35
CA LYS A 1100 26.21 19.45 -2.91
C LYS A 1100 25.79 18.06 -2.44
N ASN A 1101 24.66 17.57 -2.95
CA ASN A 1101 24.19 16.24 -2.58
C ASN A 1101 25.20 15.17 -2.98
N ILE A 1102 25.95 15.39 -4.06
CA ILE A 1102 26.94 14.41 -4.48
C ILE A 1102 28.15 14.44 -3.55
N VAL A 1103 28.77 15.61 -3.38
CA VAL A 1103 30.02 15.65 -2.62
C VAL A 1103 29.79 15.32 -1.16
N GLU A 1104 28.58 15.54 -0.64
CA GLU A 1104 28.26 15.23 0.74
C GLU A 1104 27.83 13.78 0.92
N PHE A 1105 27.75 13.00 -0.16
CA PHE A 1105 27.28 11.62 -0.16
C PHE A 1105 25.80 11.52 0.20
N ARG A 1106 25.05 12.60 0.02
CA ARG A 1106 23.62 12.56 0.28
C ARG A 1106 22.89 11.75 -0.78
N ASP A 1107 23.37 11.80 -2.03
CA ASP A 1107 22.76 10.97 -3.06
C ASP A 1107 22.88 9.49 -2.70
N LEU A 1108 24.00 9.11 -2.09
CA LEU A 1108 24.18 7.75 -1.58
C LEU A 1108 23.06 7.36 -0.63
N MET A 1109 22.78 8.23 0.35
CA MET A 1109 21.69 7.99 1.28
C MET A 1109 20.37 7.83 0.55
N ASP A 1110 20.15 8.67 -0.46
CA ASP A 1110 18.94 8.59 -1.28
C ASP A 1110 18.82 7.21 -1.94
N TYR A 1111 19.89 6.76 -2.61
CA TYR A 1111 19.82 5.46 -3.26
C TYR A 1111 19.62 4.34 -2.24
N SER A 1112 20.25 4.45 -1.06
CA SER A 1112 20.07 3.40 -0.06
C SER A 1112 18.63 3.34 0.41
N GLU A 1113 18.01 4.50 0.61
CA GLU A 1113 16.62 4.54 1.03
C GLU A 1113 15.71 3.97 -0.05
N ILE A 1114 16.01 4.27 -1.32
CA ILE A 1114 15.16 3.73 -2.39
C ILE A 1114 15.26 2.23 -2.43
N ALA A 1115 16.48 1.71 -2.30
CA ALA A 1115 16.67 0.26 -2.22
C ALA A 1115 15.96 -0.32 -1.00
N ASP A 1116 16.08 0.35 0.14
CA ASP A 1116 15.34 -0.11 1.33
C ASP A 1116 13.83 -0.11 1.06
N GLU A 1117 13.33 0.90 0.33
CA GLU A 1117 11.89 0.90 0.06
C GLU A 1117 11.50 -0.19 -0.92
N LEU A 1118 12.33 -0.44 -1.95
CA LEU A 1118 12.04 -1.55 -2.83
C LEU A 1118 12.11 -2.88 -2.10
N GLN A 1119 13.11 -3.04 -1.23
CA GLN A 1119 13.27 -4.29 -0.51
C GLN A 1119 12.19 -4.42 0.54
N GLY A 1120 11.87 -3.31 1.20
CA GLY A 1120 10.82 -3.34 2.20
C GLY A 1120 9.47 -3.71 1.62
N GLN A 1121 9.18 -3.24 0.41
CA GLN A 1121 7.91 -3.61 -0.19
C GLN A 1121 7.89 -5.10 -0.52
N LEU A 1122 9.02 -5.63 -0.97
CA LEU A 1122 9.11 -7.07 -1.22
C LEU A 1122 8.84 -7.85 0.06
N ILE A 1123 9.43 -7.43 1.17
CA ILE A 1123 9.20 -8.14 2.43
C ILE A 1123 7.75 -7.97 2.89
N ASN A 1124 7.20 -6.78 2.71
CA ASN A 1124 5.77 -6.56 2.98
C ASN A 1124 4.93 -7.59 2.22
N TRP A 1125 5.19 -7.76 0.93
CA TRP A 1125 4.46 -8.75 0.13
C TRP A 1125 4.65 -10.16 0.67
N ILE A 1126 5.86 -10.48 1.14
CA ILE A 1126 6.07 -11.80 1.74
C ILE A 1126 5.06 -12.03 2.86
N TYR A 1127 4.91 -11.04 3.74
CA TYR A 1127 4.03 -11.23 4.89
C TYR A 1127 2.57 -11.09 4.52
N LEU A 1128 2.28 -10.40 3.41
CA LEU A 1128 0.94 -10.48 2.83
C LEU A 1128 0.64 -11.91 2.41
N ARG A 1129 1.55 -12.51 1.63
CA ARG A 1129 1.31 -13.88 1.17
C ARG A 1129 1.26 -14.87 2.32
N GLU A 1130 2.14 -14.69 3.32
CA GLU A 1130 2.18 -15.67 4.39
C GLU A 1130 0.88 -15.63 5.18
N ARG A 1131 0.37 -14.43 5.43
CA ARG A 1131 -0.94 -14.30 6.06
C ARG A 1131 -1.99 -15.03 5.24
N ASP A 1132 -1.98 -14.83 3.92
CA ASP A 1132 -3.07 -15.37 3.13
C ASP A 1132 -2.91 -16.87 2.87
N LEU A 1133 -1.68 -17.37 2.89
CA LEU A 1133 -1.47 -18.83 2.87
C LEU A 1133 -2.08 -19.45 4.11
N MET A 1134 -1.80 -18.89 5.28
CA MET A 1134 -2.42 -19.39 6.50
C MET A 1134 -3.94 -19.30 6.43
N ASN A 1135 -4.45 -18.16 5.94
CA ASN A 1135 -5.90 -18.01 5.84
C ASN A 1135 -6.49 -19.02 4.86
N PHE A 1136 -5.81 -19.24 3.72
CA PHE A 1136 -6.29 -20.24 2.77
C PHE A 1136 -6.38 -21.60 3.45
N GLN A 1137 -5.28 -22.00 4.10
CA GLN A 1137 -5.27 -23.29 4.78
C GLN A 1137 -6.34 -23.37 5.86
N LEU A 1138 -6.46 -22.30 6.67
CA LEU A 1138 -7.50 -22.28 7.69
C LEU A 1138 -8.88 -22.40 7.07
N GLY A 1139 -9.14 -21.66 6.00
CA GLY A 1139 -10.48 -21.70 5.43
C GLY A 1139 -10.78 -23.04 4.80
N TYR A 1140 -9.79 -23.59 4.09
CA TYR A 1140 -9.94 -24.87 3.43
C TYR A 1140 -10.13 -25.99 4.44
N HIS A 1141 -9.26 -26.06 5.45
CA HIS A 1141 -9.43 -27.15 6.42
C HIS A 1141 -10.61 -26.93 7.34
N TYR A 1142 -10.99 -25.67 7.58
CA TYR A 1142 -12.24 -25.41 8.28
C TYR A 1142 -13.42 -25.93 7.48
N ALA A 1143 -13.45 -25.66 6.18
CA ALA A 1143 -14.47 -26.24 5.34
C ALA A 1143 -14.42 -27.77 5.39
N CYS A 1144 -13.20 -28.33 5.39
CA CYS A 1144 -13.08 -29.79 5.43
C CYS A 1144 -13.64 -30.33 6.74
N LEU A 1145 -13.26 -29.69 7.86
CA LEU A 1145 -13.77 -30.12 9.16
C LEU A 1145 -15.29 -30.12 9.19
N ASN A 1146 -15.91 -29.22 8.44
CA ASN A 1146 -17.34 -29.02 8.54
C ASN A 1146 -18.12 -29.70 7.41
N ASN A 1147 -17.47 -30.55 6.63
CA ASN A 1147 -18.21 -31.36 5.68
C ASN A 1147 -18.20 -32.82 6.15
N ASP A 1148 -18.80 -33.69 5.34
CA ASP A 1148 -18.95 -35.10 5.69
C ASP A 1148 -17.83 -35.97 5.16
N SER A 1149 -16.84 -35.40 4.47
CA SER A 1149 -15.75 -36.21 3.94
C SER A 1149 -15.04 -36.94 5.09
N ASN A 1150 -14.38 -38.04 4.74
CA ASN A 1150 -13.71 -38.86 5.72
C ASN A 1150 -12.53 -38.13 6.33
N LYS A 1151 -12.45 -38.13 7.66
CA LYS A 1151 -11.40 -37.44 8.40
C LYS A 1151 -10.85 -38.37 9.47
N GLN A 1152 -9.52 -38.46 9.57
CA GLN A 1152 -8.90 -39.29 10.58
C GLN A 1152 -8.99 -38.65 11.96
N ALA A 1153 -8.78 -39.49 12.99
CA ALA A 1153 -9.01 -39.06 14.37
C ALA A 1153 -8.20 -37.82 14.71
N THR A 1154 -6.89 -37.84 14.44
CA THR A 1154 -6.02 -36.76 14.89
C THR A 1154 -6.12 -35.50 14.03
N TYR A 1155 -6.81 -35.58 12.90
CA TYR A 1155 -7.17 -34.37 12.17
C TYR A 1155 -8.13 -33.51 12.97
N VAL A 1156 -9.07 -34.15 13.67
CA VAL A 1156 -10.10 -33.44 14.43
C VAL A 1156 -9.67 -33.19 15.86
N THR A 1157 -8.98 -34.16 16.46
CA THR A 1157 -8.71 -34.12 17.89
C THR A 1157 -7.31 -34.64 18.18
N LEU A 1158 -6.52 -33.86 18.91
CA LEU A 1158 -5.24 -34.32 19.42
C LEU A 1158 -5.37 -34.57 20.91
N ASP A 1159 -4.97 -35.75 21.36
CA ASP A 1159 -4.99 -36.08 22.78
C ASP A 1159 -3.57 -36.35 23.20
N TYR A 1160 -2.82 -35.28 23.45
CA TYR A 1160 -1.41 -35.41 23.78
C TYR A 1160 -1.27 -35.74 25.26
N GLN A 1161 -0.67 -36.90 25.55
CA GLN A 1161 -0.59 -37.41 26.91
C GLN A 1161 0.81 -37.34 27.49
N GLY A 1162 1.73 -36.62 26.84
CA GLY A 1162 3.03 -36.36 27.43
C GLY A 1162 2.94 -35.57 28.73
N LYS A 1163 4.09 -35.14 29.28
CA LYS A 1163 4.06 -34.43 30.55
C LYS A 1163 3.32 -33.10 30.42
N LYS A 1164 3.52 -32.40 29.31
CA LYS A 1164 2.75 -31.19 29.01
C LYS A 1164 1.48 -31.60 28.26
N ASN A 1165 0.62 -32.34 28.96
CA ASN A 1165 -0.52 -32.96 28.31
C ASN A 1165 -1.55 -31.92 27.88
N ARG A 1166 -2.21 -32.20 26.78
CA ARG A 1166 -3.24 -31.28 26.29
C ARG A 1166 -4.10 -32.01 25.27
N LYS A 1167 -5.39 -31.72 25.31
CA LYS A 1167 -6.32 -32.22 24.32
C LYS A 1167 -6.75 -31.03 23.47
N ILE A 1168 -6.67 -31.19 22.16
CA ILE A 1168 -6.94 -30.13 21.18
C ILE A 1168 -8.07 -30.59 20.29
N ASN A 1169 -9.23 -29.96 20.42
CA ASN A 1169 -10.35 -30.18 19.51
C ASN A 1169 -10.28 -29.13 18.41
N GLY A 1170 -10.54 -29.55 17.17
CA GLY A 1170 -10.19 -28.70 16.04
C GLY A 1170 -8.69 -28.70 15.78
N ALA A 1171 -8.05 -29.85 15.95
CA ALA A 1171 -6.60 -29.95 15.97
C ALA A 1171 -5.98 -29.39 14.71
N ILE A 1172 -6.54 -29.72 13.54
CA ILE A 1172 -5.93 -29.26 12.29
C ILE A 1172 -5.84 -27.74 12.28
N LEU A 1173 -6.86 -27.06 12.82
CA LEU A 1173 -6.84 -25.61 12.81
C LEU A 1173 -5.79 -25.06 13.75
N TYR A 1174 -5.71 -25.63 14.96
CA TYR A 1174 -4.65 -25.28 15.89
C TYR A 1174 -3.29 -25.44 15.23
N GLN A 1175 -3.07 -26.60 14.60
CA GLN A 1175 -1.75 -26.91 14.08
C GLN A 1175 -1.39 -26.02 12.90
N ILE A 1176 -2.39 -25.62 12.10
CA ILE A 1176 -2.11 -24.67 11.03
C ILE A 1176 -1.61 -23.36 11.61
N CYS A 1177 -2.33 -22.83 12.60
CA CYS A 1177 -1.94 -21.53 13.15
C CYS A 1177 -0.61 -21.63 13.88
N ALA A 1178 -0.33 -22.77 14.50
CA ALA A 1178 0.95 -22.89 15.18
C ALA A 1178 2.11 -22.75 14.21
N MET A 1179 1.92 -23.12 12.94
CA MET A 1179 3.03 -22.97 12.00
C MET A 1179 3.44 -21.52 11.85
N TYR A 1180 2.52 -20.58 12.08
CA TYR A 1180 2.74 -19.19 11.74
C TYR A 1180 2.89 -18.27 12.94
N ILE A 1181 2.75 -18.77 14.16
CA ILE A 1181 2.75 -17.93 15.35
C ILE A 1181 3.93 -18.32 16.22
N ASN A 1182 4.87 -17.38 16.36
CA ASN A 1182 6.03 -17.56 17.22
C ASN A 1182 5.55 -17.71 18.65
N GLY A 1183 5.88 -18.85 19.27
CA GLY A 1183 5.47 -19.10 20.64
C GLY A 1183 4.32 -20.08 20.78
N LEU A 1184 3.70 -20.50 19.69
CA LEU A 1184 2.60 -21.44 19.76
C LEU A 1184 3.14 -22.84 19.54
N PRO A 1185 3.09 -23.73 20.54
CA PRO A 1185 3.63 -25.09 20.38
C PRO A 1185 2.93 -25.87 19.28
N LEU A 1186 3.69 -26.78 18.66
CA LEU A 1186 3.15 -27.71 17.69
C LEU A 1186 3.36 -29.13 18.22
N TYR A 1187 2.36 -29.98 18.02
CA TYR A 1187 2.39 -31.37 18.46
C TYR A 1187 2.74 -32.23 17.26
N TYR A 1188 3.70 -33.13 17.44
CA TYR A 1188 4.15 -33.90 16.29
C TYR A 1188 4.90 -35.12 16.80
N VAL A 1189 5.18 -36.04 15.88
CA VAL A 1189 5.97 -37.22 16.18
C VAL A 1189 7.41 -36.91 15.78
N ASP A 1190 8.29 -36.91 16.77
CA ASP A 1190 9.66 -36.49 16.55
C ASP A 1190 10.39 -37.43 15.61
N LYS A 1191 11.25 -36.85 14.78
CA LYS A 1191 12.00 -37.61 13.79
C LYS A 1191 12.80 -38.73 14.46
N ASP A 1192 13.55 -38.40 15.51
CA ASP A 1192 14.55 -39.30 16.05
C ASP A 1192 13.97 -40.25 17.10
N SER A 1193 13.04 -39.78 17.92
CA SER A 1193 12.41 -40.62 18.92
C SER A 1193 11.26 -41.45 18.37
N SER A 1194 10.72 -41.06 17.22
CA SER A 1194 9.50 -41.64 16.63
C SER A 1194 8.34 -41.63 17.61
N GLU A 1195 8.34 -40.69 18.57
CA GLU A 1195 7.31 -40.56 19.59
C GLU A 1195 6.69 -39.16 19.57
N TRP A 1196 5.44 -39.07 20.03
CA TRP A 1196 4.78 -37.76 20.10
C TRP A 1196 5.49 -36.84 21.06
N THR A 1197 5.59 -35.58 20.67
CA THR A 1197 6.14 -34.56 21.54
C THR A 1197 5.40 -33.27 21.23
N VAL A 1198 5.68 -32.26 22.04
CA VAL A 1198 5.18 -30.91 21.79
C VAL A 1198 6.37 -29.97 21.85
N SER A 1199 6.47 -29.06 20.88
CA SER A 1199 7.57 -28.12 20.84
C SER A 1199 7.33 -26.98 21.83
N ASP A 1200 8.33 -26.12 21.98
CA ASP A 1200 8.12 -24.93 22.79
C ASP A 1200 7.46 -23.82 21.99
N GLY A 1201 7.24 -24.03 20.70
CA GLY A 1201 6.56 -23.06 19.86
C GLY A 1201 7.44 -21.97 19.30
N LYS A 1202 8.69 -21.89 19.71
CA LYS A 1202 9.58 -20.82 19.28
C LYS A 1202 10.46 -21.24 18.11
N GLU A 1203 10.35 -22.47 17.65
CA GLU A 1203 11.14 -22.88 16.49
C GLU A 1203 10.68 -22.12 15.24
N SER A 1204 11.53 -22.18 14.22
CA SER A 1204 11.32 -21.39 13.00
C SER A 1204 10.09 -21.84 12.23
N THR A 1205 9.62 -20.98 11.33
CA THR A 1205 8.53 -21.39 10.45
C THR A 1205 8.92 -22.67 9.70
N GLY A 1206 10.15 -22.72 9.18
CA GLY A 1206 10.58 -23.91 8.46
C GLY A 1206 10.54 -25.16 9.33
N ALA A 1207 10.98 -25.05 10.58
CA ALA A 1207 10.92 -26.18 11.48
C ALA A 1207 9.47 -26.58 11.74
N LYS A 1208 8.61 -25.58 11.91
CA LYS A 1208 7.22 -25.86 12.19
C LYS A 1208 6.55 -26.56 11.02
N ILE A 1209 6.87 -26.16 9.80
CA ILE A 1209 6.30 -26.86 8.66
C ILE A 1209 6.73 -28.32 8.66
N GLY A 1210 8.01 -28.57 8.91
CA GLY A 1210 8.46 -29.95 9.07
C GLY A 1210 7.70 -30.69 10.14
N GLU A 1211 7.51 -30.05 11.29
CA GLU A 1211 6.77 -30.70 12.36
C GLU A 1211 5.32 -30.96 11.97
N PHE A 1212 4.71 -30.01 11.27
CA PHE A 1212 3.35 -30.22 10.80
C PHE A 1212 3.25 -31.45 9.92
N TYR A 1213 4.19 -31.60 9.00
CA TYR A 1213 4.26 -32.80 8.17
C TYR A 1213 4.30 -34.06 9.03
N ARG A 1214 5.06 -34.04 10.13
CA ARG A 1214 5.13 -35.21 11.01
C ARG A 1214 3.89 -35.37 11.86
N TYR A 1215 3.14 -34.29 12.10
CA TYR A 1215 1.81 -34.40 12.67
C TYR A 1215 0.84 -35.06 11.69
N ALA A 1216 0.81 -34.56 10.47
CA ALA A 1216 -0.15 -35.05 9.49
C ALA A 1216 0.24 -36.41 8.93
N LYS A 1217 1.48 -36.84 9.18
CA LYS A 1217 2.10 -37.92 8.43
C LYS A 1217 1.33 -39.22 8.54
N SER A 1218 0.55 -39.39 9.60
CA SER A 1218 -0.27 -40.57 9.77
C SER A 1218 -1.42 -40.63 8.76
N PHE A 1219 -1.82 -39.48 8.21
CA PHE A 1219 -3.08 -39.39 7.45
C PHE A 1219 -3.02 -40.30 6.23
N GLU A 1220 -4.07 -41.09 6.04
CA GLU A 1220 -4.13 -42.05 4.95
C GLU A 1220 -4.71 -41.47 3.67
N ASN A 1221 -5.63 -40.52 3.79
CA ASN A 1221 -6.34 -39.97 2.63
C ASN A 1221 -5.52 -38.96 1.83
N THR A 1222 -4.30 -38.66 2.25
CA THR A 1222 -3.43 -37.78 1.49
C THR A 1222 -1.99 -38.22 1.68
N SER A 1223 -1.12 -37.70 0.81
CA SER A 1223 0.32 -37.77 1.04
C SER A 1223 0.91 -36.44 1.50
N ASP A 1224 0.16 -35.34 1.44
CA ASP A 1224 0.67 -34.03 1.86
C ASP A 1224 -0.53 -33.17 2.29
N CYS A 1225 -0.88 -33.28 3.57
CA CYS A 1225 -1.99 -32.50 4.11
C CYS A 1225 -1.70 -31.00 4.06
N TYR A 1226 -0.45 -30.61 4.31
CA TYR A 1226 -0.09 -29.19 4.28
C TYR A 1226 -0.47 -28.58 2.93
N ALA A 1227 -0.21 -29.31 1.85
CA ALA A 1227 -0.45 -28.84 0.50
C ALA A 1227 -1.86 -29.13 0.01
N SER A 1228 -2.73 -29.69 0.84
CA SER A 1228 -4.08 -30.01 0.37
C SER A 1228 -4.81 -28.74 -0.02
N GLY A 1229 -5.39 -28.75 -1.22
CA GLY A 1229 -6.06 -27.57 -1.74
C GLY A 1229 -5.15 -26.53 -2.34
N LEU A 1230 -3.84 -26.60 -2.15
CA LEU A 1230 -2.96 -25.53 -2.60
C LEU A 1230 -2.85 -25.41 -4.11
N GLU A 1231 -3.37 -26.40 -4.87
CA GLU A 1231 -3.49 -26.21 -6.31
C GLU A 1231 -4.36 -25.00 -6.68
N ILE A 1232 -5.27 -24.58 -5.80
CA ILE A 1232 -6.08 -23.38 -5.97
C ILE A 1232 -5.28 -22.14 -5.66
N PHE A 1233 -4.43 -22.22 -4.65
CA PHE A 1233 -3.64 -21.09 -4.19
C PHE A 1233 -2.44 -20.78 -5.09
N GLU A 1234 -1.86 -21.80 -5.70
CA GLU A 1234 -0.57 -21.63 -6.37
C GLU A 1234 -0.43 -22.74 -7.40
N ASN A 1235 0.66 -22.68 -8.16
CA ASN A 1235 1.07 -23.81 -9.00
C ASN A 1235 1.95 -24.70 -8.14
N ILE A 1236 1.42 -25.87 -7.76
CA ILE A 1236 2.09 -26.77 -6.82
C ILE A 1236 3.52 -27.09 -7.24
N SER A 1237 3.73 -27.28 -8.55
CA SER A 1237 5.07 -27.60 -9.06
C SER A 1237 6.08 -26.51 -8.79
N GLU A 1238 5.63 -25.28 -8.53
CA GLU A 1238 6.49 -24.15 -8.25
C GLU A 1238 6.64 -23.84 -6.77
N HIS A 1239 6.04 -24.66 -5.89
CA HIS A 1239 6.03 -24.33 -4.48
C HIS A 1239 7.43 -24.08 -3.91
N ASP A 1240 8.39 -24.93 -4.26
CA ASP A 1240 9.75 -24.73 -3.75
C ASP A 1240 10.41 -23.49 -4.33
N ASN A 1241 10.05 -23.12 -5.56
CA ASN A 1241 10.59 -21.89 -6.13
C ASN A 1241 10.03 -20.67 -5.39
N ILE A 1242 8.77 -20.77 -4.94
CA ILE A 1242 8.20 -19.67 -4.16
C ILE A 1242 8.96 -19.53 -2.85
N THR A 1243 9.15 -20.65 -2.15
CA THR A 1243 9.95 -20.64 -0.92
C THR A 1243 11.33 -20.06 -1.19
N GLU A 1244 11.96 -20.48 -2.28
CA GLU A 1244 13.29 -19.96 -2.61
C GLU A 1244 13.25 -18.46 -2.82
N LEU A 1245 12.24 -17.96 -3.54
CA LEU A 1245 12.14 -16.53 -3.77
C LEU A 1245 11.92 -15.77 -2.45
N ARG A 1246 11.00 -16.27 -1.63
CA ARG A 1246 10.75 -15.65 -0.33
C ARG A 1246 12.04 -15.57 0.47
N ASN A 1247 12.78 -16.68 0.53
CA ASN A 1247 14.02 -16.70 1.30
C ASN A 1247 15.04 -15.75 0.69
N TYR A 1248 15.14 -15.74 -0.64
CA TYR A 1248 16.07 -14.86 -1.30
C TYR A 1248 15.86 -13.42 -0.85
N ILE A 1249 14.60 -12.97 -0.86
CA ILE A 1249 14.28 -11.61 -0.47
C ILE A 1249 14.55 -11.42 1.03
N GLU A 1250 13.93 -12.26 1.86
CA GLU A 1250 13.96 -11.98 3.29
C GLU A 1250 15.34 -12.17 3.89
N HIS A 1251 16.16 -13.02 3.28
CA HIS A 1251 17.53 -13.18 3.73
C HIS A 1251 18.49 -12.22 3.04
N PHE A 1252 17.98 -11.27 2.27
CA PHE A 1252 18.81 -10.20 1.72
C PHE A 1252 19.92 -10.77 0.83
N ARG A 1253 19.64 -11.89 0.16
CA ARG A 1253 20.67 -12.56 -0.66
C ARG A 1253 21.10 -11.69 -1.83
N TYR A 1254 20.19 -10.84 -2.34
CA TYR A 1254 20.56 -9.94 -3.43
C TYR A 1254 21.83 -9.18 -3.11
N TYR A 1255 21.98 -8.75 -1.86
CA TYR A 1255 23.07 -7.88 -1.47
C TYR A 1255 24.39 -8.64 -1.33
N SER A 1256 24.34 -9.97 -1.31
CA SER A 1256 25.53 -10.80 -1.30
C SER A 1256 25.92 -11.30 -2.67
N SER A 1257 24.94 -11.52 -3.55
CA SER A 1257 25.21 -12.24 -4.79
C SER A 1257 24.92 -11.43 -6.05
N PHE A 1258 23.90 -10.56 -6.04
CA PHE A 1258 23.57 -9.75 -7.21
C PHE A 1258 23.38 -10.61 -8.47
N ASP A 1259 22.87 -11.82 -8.29
CA ASP A 1259 22.60 -12.69 -9.43
C ASP A 1259 21.34 -12.29 -10.15
N ARG A 1260 20.48 -11.50 -9.51
N ARG A 1260 20.48 -11.50 -9.53
CA ARG A 1260 19.26 -10.98 -10.12
CA ARG A 1260 19.30 -10.96 -10.19
C ARG A 1260 19.18 -9.49 -9.82
C ARG A 1260 19.12 -9.52 -9.78
N SER A 1261 18.29 -8.81 -10.53
CA SER A 1261 18.05 -7.40 -10.32
C SER A 1261 16.78 -7.20 -9.53
N PHE A 1262 16.62 -5.98 -9.02
CA PHE A 1262 15.32 -5.59 -8.47
C PHE A 1262 14.21 -5.79 -9.48
N LEU A 1263 14.43 -5.40 -10.74
CA LEU A 1263 13.40 -5.63 -11.75
C LEU A 1263 13.11 -7.11 -11.92
N GLY A 1264 14.16 -7.94 -11.84
CA GLY A 1264 13.95 -9.37 -11.99
C GLY A 1264 13.18 -9.97 -10.82
N ILE A 1265 13.44 -9.47 -9.61
CA ILE A 1265 12.71 -9.96 -8.45
C ILE A 1265 11.26 -9.50 -8.52
N TYR A 1266 11.04 -8.21 -8.78
CA TYR A 1266 9.69 -7.73 -8.97
C TYR A 1266 8.99 -8.47 -10.10
N SER A 1267 9.74 -8.81 -11.15
CA SER A 1267 9.15 -9.57 -12.24
C SER A 1267 8.69 -10.93 -11.77
N GLU A 1268 9.49 -11.59 -10.93
CA GLU A 1268 9.10 -12.93 -10.50
C GLU A 1268 7.95 -12.88 -9.51
N VAL A 1269 7.91 -11.84 -8.66
CA VAL A 1269 6.75 -11.63 -7.81
C VAL A 1269 5.50 -11.49 -8.67
N PHE A 1270 5.55 -10.61 -9.66
CA PHE A 1270 4.44 -10.43 -10.57
C PHE A 1270 4.06 -11.75 -11.25
N ASP A 1271 5.06 -12.52 -11.64
CA ASP A 1271 4.78 -13.73 -12.42
C ASP A 1271 4.10 -14.79 -11.57
N ARG A 1272 4.57 -14.99 -10.33
CA ARG A 1272 4.06 -16.16 -9.60
C ARG A 1272 4.00 -16.05 -8.08
N PHE A 1273 4.26 -14.90 -7.46
CA PHE A 1273 4.15 -14.88 -6.01
C PHE A 1273 2.71 -14.69 -5.57
N PHE A 1274 1.89 -14.02 -6.39
CA PHE A 1274 0.52 -13.71 -6.05
C PHE A 1274 -0.46 -14.46 -6.96
N THR A 1275 -0.18 -15.74 -7.19
CA THR A 1275 -1.12 -16.58 -7.88
C THR A 1275 -2.44 -16.68 -7.14
N TYR A 1276 -2.46 -16.41 -5.83
CA TYR A 1276 -3.66 -16.68 -5.05
C TYR A 1276 -4.68 -15.55 -5.10
N ASP A 1277 -4.32 -14.35 -5.60
CA ASP A 1277 -5.30 -13.26 -5.60
C ASP A 1277 -4.87 -12.22 -6.63
N LEU A 1278 -5.66 -12.12 -7.70
CA LEU A 1278 -5.44 -11.17 -8.78
C LEU A 1278 -5.25 -9.75 -8.27
N LYS A 1279 -5.98 -9.38 -7.21
CA LYS A 1279 -5.94 -7.98 -6.84
C LYS A 1279 -4.58 -7.57 -6.29
N TYR A 1280 -3.78 -8.52 -5.77
CA TYR A 1280 -2.41 -8.21 -5.39
C TYR A 1280 -1.47 -8.31 -6.61
N ARG A 1281 -1.57 -9.40 -7.37
CA ARG A 1281 -0.71 -9.59 -8.53
C ARG A 1281 -0.77 -8.39 -9.45
N LYS A 1282 -1.98 -7.96 -9.80
CA LYS A 1282 -2.10 -6.97 -10.86
C LYS A 1282 -1.74 -5.58 -10.42
N ASN A 1283 -1.46 -5.36 -9.13
CA ASN A 1283 -0.96 -4.07 -8.70
C ASN A 1283 0.55 -4.06 -8.46
N VAL A 1284 1.22 -5.20 -8.67
CA VAL A 1284 2.66 -5.25 -8.39
C VAL A 1284 3.43 -4.25 -9.23
N PRO A 1285 3.24 -4.14 -10.55
CA PRO A 1285 4.00 -3.14 -11.30
C PRO A 1285 3.67 -1.71 -10.89
N THR A 1286 2.39 -1.42 -10.64
CA THR A 1286 2.02 -0.06 -10.24
C THR A 1286 2.69 0.33 -8.93
N ILE A 1287 2.77 -0.62 -7.99
CA ILE A 1287 3.42 -0.30 -6.72
C ILE A 1287 4.89 0.06 -6.95
N LEU A 1288 5.56 -0.71 -7.81
CA LEU A 1288 6.94 -0.38 -8.17
C LEU A 1288 7.03 0.99 -8.81
N TYR A 1289 6.17 1.25 -9.79
CA TYR A 1289 6.14 2.57 -10.44
C TYR A 1289 5.92 3.68 -9.42
N ASN A 1290 5.02 3.46 -8.46
CA ASN A 1290 4.75 4.48 -7.45
C ASN A 1290 5.97 4.75 -6.59
N ILE A 1291 6.69 3.70 -6.18
CA ILE A 1291 7.90 3.89 -5.38
C ILE A 1291 8.88 4.78 -6.12
N LEU A 1292 9.09 4.51 -7.40
CA LEU A 1292 9.99 5.36 -8.19
C LEU A 1292 9.45 6.77 -8.33
N LEU A 1293 8.15 6.90 -8.59
CA LEU A 1293 7.56 8.23 -8.76
C LEU A 1293 7.65 9.04 -7.47
N GLN A 1294 7.58 8.37 -6.30
CA GLN A 1294 7.78 9.09 -5.03
C GLN A 1294 9.11 9.81 -5.00
N HIS A 1295 10.09 9.27 -5.72
CA HIS A 1295 11.41 9.88 -5.81
C HIS A 1295 11.58 10.66 -7.10
N PHE A 1296 10.46 11.05 -7.72
CA PHE A 1296 10.36 11.93 -8.89
C PHE A 1296 10.94 11.30 -10.15
N VAL A 1297 10.95 9.97 -10.21
CA VAL A 1297 11.43 9.23 -11.37
C VAL A 1297 10.23 8.56 -12.03
N ASN A 1298 9.99 8.89 -13.31
CA ASN A 1298 8.89 8.31 -14.10
C ASN A 1298 9.47 7.20 -14.96
N VAL A 1299 8.91 5.99 -14.87
CA VAL A 1299 9.40 4.91 -15.72
C VAL A 1299 8.25 4.39 -16.55
N ARG A 1300 8.57 3.98 -17.79
CA ARG A 1300 7.62 3.37 -18.70
C ARG A 1300 7.94 1.88 -18.82
N PHE A 1301 7.07 1.04 -18.28
CA PHE A 1301 7.29 -0.40 -18.31
C PHE A 1301 7.04 -0.97 -19.68
N GLU A 1302 7.78 -2.01 -19.99
CA GLU A 1302 7.42 -2.90 -21.07
C GLU A 1302 7.38 -4.30 -20.49
N PHE A 1303 6.38 -5.06 -20.88
CA PHE A 1303 6.20 -6.40 -20.36
C PHE A 1303 6.64 -7.39 -21.42
N VAL A 1304 7.70 -8.13 -21.11
CA VAL A 1304 8.29 -9.03 -22.09
C VAL A 1304 8.52 -10.36 -21.40
N SER A 1305 9.46 -11.15 -21.91
CA SER A 1305 9.59 -12.52 -21.44
C SER A 1305 10.99 -12.74 -20.90
N GLY A 1306 11.05 -13.48 -19.81
CA GLY A 1306 12.28 -13.95 -19.21
C GLY A 1306 12.17 -15.45 -18.98
N LYS A 1307 12.91 -15.92 -17.98
CA LYS A 1307 13.01 -17.33 -17.68
C LYS A 1307 12.77 -17.54 -16.19
N LYS A 1308 12.26 -18.72 -15.86
CA LYS A 1308 12.13 -19.11 -14.47
C LYS A 1308 12.30 -20.62 -14.38
N MET A 1309 12.78 -21.07 -13.24
CA MET A 1309 12.86 -22.49 -12.99
C MET A 1309 11.58 -23.01 -12.34
N ILE A 1310 11.26 -24.26 -12.67
CA ILE A 1310 10.20 -25.03 -12.03
C ILE A 1310 10.89 -26.16 -11.28
N GLY A 1311 10.77 -26.17 -9.96
CA GLY A 1311 11.50 -27.12 -9.15
C GLY A 1311 12.85 -26.57 -8.70
N ILE A 1312 13.39 -27.19 -7.66
CA ILE A 1312 14.68 -26.80 -7.08
C ILE A 1312 15.58 -28.02 -7.03
N ASP A 1313 16.77 -27.91 -7.61
CA ASP A 1313 17.69 -29.03 -7.68
C ASP A 1313 18.35 -29.29 -6.34
N LYS A 1314 18.48 -30.57 -5.99
CA LYS A 1314 19.07 -30.94 -4.71
C LYS A 1314 20.21 -31.94 -4.89
N LYS A 1318 17.84 -33.33 -9.03
CA LYS A 1318 18.07 -32.65 -10.30
C LYS A 1318 16.86 -32.78 -11.24
N ILE A 1319 15.81 -32.03 -10.95
CA ILE A 1319 14.58 -32.14 -11.75
C ILE A 1319 14.03 -30.77 -12.11
N ALA A 1320 14.83 -29.72 -11.89
CA ALA A 1320 14.40 -28.38 -12.21
C ALA A 1320 14.43 -28.17 -13.72
N LYS A 1321 13.31 -27.73 -14.28
CA LYS A 1321 13.19 -27.38 -15.69
C LYS A 1321 12.92 -25.88 -15.81
N GLU A 1322 13.37 -25.31 -16.92
CA GLU A 1322 13.26 -23.87 -17.16
C GLU A 1322 12.09 -23.57 -18.09
N LYS A 1323 11.46 -22.42 -17.89
CA LYS A 1323 10.36 -22.04 -18.75
C LYS A 1323 10.25 -20.52 -18.79
N GLU A 1324 9.37 -20.02 -19.65
CA GLU A 1324 9.21 -18.57 -19.79
C GLU A 1324 8.58 -17.98 -18.53
N CYS A 1325 8.91 -16.71 -18.25
CA CYS A 1325 8.47 -16.02 -17.05
C CYS A 1325 8.16 -14.58 -17.44
N ALA A 1326 7.16 -13.97 -16.79
CA ALA A 1326 6.95 -12.54 -17.01
C ALA A 1326 8.24 -11.79 -16.73
N ARG A 1327 8.55 -10.80 -17.57
CA ARG A 1327 9.71 -9.95 -17.33
C ARG A 1327 9.25 -8.52 -17.45
N ILE A 1328 9.31 -7.78 -16.35
CA ILE A 1328 9.04 -6.35 -16.35
C ILE A 1328 10.35 -5.66 -16.67
N THR A 1329 10.34 -4.87 -17.73
CA THR A 1329 11.54 -4.12 -18.02
C THR A 1329 11.08 -2.70 -18.30
N ILE A 1330 12.01 -1.84 -18.70
CA ILE A 1330 11.69 -0.44 -18.96
C ILE A 1330 11.97 -0.19 -20.44
N ARG A 1331 11.09 0.59 -21.08
CA ARG A 1331 11.22 0.90 -22.49
C ARG A 1331 12.66 1.33 -22.82
N GLU A 1332 13.26 0.69 -23.83
CA GLU A 1332 14.67 0.90 -24.11
C GLU A 1332 14.93 2.34 -24.57
N LYS A 1333 13.94 2.97 -25.19
CA LYS A 1333 14.07 4.33 -25.70
C LYS A 1333 13.12 5.24 -24.95
N ASN A 1334 13.67 6.24 -24.26
CA ASN A 1334 12.90 7.22 -23.49
C ASN A 1334 11.96 6.51 -22.51
N GLY A 1335 12.54 5.57 -21.77
CA GLY A 1335 11.77 4.85 -20.78
C GLY A 1335 11.81 5.44 -19.39
N VAL A 1336 12.74 6.36 -19.13
CA VAL A 1336 12.93 6.95 -17.80
C VAL A 1336 13.02 8.45 -17.97
N TYR A 1337 12.18 9.20 -17.26
CA TYR A 1337 12.34 10.64 -17.26
C TYR A 1337 12.04 11.20 -15.87
N SER A 1338 12.60 12.38 -15.61
CA SER A 1338 12.41 13.04 -14.33
C SER A 1338 11.07 13.76 -14.32
N GLU A 1339 10.40 13.70 -13.17
CA GLU A 1339 9.35 14.65 -12.90
C GLU A 1339 9.92 16.06 -12.98
N GLN A 1340 9.07 17.00 -13.38
CA GLN A 1340 9.46 18.40 -13.38
C GLN A 1340 8.98 19.06 -12.09
N PHE A 1341 9.80 19.95 -11.56
CA PHE A 1341 9.39 20.82 -10.47
C PHE A 1341 8.83 22.12 -11.04
N THR A 1342 7.79 22.64 -10.41
CA THR A 1342 7.26 23.96 -10.73
C THR A 1342 7.90 24.95 -9.76
N TYR A 1343 8.85 25.73 -10.25
CA TYR A 1343 9.49 26.76 -9.44
C TYR A 1343 8.87 28.10 -9.78
N LYS A 1344 8.28 28.74 -8.78
CA LYS A 1344 7.76 30.10 -8.96
C LYS A 1344 8.87 31.10 -8.78
N LEU A 1345 8.88 32.13 -9.63
CA LEU A 1345 9.85 33.20 -9.59
C LEU A 1345 9.14 34.50 -9.19
N LYS A 1346 9.77 35.63 -9.50
CA LYS A 1346 9.07 36.91 -9.45
C LYS A 1346 8.28 37.13 -10.75
N ASN A 1347 8.94 36.93 -11.89
CA ASN A 1347 8.30 36.98 -13.20
C ASN A 1347 7.08 36.07 -13.22
N GLY A 1348 7.33 34.77 -13.28
CA GLY A 1348 6.30 33.76 -13.32
C GLY A 1348 6.82 32.41 -12.89
N THR A 1349 6.93 31.48 -13.83
CA THR A 1349 7.20 30.09 -13.50
C THR A 1349 8.25 29.50 -14.45
N VAL A 1350 9.17 28.72 -13.89
CA VAL A 1350 10.10 27.90 -14.67
C VAL A 1350 9.90 26.44 -14.25
N TYR A 1351 10.02 25.53 -15.20
CA TYR A 1351 9.97 24.10 -14.95
C TYR A 1351 11.37 23.53 -15.03
N VAL A 1352 11.76 22.78 -14.00
CA VAL A 1352 13.12 22.25 -13.87
C VAL A 1352 13.01 20.77 -13.54
N ASP A 1353 13.86 19.95 -14.17
CA ASP A 1353 13.95 18.54 -13.81
C ASP A 1353 14.24 18.37 -12.33
N ALA A 1354 13.37 17.62 -11.64
CA ALA A 1354 13.65 17.25 -10.26
C ALA A 1354 14.96 16.48 -10.14
N ARG A 1355 15.24 15.60 -11.10
CA ARG A 1355 16.37 14.69 -11.06
C ARG A 1355 17.14 14.78 -12.36
N ASP A 1356 18.46 14.92 -12.26
CA ASP A 1356 19.28 15.09 -13.45
C ASP A 1356 19.62 13.72 -14.04
N LYS A 1357 20.31 13.74 -15.19
CA LYS A 1357 20.63 12.49 -15.88
C LYS A 1357 21.49 11.59 -15.01
N ARG A 1358 22.41 12.17 -14.25
CA ARG A 1358 23.30 11.35 -13.42
C ARG A 1358 22.52 10.59 -12.35
N TYR A 1359 21.57 11.27 -11.71
CA TYR A 1359 20.70 10.61 -10.75
C TYR A 1359 19.90 9.49 -11.40
N LEU A 1360 19.28 9.80 -12.54
CA LEU A 1360 18.46 8.81 -13.24
C LEU A 1360 19.29 7.61 -13.66
N GLN A 1361 20.57 7.82 -13.99
CA GLN A 1361 21.42 6.69 -14.32
C GLN A 1361 21.57 5.74 -13.14
N SER A 1362 21.74 6.29 -11.93
CA SER A 1362 21.90 5.41 -10.78
C SER A 1362 20.59 4.68 -10.46
N ILE A 1363 19.45 5.31 -10.71
CA ILE A 1363 18.17 4.63 -10.56
C ILE A 1363 18.06 3.47 -11.54
N ILE A 1364 18.46 3.69 -12.80
CA ILE A 1364 18.44 2.59 -13.77
C ILE A 1364 19.39 1.48 -13.34
N ARG A 1365 20.58 1.84 -12.86
CA ARG A 1365 21.51 0.80 -12.41
C ARG A 1365 20.95 0.05 -11.22
N LEU A 1366 20.31 0.79 -10.31
CA LEU A 1366 19.64 0.16 -9.18
C LEU A 1366 18.63 -0.87 -9.64
N LEU A 1367 17.82 -0.51 -10.64
CA LEU A 1367 16.76 -1.40 -11.08
C LEU A 1367 17.29 -2.60 -11.84
N PHE A 1368 18.36 -2.41 -12.62
CA PHE A 1368 18.77 -3.40 -13.61
C PHE A 1368 19.95 -4.23 -13.19
N TYR A 1369 20.83 -3.71 -12.33
CA TYR A 1369 22.04 -4.45 -11.98
C TYR A 1369 21.71 -5.88 -11.56
N PRO A 1370 22.42 -6.91 -12.06
CA PRO A 1370 23.65 -6.93 -12.86
C PRO A 1370 23.49 -6.68 -14.36
N GLU A 1371 22.27 -6.56 -14.85
CA GLU A 1371 22.07 -6.25 -16.26
C GLU A 1371 22.51 -4.82 -16.54
N LYS A 1372 23.07 -4.60 -17.71
CA LYS A 1372 23.48 -3.28 -18.15
C LYS A 1372 22.65 -2.87 -19.35
N VAL A 1373 22.29 -1.59 -19.39
CA VAL A 1373 21.41 -1.11 -20.46
C VAL A 1373 22.00 0.19 -21.00
N ASN A 1374 21.56 0.52 -22.20
CA ASN A 1374 21.99 1.76 -22.86
C ASN A 1374 21.23 2.91 -22.20
N MET A 1375 21.86 3.56 -21.22
CA MET A 1375 21.14 4.56 -20.46
C MET A 1375 20.95 5.86 -21.22
N ASP A 1376 21.86 6.16 -22.16
CA ASP A 1376 21.65 7.31 -23.03
C ASP A 1376 20.35 7.19 -23.80
N GLU A 1377 20.07 6.00 -24.34
CA GLU A 1377 18.81 5.83 -25.07
C GLU A 1377 17.63 5.78 -24.11
N MET A 1378 17.79 5.17 -22.95
CA MET A 1378 16.66 4.97 -22.05
C MET A 1378 16.23 6.28 -21.37
N ILE A 1379 17.18 7.14 -21.04
CA ILE A 1379 16.85 8.37 -20.33
C ILE A 1379 16.37 9.42 -21.30
N GLU A 1380 15.21 10.01 -21.01
CA GLU A 1380 14.64 11.10 -21.77
C GLU A 1380 14.93 12.43 -21.09
N VAL A 1381 15.16 13.46 -21.90
CA VAL A 1381 15.32 14.82 -21.40
C VAL A 1381 14.88 15.83 -22.45
I IOD C . -33.13 3.32 -41.65
I IOD D . -1.23 31.61 20.01
I IOD E . 4.83 -17.40 1.95
I IOD F . 15.34 11.48 31.70
I IOD G . 14.74 -23.37 14.59
I IOD H . 11.19 -15.42 23.73
I IOD I . -24.49 16.32 15.00
I IOD J . -22.58 4.84 -33.19
I IOD K . 11.89 1.07 4.35
I IOD L . 5.60 28.17 2.47
I IOD M . 28.94 -1.41 -11.96
I IOD N . -21.20 -33.09 -9.54
I IOD O . 0.86 -39.04 23.39
I IOD P . -42.84 18.84 -32.76
I IOD Q . 7.61 -42.64 13.33
I IOD R . 19.07 -12.18 7.57
I IOD S . 15.73 21.47 -16.45
I IOD T . -3.44 2.12 8.35
I IOD U . 32.85 -4.46 31.45
I IOD V . -16.35 -10.99 -34.58
C1 GOL W . 9.58 -45.71 20.42
O1 GOL W . 10.73 -46.32 19.88
C2 GOL W . 8.36 -46.53 20.09
O2 GOL W . 7.22 -45.73 20.32
C3 GOL W . 8.31 -47.79 20.94
O3 GOL W . 7.03 -48.35 20.84
#